data_7SJR
#
_entry.id   7SJR
#
_cell.length_a   1.00
_cell.length_b   1.00
_cell.length_c   1.00
_cell.angle_alpha   90.00
_cell.angle_beta   90.00
_cell.angle_gamma   90.00
#
_symmetry.space_group_name_H-M   'P 1'
#
loop_
_entity.id
_entity.type
_entity.pdbx_description
1 polymer 'DNA helicase'
2 polymer 'DNA helicase'
3 polymer 'DNA (70-MER)'
4 non-polymer 'MAGNESIUM ION'
5 non-polymer 'IRON/SULFUR CLUSTER'
6 non-polymer 'PHOSPHOAMINOPHOSPHONIC ACID-ADENYLATE ESTER'
#
loop_
_entity_poly.entity_id
_entity_poly.type
_entity_poly.pdbx_seq_one_letter_code
_entity_poly.pdbx_strand_id
1 'polypeptide(L)'
;MTQVASPVVQARYSPVELSAALGLFPPTDEQAAVIAAPPGPLVVIAGAGAGKTETMAARVVWLVANGFATPSQVLGLTFT
RKAAGQLLRRVRTRLARLAGAGLAPGSGASDESATVSTYHAFAGTLLREHGLLLPVEPDTRLLSETELWQLAYDVVCAHP
GHLDTEKTPAAVTAMVLRLSGALAEHLVDTDQLRDTHVELERLVHTLPAGPYQRDRGPSQWLLRMLATQTERTELVPLID
ALHQRMRAEKVMDFGMQMAAAARLAARFPQVGEQLRQRFRVVLLDEYQDTGHAQRIALSSLFGGGADDGLALTAVGDPIQ
SIYGARGASATNLPRFTTDFPYSDGTPAPTLELRTSWRNPPSTLHVANAVSEEARRRSVAVRALRPRPDAEPGTIRCALL
NNVAAERDWVADHLARAYHGAIGRGEAAPTAAVLVRRNADAAPMAEALTARGVPVEVVGVAGLLAVPEVADLVAMLRLIA
DPTAGSAVMRILTGPRWRFGARDIAALWRRAVELDDRPKGELGTADIVAQAAPDADTACVADAICDPGDAERYSPAGYER
IVALGRELTMLRAHLGHPLPELVAEVRRVLGLDAEARAARPVAAGWAGTENLDRFSDLVSDFAGHAGASVSALLAYLDAA
VEVENGLAPAELTVSHDRVQILTVHAAKGLEWQVVAVPHLSARVFPSTTQARTWLTDASDLPPLLRGDRATESEIGVPVL
DTSDIYDRKILSDKISDHKKSLDQRRVDEERRLLYVAITRAEDTLLLSGHHWGATESKPRGPSEFLCELKTILEEATAAG
TPCGEIEHWAPDPAPGETNPLRDQVVEALWPPVASADDHVHRGAQLVAAAMAGEVSAEADQEGWAADVDALLAERERPPQ
QEDTELPGQLSVSTLVELSRDPKAALTRLRRRLPQRPDPHALLGTTFHEWVQRYFHAERLFDLDDLPGAVDSDSGRAVEE
SLAELQDAFVKSPWAARTPVEVEVPFDMVLGETVVRGRIDAVFAEPDGTTMVLDWKTGDPPETPEAKEHAAVQLAVYRLA
WAAMRGCPPESVRAAFHYVRSGQTVIPETLPGAEELVKLLAAAPTETAEEADRIT
;
B
2 'polypeptide(L)'
;SMTTRPAESAPQTASTLLEPGSNGVVRLLGGPGTGKSSLLVDTAVQHILAGADPESVLLLTGSARLRTAARAAITARLLG
AGTVGVVREPLVRTVHSYAFAVLRLAAQRNGDPPPRLITSAEQDGIIRELLAGDLEDGHRSPVGWPEQLWPALTTAGFAT
ELRDLMARCTERGVDPIALQRLGRTAKRPEWLAAGRFAQAYEQIMLLRSAVGMAAPQATVPALGAAELVGAALEALGADD
ELLDTERNRIKLLLVDDAQHLDPQAARLVRALAAGTGLTVIAGDPDQSVFGYRGADPVLLRDDTHPAITLTQSYRCAPEI
ASAITGLGQRLPGVSDTRHWTGNPQREGTVTVRLAASTHAEGTMIADALRRAHLVDGIPWSQMAVIVRSVPRVGTALARA
LTAAGVPVQDNGTDVPVGRQPAAAALLTVLDVTATGHLDADSAVALLTGPIGRVDPVTLRQLRRALRRADGSQPPRDFGD
LLVDAIEREPKGLSAEHARTLRRLRAVLTAARRSDASGADPRYTLWQAWHASGLQRRWLAASERGGSVGAQADRDLDAVT
TLFDVADQYVNRTAGASLRGLVDHVTRLGAAVARTEPETAAEAVAVLSVHGALAGEWDFVVIAGVQEGLWPNMIPRGGVL
GTQHLVDVLDGVADMTDRTVSTRAPLVAEERRLLMAAMGRARTRVMITAVDSDTGDESLLPSPFCAEISAWATEPVAEPP
LVAPRVLAPSALVGRLRAVVCAPDGAVDDDARACAAAQLARLAAAGVPGADPSQWHAMTSLTTEEPLWSEPGHVVTLSPS
TLQMLTDCPLRWLLERHGGDDGRDVRSTVGSLVHALVSEPGKTESQLVNELEKVWDDLPYDAKWYSDNELARHRAMLETF
TRWREDTRRQLTEVATEIPVEGIVVEPGENTPGVRVRGRLDRLERDEAGRLVVVDLKTGKSPVTKDDAQNHAQLAMYQLA
VAAGLLDDGDEPGGGKLVYLGKAGAAGATEREQDPLTPDKRAEWLETVGEAAAATAGPRFVARVNNGCANCPVRSSCPAQ
ANGDRP
;
A
3 'polydeoxyribonucleotide'
;(DT)(DT)(DT)(DT)(DT)(DT)(DT)(DC)(DT)(DA)(DA)(DT)(DG)(DC)(DG)(DA)(DG)(DC)(DA)(DC)
(DT)(DG)(DC)(DT)(DA)(DT)(DT)(DC)(DC)(DC)(DT)(DA)(DG)(DC)(DA)(DG)(DT)(DG)(DC)(DT)
(DC)(DG)(DC)(DA)(DT)(DT)(DA)(DG)(DA)(DT)(DT)(DT)(DT)(DG)(DT)(DT)(DT)(DT)(DT)(DT)
(DT)(DA)(DG)(DC)(DG)(DG)(DT)(DT)(DT)(DT)
;
C
#
loop_
_chem_comp.id
_chem_comp.type
_chem_comp.name
_chem_comp.formula
ANP non-polymer 'PHOSPHOAMINOPHOSPHONIC ACID-ADENYLATE ESTER' 'C10 H17 N6 O12 P3'
DA DNA linking 2'-DEOXYADENOSINE-5'-MONOPHOSPHATE 'C10 H14 N5 O6 P'
DC DNA linking 2'-DEOXYCYTIDINE-5'-MONOPHOSPHATE 'C9 H14 N3 O7 P'
DG DNA linking 2'-DEOXYGUANOSINE-5'-MONOPHOSPHATE 'C10 H14 N5 O7 P'
DT DNA linking THYMIDINE-5'-MONOPHOSPHATE 'C10 H15 N2 O8 P'
MG non-polymer 'MAGNESIUM ION' 'Mg 2'
SF4 non-polymer 'IRON/SULFUR CLUSTER' 'Fe4 S4'
#
# COMPACT_ATOMS: atom_id res chain seq x y z
N ARG A 12 11.95 -25.33 -42.64
CA ARG A 12 12.59 -24.82 -41.43
C ARG A 12 13.91 -24.13 -41.75
N TYR A 13 14.38 -23.29 -40.83
CA TYR A 13 15.58 -22.49 -41.04
C TYR A 13 16.57 -22.74 -39.90
N SER A 14 17.85 -22.69 -40.24
CA SER A 14 18.92 -22.79 -39.26
C SER A 14 19.02 -21.49 -38.46
N PRO A 15 19.69 -21.51 -37.31
CA PRO A 15 19.79 -20.25 -36.52
C PRO A 15 20.45 -19.11 -37.28
N VAL A 16 21.61 -19.36 -37.88
CA VAL A 16 22.31 -18.27 -38.58
C VAL A 16 21.49 -17.77 -39.76
N GLU A 17 20.95 -18.69 -40.56
CA GLU A 17 20.12 -18.29 -41.70
C GLU A 17 18.89 -17.53 -41.23
N LEU A 18 18.24 -18.00 -40.16
CA LEU A 18 17.07 -17.31 -39.65
C LEU A 18 17.41 -15.92 -39.14
N SER A 19 18.55 -15.79 -38.45
CA SER A 19 18.94 -14.49 -37.93
C SER A 19 19.23 -13.50 -39.06
N ALA A 20 20.01 -13.93 -40.05
CA ALA A 20 20.35 -13.04 -41.15
C ALA A 20 19.14 -12.69 -42.00
N ALA A 21 18.11 -13.53 -41.98
CA ALA A 21 16.85 -13.17 -42.65
C ALA A 21 16.23 -11.94 -42.02
N LEU A 22 16.46 -11.73 -40.73
CA LEU A 22 16.01 -10.54 -40.03
C LEU A 22 17.11 -9.47 -40.16
N GLY A 23 16.96 -8.39 -39.39
CA GLY A 23 17.90 -7.29 -39.45
C GLY A 23 18.99 -7.27 -38.40
N LEU A 24 19.29 -8.39 -37.77
CA LEU A 24 20.22 -8.43 -36.65
C LEU A 24 21.51 -9.16 -37.01
N PHE A 25 22.50 -9.02 -36.15
CA PHE A 25 23.81 -9.61 -36.36
C PHE A 25 23.71 -11.13 -36.26
N PRO A 26 24.67 -11.84 -36.86
CA PRO A 26 24.72 -13.29 -36.70
C PRO A 26 25.12 -13.68 -35.29
N PRO A 27 24.35 -14.53 -34.63
CA PRO A 27 24.70 -14.93 -33.26
C PRO A 27 26.03 -15.68 -33.23
N THR A 28 26.77 -15.46 -32.15
CA THR A 28 28.08 -16.08 -32.00
C THR A 28 27.91 -17.58 -31.77
N ASP A 29 29.05 -18.27 -31.60
CA ASP A 29 29.01 -19.70 -31.35
C ASP A 29 28.31 -20.01 -30.02
N GLU A 30 28.59 -19.20 -28.99
CA GLU A 30 27.93 -19.42 -27.70
C GLU A 30 26.41 -19.30 -27.84
N GLN A 31 25.95 -18.26 -28.53
CA GLN A 31 24.53 -18.11 -28.81
C GLN A 31 24.08 -18.94 -29.99
N ALA A 32 24.88 -19.90 -30.44
CA ALA A 32 24.46 -20.81 -31.50
C ALA A 32 24.03 -22.17 -30.97
N ALA A 33 24.78 -22.72 -30.00
CA ALA A 33 24.44 -24.03 -29.47
C ALA A 33 23.07 -24.02 -28.81
N VAL A 34 22.79 -22.99 -28.00
CA VAL A 34 21.53 -22.96 -27.27
C VAL A 34 20.35 -22.79 -28.22
N ILE A 35 20.53 -21.98 -29.27
CA ILE A 35 19.45 -21.79 -30.23
C ILE A 35 19.23 -23.05 -31.06
N ALA A 36 20.31 -23.75 -31.40
CA ALA A 36 20.21 -24.98 -32.17
C ALA A 36 19.88 -26.19 -31.30
N ALA A 37 19.75 -26.00 -29.99
CA ALA A 37 19.50 -27.13 -29.11
C ALA A 37 18.14 -27.76 -29.42
N PRO A 38 18.04 -29.08 -29.45
CA PRO A 38 16.76 -29.71 -29.74
C PRO A 38 15.81 -29.56 -28.58
N PRO A 39 14.51 -29.61 -28.84
CA PRO A 39 13.53 -29.48 -27.73
C PRO A 39 13.71 -30.56 -26.68
N GLY A 40 14.07 -30.13 -25.48
CA GLY A 40 14.27 -31.02 -24.37
C GLY A 40 14.77 -30.24 -23.17
N PRO A 41 14.54 -30.78 -21.97
CA PRO A 41 14.92 -30.06 -20.76
C PRO A 41 16.42 -29.79 -20.70
N LEU A 42 16.77 -28.50 -20.67
CA LEU A 42 18.17 -28.09 -20.66
C LEU A 42 18.32 -26.82 -19.84
N VAL A 43 19.52 -26.62 -19.32
CA VAL A 43 19.86 -25.46 -18.52
C VAL A 43 21.03 -24.74 -19.18
N VAL A 44 20.98 -23.41 -19.19
CA VAL A 44 21.95 -22.58 -19.90
C VAL A 44 22.55 -21.62 -18.88
N ILE A 45 23.70 -21.98 -18.33
CA ILE A 45 24.37 -21.11 -17.37
C ILE A 45 24.85 -19.86 -18.11
N ALA A 46 24.23 -18.73 -17.84
CA ALA A 46 24.54 -17.48 -18.52
C ALA A 46 25.36 -16.60 -17.60
N GLY A 47 26.57 -16.25 -18.03
CA GLY A 47 27.44 -15.42 -17.21
C GLY A 47 26.87 -14.03 -17.01
N ALA A 48 27.51 -13.30 -16.09
CA ALA A 48 27.07 -11.95 -15.76
C ALA A 48 27.51 -11.01 -16.87
N GLY A 49 26.55 -10.34 -17.50
CA GLY A 49 26.82 -9.55 -18.67
C GLY A 49 26.84 -10.32 -19.97
N ALA A 50 26.70 -11.64 -19.93
CA ALA A 50 26.82 -12.48 -21.12
C ALA A 50 25.70 -12.29 -22.10
N GLY A 51 24.79 -11.33 -21.90
CA GLY A 51 23.77 -11.08 -22.91
C GLY A 51 22.52 -11.90 -22.77
N LYS A 52 21.99 -12.02 -21.57
CA LYS A 52 20.71 -12.68 -21.37
C LYS A 52 19.60 -11.84 -22.00
N THR A 53 18.37 -12.36 -21.92
CA THR A 53 17.11 -11.71 -22.33
C THR A 53 17.17 -11.27 -23.79
N GLU A 54 18.22 -11.67 -24.50
CA GLU A 54 18.30 -11.59 -25.95
C GLU A 54 18.38 -12.98 -26.58
N THR A 55 19.23 -13.83 -26.01
CA THR A 55 19.17 -15.24 -26.32
C THR A 55 17.79 -15.82 -26.04
N MET A 56 17.10 -15.27 -25.05
CA MET A 56 15.71 -15.67 -24.79
C MET A 56 14.84 -15.48 -26.03
N ALA A 57 14.83 -14.27 -26.57
CA ALA A 57 14.02 -13.99 -27.74
C ALA A 57 14.54 -14.77 -28.94
N ALA A 58 15.86 -14.96 -29.03
CA ALA A 58 16.41 -15.75 -30.14
C ALA A 58 15.89 -17.18 -30.11
N ARG A 59 15.87 -17.79 -28.93
CA ARG A 59 15.35 -19.15 -28.82
C ARG A 59 13.86 -19.20 -29.13
N VAL A 60 13.10 -18.21 -28.63
CA VAL A 60 11.66 -18.21 -28.89
C VAL A 60 11.39 -18.07 -30.38
N VAL A 61 12.09 -17.16 -31.05
CA VAL A 61 11.82 -16.96 -32.47
C VAL A 61 12.28 -18.16 -33.28
N TRP A 62 13.39 -18.79 -32.86
CA TRP A 62 13.83 -20.03 -33.50
C TRP A 62 12.73 -21.08 -33.45
N LEU A 63 12.16 -21.28 -32.26
CA LEU A 63 11.12 -22.29 -32.12
C LEU A 63 9.89 -21.95 -32.95
N VAL A 64 9.43 -20.70 -32.87
CA VAL A 64 8.19 -20.36 -33.56
C VAL A 64 8.39 -20.31 -35.07
N ALA A 65 9.63 -20.14 -35.53
CA ALA A 65 9.89 -20.12 -36.97
C ALA A 65 10.04 -21.53 -37.52
N ASN A 66 10.83 -22.37 -36.85
CA ASN A 66 10.91 -23.76 -37.27
C ASN A 66 9.61 -24.50 -37.06
N GLY A 67 8.66 -23.93 -36.31
CA GLY A 67 7.32 -24.47 -36.25
C GLY A 67 7.08 -25.48 -35.15
N PHE A 68 7.90 -25.49 -34.10
CA PHE A 68 7.68 -26.44 -33.02
C PHE A 68 6.51 -26.00 -32.13
N ALA A 69 6.24 -24.70 -32.08
CA ALA A 69 5.15 -24.21 -31.23
C ALA A 69 4.72 -22.83 -31.70
N THR A 70 3.42 -22.60 -31.68
CA THR A 70 2.86 -21.30 -32.03
C THR A 70 3.10 -20.29 -30.90
N PRO A 71 2.99 -18.99 -31.19
CA PRO A 71 3.20 -18.00 -30.13
C PRO A 71 2.29 -18.18 -28.94
N SER A 72 1.06 -18.64 -29.13
CA SER A 72 0.14 -18.78 -28.00
C SER A 72 0.57 -19.86 -27.02
N GLN A 73 1.54 -20.71 -27.37
CA GLN A 73 1.97 -21.80 -26.53
C GLN A 73 3.28 -21.51 -25.80
N VAL A 74 3.81 -20.29 -25.91
CA VAL A 74 5.05 -19.93 -25.23
C VAL A 74 4.71 -19.37 -23.86
N LEU A 75 5.61 -19.56 -22.90
CA LEU A 75 5.42 -19.09 -21.55
C LEU A 75 6.75 -18.63 -20.98
N GLY A 76 6.79 -17.41 -20.46
CA GLY A 76 8.02 -16.89 -19.91
C GLY A 76 7.92 -16.47 -18.46
N LEU A 77 8.74 -17.06 -17.61
CA LEU A 77 8.72 -16.79 -16.18
C LEU A 77 10.00 -16.08 -15.77
N THR A 78 9.86 -15.03 -14.97
CA THR A 78 11.00 -14.22 -14.56
C THR A 78 10.75 -13.66 -13.18
N PHE A 79 11.80 -13.60 -12.36
CA PHE A 79 11.62 -13.38 -10.92
C PHE A 79 11.04 -12.01 -10.62
N THR A 80 11.54 -10.96 -11.27
CA THR A 80 11.15 -9.60 -10.93
C THR A 80 10.29 -9.00 -12.01
N ARG A 81 9.44 -8.04 -11.61
CA ARG A 81 8.47 -7.46 -12.52
C ARG A 81 9.14 -6.73 -13.67
N LYS A 82 10.17 -5.94 -13.38
CA LYS A 82 10.83 -5.17 -14.44
C LYS A 82 11.50 -6.09 -15.45
N ALA A 83 12.20 -7.12 -14.98
CA ALA A 83 12.85 -8.05 -15.90
C ALA A 83 11.81 -8.80 -16.72
N ALA A 84 10.68 -9.16 -16.11
CA ALA A 84 9.61 -9.80 -16.87
C ALA A 84 9.09 -8.86 -17.96
N GLY A 85 8.92 -7.58 -17.65
CA GLY A 85 8.49 -6.64 -18.66
C GLY A 85 9.49 -6.50 -19.79
N GLN A 86 10.77 -6.44 -19.45
CA GLN A 86 11.81 -6.39 -20.48
C GLN A 86 11.72 -7.59 -21.42
N LEU A 87 11.62 -8.78 -20.83
CA LEU A 87 11.55 -10.00 -21.64
C LEU A 87 10.31 -9.98 -22.52
N LEU A 88 9.17 -9.53 -21.98
CA LEU A 88 7.96 -9.49 -22.77
C LEU A 88 8.09 -8.54 -23.95
N ARG A 89 8.67 -7.36 -23.73
CA ARG A 89 8.84 -6.40 -24.82
C ARG A 89 9.76 -6.96 -25.90
N ARG A 90 10.89 -7.53 -25.48
CA ARG A 90 11.83 -8.09 -26.45
C ARG A 90 11.17 -9.19 -27.28
N VAL A 91 10.47 -10.11 -26.61
CA VAL A 91 9.83 -11.21 -27.31
C VAL A 91 8.77 -10.69 -28.27
N ARG A 92 7.97 -9.72 -27.82
CA ARG A 92 6.91 -9.19 -28.67
C ARG A 92 7.49 -8.58 -29.94
N THR A 93 8.55 -7.76 -29.80
CA THR A 93 9.09 -7.10 -30.96
C THR A 93 9.74 -8.10 -31.91
N ARG A 94 10.43 -9.11 -31.38
CA ARG A 94 11.01 -10.13 -32.27
C ARG A 94 9.93 -10.88 -33.03
N LEU A 95 8.89 -11.33 -32.33
CA LEU A 95 7.82 -12.07 -32.99
C LEU A 95 7.12 -11.21 -34.04
N ALA A 96 6.87 -9.94 -33.72
CA ALA A 96 6.22 -9.07 -34.69
C ALA A 96 7.10 -8.86 -35.92
N ARG A 97 8.41 -8.67 -35.72
CA ARG A 97 9.30 -8.46 -36.85
C ARG A 97 9.38 -9.71 -37.73
N LEU A 98 9.36 -10.89 -37.12
CA LEU A 98 9.44 -12.11 -37.90
C LEU A 98 8.23 -12.25 -38.83
N ALA A 99 7.10 -11.63 -38.48
CA ALA A 99 5.93 -11.71 -39.34
C ALA A 99 6.17 -11.04 -40.68
N GLY A 100 7.08 -10.06 -40.73
CA GLY A 100 7.37 -9.39 -41.99
C GLY A 100 8.07 -10.28 -43.00
N ALA A 101 9.02 -11.10 -42.53
CA ALA A 101 9.84 -11.93 -43.40
C ALA A 101 9.48 -13.40 -43.18
N GLY A 102 8.49 -13.88 -43.93
CA GLY A 102 8.09 -15.26 -43.88
C GLY A 102 7.66 -15.75 -42.50
N SER A 110 0.88 -12.39 -34.93
CA SER A 110 -0.39 -12.28 -35.64
C SER A 110 -1.51 -11.85 -34.71
N ASP A 111 -2.32 -12.82 -34.27
CA ASP A 111 -3.43 -12.52 -33.37
C ASP A 111 -3.03 -12.71 -31.91
N GLU A 112 -2.44 -13.86 -31.59
CA GLU A 112 -2.05 -14.17 -30.22
C GLU A 112 -0.64 -13.66 -29.94
N SER A 113 -0.31 -13.60 -28.65
CA SER A 113 0.98 -13.12 -28.21
C SER A 113 1.48 -14.00 -27.08
N ALA A 114 2.75 -13.79 -26.72
CA ALA A 114 3.35 -14.53 -25.61
C ALA A 114 2.60 -14.24 -24.32
N THR A 115 2.88 -15.06 -23.31
CA THR A 115 2.44 -14.78 -21.95
C THR A 115 3.65 -14.83 -21.02
N VAL A 116 3.90 -13.72 -20.32
CA VAL A 116 5.05 -13.59 -19.46
C VAL A 116 4.57 -13.16 -18.08
N SER A 117 5.08 -13.81 -17.04
CA SER A 117 4.59 -13.57 -15.70
C SER A 117 5.71 -13.80 -14.70
N THR A 118 5.69 -12.99 -13.63
CA THR A 118 6.56 -13.23 -12.50
C THR A 118 6.02 -14.39 -11.67
N TYR A 119 6.95 -15.18 -11.10
CA TYR A 119 6.61 -16.44 -10.47
C TYR A 119 5.34 -16.36 -9.63
N HIS A 120 5.29 -15.42 -8.68
CA HIS A 120 4.16 -15.35 -7.77
C HIS A 120 2.87 -15.05 -8.52
N ALA A 121 2.94 -14.31 -9.63
CA ALA A 121 1.74 -14.12 -10.43
C ALA A 121 1.29 -15.41 -11.07
N PHE A 122 2.24 -16.24 -11.53
CA PHE A 122 1.87 -17.53 -12.10
C PHE A 122 1.24 -18.43 -11.04
N ALA A 123 1.80 -18.43 -9.83
CA ALA A 123 1.21 -19.21 -8.75
C ALA A 123 -0.19 -18.71 -8.42
N GLY A 124 -0.39 -17.40 -8.44
CA GLY A 124 -1.73 -16.86 -8.24
C GLY A 124 -2.70 -17.34 -9.30
N THR A 125 -2.28 -17.32 -10.57
CA THR A 125 -3.17 -17.82 -11.62
C THR A 125 -3.45 -19.31 -11.45
N LEU A 126 -2.43 -20.08 -11.08
CA LEU A 126 -2.61 -21.50 -10.89
C LEU A 126 -3.62 -21.78 -9.78
N LEU A 127 -3.52 -21.03 -8.68
CA LEU A 127 -4.52 -21.19 -7.61
C LEU A 127 -5.90 -20.77 -8.09
N ARG A 128 -6.01 -19.61 -8.71
CA ARG A 128 -7.34 -19.18 -9.15
C ARG A 128 -7.96 -20.11 -10.19
N GLU A 129 -7.15 -20.96 -10.84
CA GLU A 129 -7.71 -21.89 -11.81
C GLU A 129 -7.90 -23.31 -11.27
N HIS A 130 -7.18 -23.71 -10.22
CA HIS A 130 -7.33 -25.07 -9.74
C HIS A 130 -7.34 -25.16 -8.21
N GLY A 131 -7.80 -24.12 -7.52
CA GLY A 131 -7.75 -24.13 -6.08
C GLY A 131 -8.62 -25.20 -5.45
N LEU A 132 -9.87 -25.29 -5.90
CA LEU A 132 -10.86 -26.12 -5.20
C LEU A 132 -10.48 -27.58 -5.14
N LEU A 133 -9.56 -28.04 -6.00
CA LEU A 133 -9.05 -29.40 -5.85
C LEU A 133 -8.39 -29.57 -4.49
N LEU A 134 -7.92 -28.49 -3.92
CA LEU A 134 -7.47 -28.26 -2.56
C LEU A 134 -8.54 -27.49 -1.80
N PRO A 135 -8.54 -27.51 -0.48
CA PRO A 135 -9.48 -26.57 0.18
C PRO A 135 -8.88 -25.17 0.28
N VAL A 136 -8.80 -24.50 -0.87
CA VAL A 136 -8.25 -23.15 -0.96
C VAL A 136 -9.26 -22.26 -1.67
N GLU A 137 -9.63 -21.16 -1.05
CA GLU A 137 -10.57 -20.25 -1.66
C GLU A 137 -9.94 -19.60 -2.89
N PRO A 138 -10.73 -19.29 -3.91
CA PRO A 138 -10.16 -18.56 -5.05
C PRO A 138 -10.06 -17.05 -4.82
N ASP A 139 -11.01 -16.47 -4.10
CA ASP A 139 -11.05 -15.02 -3.90
C ASP A 139 -10.41 -14.67 -2.56
N THR A 140 -9.12 -14.95 -2.45
CA THR A 140 -8.35 -14.65 -1.25
C THR A 140 -7.58 -13.36 -1.48
N ARG A 141 -7.85 -12.36 -0.64
CA ARG A 141 -7.09 -11.13 -0.69
C ARG A 141 -5.63 -11.42 -0.34
N LEU A 142 -4.73 -10.60 -0.86
CA LEU A 142 -3.31 -10.75 -0.61
C LEU A 142 -2.82 -9.60 0.27
N LEU A 143 -1.95 -9.91 1.22
CA LEU A 143 -1.53 -8.94 2.22
C LEU A 143 -0.19 -8.32 1.90
N SER A 144 -0.11 -7.00 2.09
CA SER A 144 1.18 -6.32 2.06
C SER A 144 1.95 -6.67 3.33
N GLU A 145 3.11 -6.08 3.51
CA GLU A 145 3.90 -6.36 4.70
C GLU A 145 3.47 -5.53 5.90
N THR A 146 2.49 -4.64 5.74
CA THR A 146 2.00 -3.83 6.84
C THR A 146 0.52 -4.01 7.14
N GLU A 147 -0.23 -4.66 6.26
CA GLU A 147 -1.54 -5.15 6.63
C GLU A 147 -1.45 -6.49 7.34
N LEU A 148 -0.29 -7.14 7.27
CA LEU A 148 -0.05 -8.38 7.98
C LEU A 148 0.41 -8.10 9.41
N TRP A 149 1.50 -7.36 9.55
CA TRP A 149 2.05 -7.08 10.88
C TRP A 149 0.97 -6.52 11.80
N GLN A 150 0.14 -5.62 11.28
CA GLN A 150 -0.95 -5.07 12.06
C GLN A 150 -2.01 -6.12 12.41
N LEU A 151 -1.83 -7.36 11.97
CA LEU A 151 -2.72 -8.46 12.32
C LEU A 151 -2.02 -9.53 13.15
N ALA A 152 -0.81 -9.92 12.76
CA ALA A 152 0.00 -10.82 13.56
C ALA A 152 0.37 -10.20 14.89
N TYR A 153 0.23 -8.88 15.04
CA TYR A 153 0.38 -8.26 16.34
C TYR A 153 -0.92 -8.24 17.11
N ASP A 154 -2.03 -8.56 16.45
CA ASP A 154 -3.29 -8.69 17.17
C ASP A 154 -3.45 -10.08 17.76
N VAL A 155 -3.10 -11.12 16.99
CA VAL A 155 -3.26 -12.48 17.48
C VAL A 155 -2.27 -12.79 18.60
N VAL A 156 -1.08 -12.16 18.58
CA VAL A 156 -0.15 -12.35 19.68
C VAL A 156 -0.64 -11.61 20.92
N CYS A 157 -1.26 -10.46 20.74
CA CYS A 157 -1.81 -9.73 21.88
C CYS A 157 -2.92 -10.52 22.57
N ALA A 158 -3.80 -11.14 21.78
CA ALA A 158 -4.97 -11.79 22.33
C ALA A 158 -4.72 -13.22 22.78
N HIS A 159 -3.53 -13.75 22.59
CA HIS A 159 -3.29 -15.16 22.90
C HIS A 159 -3.38 -15.41 24.39
N PRO A 160 -4.21 -16.33 24.85
CA PRO A 160 -4.27 -16.63 26.29
C PRO A 160 -3.29 -17.72 26.69
N GLY A 161 -2.50 -17.46 27.72
CA GLY A 161 -1.56 -18.48 28.18
C GLY A 161 -0.47 -17.88 29.04
N HIS A 162 0.68 -18.57 29.06
CA HIS A 162 1.81 -18.18 29.88
C HIS A 162 2.84 -17.35 29.11
N LEU A 163 3.40 -17.91 28.04
CA LEU A 163 4.49 -17.28 27.29
C LEU A 163 5.66 -16.93 28.20
N ASP A 164 6.29 -17.97 28.74
CA ASP A 164 7.51 -17.81 29.53
C ASP A 164 8.65 -17.46 28.58
N THR A 165 8.69 -16.20 28.18
CA THR A 165 9.65 -15.78 27.16
C THR A 165 10.47 -14.56 27.56
N GLU A 166 9.91 -13.68 28.38
CA GLU A 166 10.59 -12.47 28.84
C GLU A 166 10.93 -11.54 27.67
N LYS A 167 9.96 -11.35 26.77
CA LYS A 167 10.14 -10.49 25.60
C LYS A 167 8.91 -9.64 25.39
N THR A 168 9.14 -8.41 24.95
CA THR A 168 8.03 -7.50 24.70
C THR A 168 7.18 -8.01 23.54
N PRO A 169 5.86 -7.88 23.62
CA PRO A 169 5.05 -8.08 22.42
C PRO A 169 5.41 -7.03 21.40
N ALA A 170 5.11 -7.31 20.13
CA ALA A 170 5.61 -6.59 18.97
C ALA A 170 7.10 -6.80 18.80
N ALA A 171 7.73 -7.62 19.63
CA ALA A 171 9.07 -8.12 19.38
C ALA A 171 9.13 -9.63 19.43
N VAL A 172 8.03 -10.29 19.82
CA VAL A 172 7.83 -11.69 19.47
C VAL A 172 6.97 -11.80 18.21
N THR A 173 6.21 -10.76 17.87
CA THR A 173 5.56 -10.72 16.56
C THR A 173 6.58 -10.79 15.46
N ALA A 174 7.75 -10.16 15.66
CA ALA A 174 8.81 -10.28 14.67
C ALA A 174 9.23 -11.72 14.48
N MET A 175 9.40 -12.47 15.57
CA MET A 175 9.80 -13.86 15.43
C MET A 175 8.69 -14.69 14.82
N VAL A 176 7.44 -14.45 15.21
CA VAL A 176 6.33 -15.20 14.65
C VAL A 176 6.25 -15.00 13.15
N LEU A 177 6.40 -13.75 12.69
CA LEU A 177 6.37 -13.49 11.25
C LEU A 177 7.57 -14.12 10.55
N ARG A 178 8.77 -13.95 11.09
CA ARG A 178 9.94 -14.49 10.42
C ARG A 178 9.90 -16.00 10.34
N LEU A 179 9.47 -16.66 11.40
CA LEU A 179 9.44 -18.12 11.41
C LEU A 179 8.31 -18.63 10.53
N SER A 180 7.11 -18.04 10.66
CA SER A 180 6.01 -18.43 9.79
C SER A 180 6.26 -18.04 8.34
N GLY A 181 7.22 -17.18 8.08
CA GLY A 181 7.64 -16.92 6.72
C GLY A 181 8.66 -17.89 6.19
N ALA A 182 9.12 -18.82 7.02
CA ALA A 182 10.01 -19.89 6.59
C ALA A 182 9.36 -21.25 6.62
N LEU A 183 8.39 -21.48 7.51
CA LEU A 183 7.60 -22.70 7.44
C LEU A 183 6.84 -22.76 6.11
N ALA A 184 6.24 -21.65 5.70
CA ALA A 184 5.56 -21.61 4.42
C ALA A 184 6.52 -21.45 3.25
N GLU A 185 7.82 -21.63 3.47
CA GLU A 185 8.79 -21.68 2.39
C GLU A 185 9.46 -23.04 2.26
N HIS A 186 9.69 -23.73 3.37
CA HIS A 186 10.21 -25.08 3.34
C HIS A 186 9.13 -26.13 3.59
N LEU A 187 7.85 -25.74 3.58
CA LEU A 187 6.74 -26.69 3.59
C LEU A 187 6.79 -27.60 4.81
N VAL A 188 6.62 -27.01 5.98
CA VAL A 188 6.74 -27.77 7.23
C VAL A 188 5.41 -27.93 7.94
N ASP A 189 4.55 -26.91 7.88
CA ASP A 189 3.19 -26.94 8.39
C ASP A 189 3.10 -27.18 9.90
N THR A 190 4.14 -26.84 10.64
CA THR A 190 4.14 -26.60 12.08
C THR A 190 3.73 -27.81 12.91
N ASP A 191 3.43 -28.94 12.28
CA ASP A 191 3.03 -30.11 13.03
C ASP A 191 4.21 -31.01 13.38
N GLN A 192 5.27 -30.98 12.59
CA GLN A 192 6.46 -31.77 12.86
C GLN A 192 7.53 -30.96 13.56
N LEU A 193 7.29 -29.69 13.84
CA LEU A 193 8.25 -28.86 14.55
C LEU A 193 7.88 -28.80 16.04
N ARG A 194 7.84 -30.00 16.65
CA ARG A 194 7.59 -30.10 18.09
C ARG A 194 8.49 -31.12 18.77
N ASP A 195 9.22 -31.95 18.04
CA ASP A 195 10.10 -32.96 18.62
C ASP A 195 11.57 -32.61 18.46
N THR A 196 11.86 -31.36 18.09
CA THR A 196 13.21 -30.99 17.65
C THR A 196 14.17 -30.74 18.81
N HIS A 197 13.69 -30.64 20.05
CA HIS A 197 14.55 -30.27 21.15
C HIS A 197 14.84 -31.40 22.12
N VAL A 198 14.05 -32.48 22.08
CA VAL A 198 14.29 -33.60 22.98
C VAL A 198 15.64 -34.24 22.70
N GLU A 199 15.97 -34.40 21.41
CA GLU A 199 17.22 -35.04 21.03
C GLU A 199 18.42 -34.31 21.59
N LEU A 200 18.35 -32.98 21.64
CA LEU A 200 19.46 -32.18 22.12
C LEU A 200 19.46 -32.03 23.64
N GLU A 201 18.27 -31.88 24.23
CA GLU A 201 18.19 -31.73 25.68
C GLU A 201 18.65 -33.00 26.40
N ARG A 202 18.12 -34.16 25.99
CA ARG A 202 18.55 -35.41 26.58
C ARG A 202 20.05 -35.58 26.48
N LEU A 203 20.63 -35.16 25.35
CA LEU A 203 22.07 -35.34 25.16
C LEU A 203 22.87 -34.37 26.01
N VAL A 204 22.40 -33.13 26.18
CA VAL A 204 23.16 -32.16 26.96
C VAL A 204 23.10 -32.49 28.44
N HIS A 205 21.98 -33.05 28.90
CA HIS A 205 21.85 -33.33 30.33
C HIS A 205 22.59 -34.59 30.76
N THR A 206 22.95 -35.47 29.82
CA THR A 206 23.68 -36.68 30.16
C THR A 206 25.05 -36.71 29.48
N GLN A 213 38.91 -31.12 32.82
CA GLN A 213 37.90 -30.09 32.99
C GLN A 213 37.27 -30.15 34.37
N ARG A 214 36.05 -29.64 34.50
CA ARG A 214 35.39 -29.54 35.79
C ARG A 214 34.01 -30.18 35.75
N ASP A 215 33.60 -30.74 36.88
CA ASP A 215 32.31 -31.41 37.03
C ASP A 215 31.24 -30.46 37.56
N ARG A 216 31.04 -29.33 36.89
CA ARG A 216 30.09 -28.32 37.35
C ARG A 216 28.66 -28.62 36.92
N GLY A 217 28.44 -29.58 36.02
CA GLY A 217 27.20 -29.67 35.31
C GLY A 217 27.30 -28.87 34.03
N PRO A 218 26.26 -28.90 33.20
CA PRO A 218 26.36 -28.28 31.89
C PRO A 218 26.71 -26.80 31.97
N SER A 219 27.52 -26.34 31.03
CA SER A 219 28.03 -24.98 31.03
C SER A 219 26.88 -23.98 30.83
N GLN A 220 27.13 -22.75 31.28
CA GLN A 220 26.10 -21.72 31.20
C GLN A 220 25.70 -21.43 29.76
N TRP A 221 26.67 -21.47 28.84
CA TRP A 221 26.36 -21.20 27.44
C TRP A 221 25.45 -22.28 26.87
N LEU A 222 25.69 -23.54 27.21
CA LEU A 222 24.91 -24.64 26.63
C LEU A 222 23.43 -24.50 26.95
N LEU A 223 23.09 -24.15 28.19
CA LEU A 223 21.69 -23.99 28.54
C LEU A 223 21.03 -22.87 27.75
N ARG A 224 21.80 -21.84 27.39
CA ARG A 224 21.23 -20.75 26.60
C ARG A 224 20.74 -21.24 25.26
N MET A 225 21.52 -22.08 24.59
CA MET A 225 21.11 -22.62 23.30
C MET A 225 19.84 -23.46 23.44
N LEU A 226 19.76 -24.27 24.48
CA LEU A 226 18.57 -25.10 24.70
C LEU A 226 17.34 -24.24 24.96
N ALA A 227 17.53 -23.14 25.67
CA ALA A 227 16.41 -22.24 25.95
C ALA A 227 15.76 -21.76 24.65
N THR A 228 16.56 -21.49 23.63
CA THR A 228 16.00 -21.05 22.36
C THR A 228 15.11 -22.12 21.73
N GLN A 229 15.55 -23.38 21.76
CA GLN A 229 14.75 -24.45 21.21
C GLN A 229 13.43 -24.59 21.95
N THR A 230 13.48 -24.55 23.28
CA THR A 230 12.24 -24.61 24.05
C THR A 230 11.34 -23.42 23.72
N GLU A 231 11.94 -22.24 23.51
CA GLU A 231 11.15 -21.08 23.15
C GLU A 231 10.47 -21.27 21.80
N ARG A 232 11.17 -21.83 20.83
CA ARG A 232 10.57 -22.06 19.52
C ARG A 232 9.38 -23.02 19.63
N THR A 233 9.57 -24.11 20.37
CA THR A 233 8.45 -25.01 20.57
C THR A 233 7.32 -24.36 21.37
N GLU A 234 7.61 -23.28 22.09
CA GLU A 234 6.53 -22.52 22.74
C GLU A 234 5.86 -21.55 21.78
N LEU A 235 6.59 -21.04 20.79
CA LEU A 235 5.95 -20.21 19.76
C LEU A 235 5.02 -21.01 18.89
N VAL A 236 5.30 -22.29 18.67
CA VAL A 236 4.47 -23.12 17.77
C VAL A 236 2.97 -22.84 17.87
N PRO A 237 2.35 -22.78 19.06
CA PRO A 237 0.92 -22.45 19.09
C PRO A 237 0.60 -21.07 18.53
N LEU A 238 1.47 -20.09 18.72
CA LEU A 238 1.25 -18.78 18.11
C LEU A 238 1.27 -18.88 16.60
N ILE A 239 2.23 -19.62 16.04
CA ILE A 239 2.29 -19.82 14.61
C ILE A 239 1.01 -20.46 14.10
N ASP A 240 0.51 -21.46 14.83
CA ASP A 240 -0.69 -22.14 14.37
C ASP A 240 -1.93 -21.28 14.54
N ALA A 241 -1.97 -20.42 15.55
CA ALA A 241 -3.12 -19.54 15.71
C ALA A 241 -3.23 -18.56 14.56
N LEU A 242 -2.10 -18.02 14.10
CA LEU A 242 -2.13 -17.04 13.03
C LEU A 242 -2.71 -17.61 11.75
N HIS A 243 -2.32 -18.83 11.38
CA HIS A 243 -2.80 -19.43 10.15
C HIS A 243 -4.32 -19.60 10.17
N GLN A 244 -4.88 -20.07 11.28
CA GLN A 244 -6.31 -20.22 11.36
C GLN A 244 -7.00 -18.86 11.32
N ARG A 245 -6.38 -17.85 11.92
CA ARG A 245 -6.96 -16.51 11.87
C ARG A 245 -7.00 -15.98 10.45
N MET A 246 -5.99 -16.32 9.64
CA MET A 246 -6.01 -15.88 8.25
C MET A 246 -6.98 -16.72 7.41
N ARG A 247 -7.13 -18.00 7.71
CA ARG A 247 -8.13 -18.81 7.03
C ARG A 247 -9.53 -18.28 7.27
N ALA A 248 -9.80 -17.83 8.50
CA ALA A 248 -11.13 -17.34 8.83
C ALA A 248 -11.49 -16.09 8.05
N GLU A 249 -10.51 -15.25 7.74
CA GLU A 249 -10.77 -14.00 7.04
C GLU A 249 -10.63 -14.11 5.53
N LYS A 250 -10.33 -15.29 5.00
CA LYS A 250 -10.05 -15.47 3.58
C LYS A 250 -8.96 -14.51 3.12
N VAL A 251 -7.79 -14.67 3.71
CA VAL A 251 -6.68 -13.75 3.55
C VAL A 251 -5.39 -14.57 3.54
N MET A 252 -4.46 -14.20 2.66
CA MET A 252 -3.29 -15.03 2.41
C MET A 252 -2.10 -14.16 2.02
N ASP A 253 -0.91 -14.56 2.46
CA ASP A 253 0.31 -13.82 2.20
C ASP A 253 1.10 -14.48 1.06
N PHE A 254 2.18 -13.84 0.66
CA PHE A 254 2.97 -14.31 -0.48
C PHE A 254 3.56 -15.70 -0.21
N GLY A 255 4.17 -15.88 0.96
CA GLY A 255 4.77 -17.17 1.27
C GLY A 255 3.74 -18.29 1.31
N MET A 256 2.63 -18.05 2.00
CA MET A 256 1.58 -19.06 2.08
C MET A 256 1.02 -19.36 0.69
N GLN A 257 0.97 -18.34 -0.18
CA GLN A 257 0.48 -18.55 -1.54
C GLN A 257 1.37 -19.48 -2.34
N MET A 258 2.66 -19.20 -2.37
CA MET A 258 3.55 -20.02 -3.17
C MET A 258 3.67 -21.42 -2.59
N ALA A 259 3.64 -21.54 -1.25
CA ALA A 259 3.63 -22.85 -0.64
C ALA A 259 2.38 -23.64 -1.01
N ALA A 260 1.23 -22.97 -1.05
CA ALA A 260 0.01 -23.66 -1.46
C ALA A 260 0.13 -24.14 -2.90
N ALA A 261 0.67 -23.31 -3.78
CA ALA A 261 0.86 -23.73 -5.16
C ALA A 261 1.79 -24.93 -5.24
N ALA A 262 2.87 -24.92 -4.46
CA ALA A 262 3.78 -26.06 -4.45
C ALA A 262 3.08 -27.33 -3.99
N ARG A 263 2.28 -27.23 -2.94
CA ARG A 263 1.57 -28.40 -2.44
C ARG A 263 0.60 -28.93 -3.49
N LEU A 264 -0.13 -28.02 -4.15
CA LEU A 264 -1.09 -28.44 -5.17
C LEU A 264 -0.39 -29.15 -6.32
N ALA A 265 0.68 -28.54 -6.85
CA ALA A 265 1.39 -29.13 -7.97
C ALA A 265 1.99 -30.48 -7.60
N ALA A 266 2.56 -30.59 -6.40
CA ALA A 266 3.14 -31.86 -5.99
C ALA A 266 2.08 -32.94 -5.85
N ARG A 267 0.94 -32.60 -5.25
CA ARG A 267 -0.04 -33.64 -4.93
C ARG A 267 -0.83 -34.08 -6.16
N PHE A 268 -1.25 -33.15 -7.02
CA PHE A 268 -2.16 -33.50 -8.11
C PHE A 268 -1.44 -33.48 -9.45
N PRO A 269 -1.50 -34.57 -10.22
CA PRO A 269 -0.79 -34.60 -11.51
C PRO A 269 -1.61 -34.05 -12.68
N GLN A 270 -2.94 -34.01 -12.53
CA GLN A 270 -3.78 -33.56 -13.63
C GLN A 270 -3.58 -32.08 -13.92
N VAL A 271 -3.21 -31.29 -12.93
CA VAL A 271 -2.88 -29.89 -13.17
C VAL A 271 -1.65 -29.79 -14.05
N GLY A 272 -0.62 -30.59 -13.75
CA GLY A 272 0.53 -30.62 -14.63
C GLY A 272 0.20 -31.08 -16.03
N GLU A 273 -0.67 -32.08 -16.15
CA GLU A 273 -1.06 -32.55 -17.48
C GLU A 273 -1.76 -31.45 -18.26
N GLN A 274 -2.70 -30.76 -17.61
CA GLN A 274 -3.36 -29.61 -18.23
C GLN A 274 -2.35 -28.57 -18.70
N LEU A 275 -1.41 -28.23 -17.82
CA LEU A 275 -0.53 -27.11 -18.13
C LEU A 275 0.48 -27.49 -19.21
N ARG A 276 0.92 -28.73 -19.23
CA ARG A 276 1.81 -29.19 -20.30
C ARG A 276 1.08 -29.28 -21.61
N GLN A 277 -0.21 -29.65 -21.58
CA GLN A 277 -0.99 -29.62 -22.80
C GLN A 277 -1.09 -28.20 -23.35
N ARG A 278 -1.32 -27.22 -22.48
CA ARG A 278 -1.56 -25.87 -22.96
C ARG A 278 -0.27 -25.17 -23.39
N PHE A 279 0.83 -25.37 -22.67
CA PHE A 279 2.07 -24.64 -22.92
C PHE A 279 3.16 -25.58 -23.40
N ARG A 280 3.74 -25.28 -24.56
CA ARG A 280 4.69 -26.17 -25.20
C ARG A 280 6.13 -25.68 -25.12
N VAL A 281 6.37 -24.48 -24.60
CA VAL A 281 7.72 -23.99 -24.34
C VAL A 281 7.67 -23.02 -23.18
N VAL A 282 8.52 -23.28 -22.18
CA VAL A 282 8.49 -22.55 -20.93
C VAL A 282 9.86 -21.95 -20.67
N LEU A 283 9.88 -20.71 -20.20
CA LEU A 283 11.10 -19.91 -20.17
C LEU A 283 11.39 -19.55 -18.72
N LEU A 284 12.08 -20.43 -18.00
CA LEU A 284 12.44 -20.16 -16.61
C LEU A 284 13.68 -19.28 -16.61
N ASP A 285 13.49 -17.98 -16.49
CA ASP A 285 14.59 -17.06 -16.74
C ASP A 285 15.57 -17.01 -15.57
N GLU A 286 15.12 -16.52 -14.42
CA GLU A 286 16.02 -16.25 -13.31
C GLU A 286 15.87 -17.39 -12.31
N TYR A 287 16.53 -18.50 -12.59
CA TYR A 287 16.32 -19.74 -11.84
C TYR A 287 17.31 -19.94 -10.71
N GLN A 288 18.29 -19.06 -10.56
CA GLN A 288 19.22 -19.18 -9.44
C GLN A 288 18.83 -18.33 -8.25
N ASP A 289 17.71 -17.60 -8.34
CA ASP A 289 17.20 -16.82 -7.23
C ASP A 289 15.85 -17.31 -6.75
N THR A 290 15.62 -18.62 -6.79
CA THR A 290 14.34 -19.19 -6.38
C THR A 290 14.54 -20.28 -5.34
N GLY A 291 13.71 -20.27 -4.31
CA GLY A 291 13.88 -21.12 -3.15
C GLY A 291 13.15 -22.45 -3.26
N HIS A 292 13.19 -23.19 -2.16
CA HIS A 292 12.65 -24.54 -2.13
C HIS A 292 11.14 -24.57 -2.27
N ALA A 293 10.47 -23.43 -2.13
CA ALA A 293 9.02 -23.44 -2.33
C ALA A 293 8.69 -23.51 -3.81
N GLN A 294 9.54 -22.94 -4.65
CA GLN A 294 9.31 -22.90 -6.08
C GLN A 294 10.08 -23.98 -6.82
N ARG A 295 11.16 -24.48 -6.23
CA ARG A 295 11.91 -25.57 -6.84
C ARG A 295 11.04 -26.82 -6.97
N ILE A 296 10.07 -26.99 -6.09
CA ILE A 296 9.21 -28.17 -6.14
C ILE A 296 7.86 -27.86 -6.77
N ALA A 297 7.40 -26.61 -6.68
CA ALA A 297 6.18 -26.22 -7.37
C ALA A 297 6.35 -26.25 -8.87
N LEU A 298 7.59 -26.19 -9.35
CA LEU A 298 7.87 -25.99 -10.77
C LEU A 298 8.52 -27.19 -11.41
N SER A 299 9.04 -28.13 -10.62
CA SER A 299 9.46 -29.40 -11.19
C SER A 299 8.29 -30.38 -11.27
N SER A 300 7.41 -30.37 -10.26
CA SER A 300 6.30 -31.31 -10.23
C SER A 300 5.35 -31.09 -11.40
N LEU A 301 5.05 -29.84 -11.73
CA LEU A 301 4.17 -29.56 -12.86
C LEU A 301 4.75 -30.12 -14.15
N PHE A 302 5.90 -29.62 -14.56
CA PHE A 302 6.51 -30.01 -15.83
C PHE A 302 8.02 -30.07 -15.67
N GLY A 303 8.56 -31.26 -15.88
CA GLY A 303 9.98 -31.51 -15.74
C GLY A 303 10.27 -32.73 -14.89
N GLY A 304 9.26 -33.24 -14.19
CA GLY A 304 9.47 -34.39 -13.35
C GLY A 304 9.80 -35.64 -14.14
N GLY A 305 8.82 -36.15 -14.88
CA GLY A 305 9.02 -37.30 -15.75
C GLY A 305 8.21 -37.15 -17.01
N ALA A 306 7.79 -35.92 -17.29
CA ALA A 306 6.83 -35.65 -18.35
C ALA A 306 7.49 -35.80 -19.72
N ASP A 307 6.72 -35.50 -20.76
CA ASP A 307 7.15 -35.68 -22.13
C ASP A 307 8.38 -34.82 -22.43
N ASP A 308 9.30 -35.38 -23.20
CA ASP A 308 10.50 -34.67 -23.60
C ASP A 308 10.23 -33.60 -24.66
N GLY A 309 9.03 -33.56 -25.23
CA GLY A 309 8.75 -32.60 -26.27
C GLY A 309 8.73 -31.16 -25.78
N LEU A 310 8.54 -30.96 -24.49
CA LEU A 310 8.53 -29.61 -23.94
C LEU A 310 9.96 -29.08 -23.84
N ALA A 311 10.13 -27.78 -24.08
CA ALA A 311 11.46 -27.22 -24.26
C ALA A 311 12.19 -27.05 -22.92
N LEU A 312 11.64 -26.22 -22.03
CA LEU A 312 12.10 -26.11 -20.64
C LEU A 312 13.58 -25.71 -20.56
N THR A 313 13.84 -24.48 -20.97
CA THR A 313 15.16 -23.90 -20.81
C THR A 313 15.19 -22.96 -19.61
N ALA A 314 16.33 -22.92 -18.93
CA ALA A 314 16.49 -22.15 -17.69
C ALA A 314 17.89 -21.57 -17.66
N VAL A 315 17.99 -20.25 -17.52
CA VAL A 315 19.26 -19.54 -17.66
C VAL A 315 19.62 -18.92 -16.30
N GLY A 316 20.36 -19.64 -15.49
CA GLY A 316 20.78 -19.09 -14.23
C GLY A 316 22.26 -18.83 -14.16
N ASP A 317 22.68 -17.95 -13.24
CA ASP A 317 24.08 -17.74 -12.95
C ASP A 317 24.34 -18.14 -11.51
N PRO A 318 25.14 -19.18 -11.24
CA PRO A 318 25.25 -19.68 -9.87
C PRO A 318 26.14 -18.85 -8.97
N ILE A 319 26.92 -17.92 -9.51
CA ILE A 319 27.86 -17.16 -8.68
C ILE A 319 27.21 -15.91 -8.13
N GLN A 320 26.33 -15.27 -8.89
CA GLN A 320 25.67 -14.05 -8.45
C GLN A 320 24.28 -14.40 -7.91
N SER A 321 24.23 -14.88 -6.67
CA SER A 321 22.97 -15.17 -5.98
C SER A 321 22.90 -14.22 -4.79
N ILE A 322 22.40 -13.01 -5.04
CA ILE A 322 22.23 -12.03 -3.97
C ILE A 322 21.07 -12.42 -3.07
N TYR A 323 19.90 -12.65 -3.67
CA TYR A 323 18.64 -12.75 -2.95
C TYR A 323 18.56 -14.12 -2.30
N GLY A 324 18.91 -14.20 -1.03
CA GLY A 324 18.88 -15.46 -0.31
C GLY A 324 20.13 -15.70 0.53
N THR A 331 20.30 -23.29 -3.77
CA THR A 331 21.18 -23.82 -4.81
C THR A 331 20.42 -24.75 -5.73
N ASN A 332 19.59 -24.18 -6.59
CA ASN A 332 18.78 -25.00 -7.50
C ASN A 332 19.51 -25.33 -8.80
N LEU A 333 20.34 -24.40 -9.29
CA LEU A 333 21.12 -24.68 -10.48
C LEU A 333 21.98 -25.92 -10.37
N PRO A 334 22.76 -26.14 -9.30
CA PRO A 334 23.55 -27.37 -9.23
C PRO A 334 22.72 -28.63 -9.23
N ARG A 335 21.41 -28.53 -9.05
CA ARG A 335 20.54 -29.70 -8.95
C ARG A 335 19.46 -29.71 -10.04
N PHE A 336 19.49 -28.77 -10.98
CA PHE A 336 18.50 -28.77 -12.05
C PHE A 336 18.55 -30.09 -12.82
N THR A 337 19.73 -30.47 -13.29
CA THR A 337 19.91 -31.82 -13.78
C THR A 337 19.63 -32.80 -12.65
N THR A 338 19.02 -33.93 -13.01
CA THR A 338 18.43 -34.92 -12.11
C THR A 338 17.16 -34.40 -11.44
N ASP A 339 16.75 -33.16 -11.71
CA ASP A 339 15.45 -32.65 -11.32
C ASP A 339 14.52 -32.41 -12.50
N PHE A 340 15.08 -32.19 -13.69
CA PHE A 340 14.30 -32.05 -14.91
C PHE A 340 14.91 -32.95 -15.98
N PRO A 341 14.79 -34.27 -15.82
CA PRO A 341 15.50 -35.19 -16.70
C PRO A 341 14.72 -35.60 -17.95
N TYR A 342 15.34 -36.40 -18.79
CA TYR A 342 14.76 -36.89 -20.05
C TYR A 342 13.65 -37.90 -19.87
N SER A 343 13.22 -38.16 -18.63
CA SER A 343 12.14 -39.09 -18.29
C SER A 343 12.53 -40.55 -18.49
N ASP A 344 13.73 -40.84 -18.98
CA ASP A 344 14.25 -42.19 -19.02
C ASP A 344 15.21 -42.48 -17.88
N GLY A 345 15.46 -41.50 -17.01
CA GLY A 345 16.45 -41.62 -15.97
C GLY A 345 17.80 -41.00 -16.29
N THR A 346 17.90 -40.25 -17.39
CA THR A 346 19.15 -39.63 -17.80
C THR A 346 19.09 -38.13 -17.57
N PRO A 347 20.20 -37.52 -17.15
CA PRO A 347 20.20 -36.09 -16.82
C PRO A 347 20.05 -35.20 -18.04
N ALA A 348 20.10 -33.90 -17.82
CA ALA A 348 19.88 -32.86 -18.82
C ALA A 348 21.20 -32.22 -19.25
N PRO A 349 21.23 -31.57 -20.42
CA PRO A 349 22.47 -30.93 -20.86
C PRO A 349 22.81 -29.70 -20.04
N THR A 350 23.90 -29.02 -20.42
CA THR A 350 24.30 -27.78 -19.80
C THR A 350 25.11 -26.98 -20.80
N LEU A 351 24.68 -25.76 -21.08
CA LEU A 351 25.34 -24.91 -22.04
C LEU A 351 25.72 -23.60 -21.38
N GLU A 352 26.82 -23.02 -21.81
CA GLU A 352 27.40 -21.87 -21.14
C GLU A 352 27.26 -20.63 -22.00
N LEU A 353 27.33 -19.49 -21.33
CA LEU A 353 27.43 -18.19 -21.97
C LEU A 353 28.60 -17.44 -21.35
N ARG A 354 29.50 -16.96 -22.20
CA ARG A 354 30.66 -16.19 -21.79
C ARG A 354 30.62 -14.93 -22.63
N THR A 355 31.74 -14.21 -22.70
CA THR A 355 31.82 -12.94 -23.43
C THR A 355 30.88 -11.91 -22.83
N SER A 356 31.20 -11.52 -21.61
CA SER A 356 30.33 -10.73 -20.75
C SER A 356 30.05 -9.31 -21.22
N TRP A 357 30.60 -8.90 -22.37
CA TRP A 357 30.51 -7.52 -22.84
C TRP A 357 30.90 -6.54 -21.72
N ARG A 358 32.09 -6.80 -21.19
CA ARG A 358 32.65 -6.07 -20.06
C ARG A 358 34.13 -5.80 -20.25
N ASN A 359 34.65 -4.81 -19.51
CA ASN A 359 36.04 -4.43 -19.62
C ASN A 359 36.94 -5.61 -19.27
N PRO A 360 38.08 -5.75 -19.93
CA PRO A 360 39.04 -6.80 -19.54
C PRO A 360 39.46 -6.69 -18.09
N PRO A 361 39.91 -5.51 -17.61
CA PRO A 361 40.45 -5.47 -16.25
C PRO A 361 39.47 -5.92 -15.18
N SER A 362 38.19 -5.56 -15.29
CA SER A 362 37.22 -6.05 -14.32
C SER A 362 36.98 -7.54 -14.49
N THR A 363 36.74 -7.99 -15.73
CA THR A 363 36.48 -9.40 -15.98
C THR A 363 37.73 -10.25 -15.80
N LEU A 364 38.88 -9.73 -16.18
CA LEU A 364 40.13 -10.48 -16.09
C LEU A 364 40.90 -10.03 -14.86
N HIS A 365 41.22 -10.98 -13.98
CA HIS A 365 41.96 -10.82 -12.75
C HIS A 365 41.15 -10.17 -11.64
N VAL A 366 39.92 -9.71 -11.90
CA VAL A 366 39.18 -9.04 -10.85
C VAL A 366 37.85 -9.72 -10.62
N ALA A 367 37.01 -9.83 -11.66
CA ALA A 367 35.81 -10.64 -11.50
C ALA A 367 36.13 -12.10 -11.25
N ASN A 368 37.42 -12.47 -11.28
CA ASN A 368 37.90 -13.72 -10.73
C ASN A 368 38.29 -13.58 -9.27
N ALA A 369 37.75 -12.57 -8.57
CA ALA A 369 37.94 -12.49 -7.13
C ALA A 369 37.39 -13.73 -6.45
N VAL A 370 36.21 -14.17 -6.85
CA VAL A 370 35.66 -15.45 -6.44
C VAL A 370 35.84 -16.43 -7.59
N SER A 371 36.81 -17.33 -7.45
CA SER A 371 36.92 -18.43 -8.41
C SER A 371 35.94 -19.53 -8.02
N GLU A 372 36.21 -20.18 -6.88
CA GLU A 372 35.26 -20.98 -6.11
C GLU A 372 34.24 -21.71 -6.97
N GLU A 373 34.73 -22.38 -8.02
CA GLU A 373 33.88 -23.05 -9.00
C GLU A 373 34.40 -24.48 -9.14
N ALA A 374 33.89 -25.35 -8.28
CA ALA A 374 34.32 -26.74 -8.21
C ALA A 374 33.19 -27.62 -7.71
N LEU A 384 34.84 -16.41 -17.32
CA LEU A 384 34.41 -15.34 -18.22
C LEU A 384 35.59 -14.86 -19.06
N ARG A 385 35.30 -14.14 -20.15
CA ARG A 385 36.31 -13.70 -21.08
C ARG A 385 36.00 -12.29 -21.54
N PRO A 386 37.01 -11.53 -21.99
CA PRO A 386 36.73 -10.20 -22.53
C PRO A 386 36.04 -10.26 -23.89
N ARG A 387 34.77 -9.89 -23.92
CA ARG A 387 33.94 -10.08 -25.11
C ARG A 387 34.32 -9.18 -26.28
N PRO A 388 34.14 -7.85 -26.16
CA PRO A 388 34.07 -7.02 -27.36
C PRO A 388 35.45 -6.59 -27.85
N ASP A 389 36.48 -7.29 -27.37
CA ASP A 389 37.90 -6.92 -27.56
C ASP A 389 38.08 -5.40 -27.56
N ALA A 390 37.52 -4.78 -26.52
CA ALA A 390 37.50 -3.34 -26.38
C ALA A 390 38.68 -2.86 -25.56
N GLU A 391 38.84 -1.55 -25.47
CA GLU A 391 39.97 -0.98 -24.76
C GLU A 391 39.85 -1.25 -23.27
N PRO A 392 40.93 -1.69 -22.61
CA PRO A 392 40.87 -1.95 -21.18
C PRO A 392 40.58 -0.69 -20.39
N GLY A 393 40.43 -0.86 -19.08
CA GLY A 393 40.14 0.26 -18.20
C GLY A 393 41.04 0.24 -16.98
N THR A 394 41.22 1.43 -16.40
CA THR A 394 41.95 1.52 -15.16
C THR A 394 41.11 0.98 -14.00
N ILE A 395 41.79 0.39 -13.04
CA ILE A 395 41.18 0.01 -11.77
C ILE A 395 42.06 0.56 -10.64
N ARG A 396 41.43 1.27 -9.71
CA ARG A 396 42.16 2.00 -8.68
C ARG A 396 41.67 1.58 -7.30
N CYS A 397 42.61 1.25 -6.42
CA CYS A 397 42.31 1.01 -5.02
C CYS A 397 42.92 2.10 -4.17
N ALA A 398 42.55 2.11 -2.88
CA ALA A 398 43.08 3.11 -1.98
C ALA A 398 42.74 2.74 -0.54
N LEU A 399 43.73 2.87 0.35
CA LEU A 399 43.51 2.85 1.78
C LEU A 399 43.75 4.24 2.32
N LEU A 400 42.70 4.86 2.84
CA LEU A 400 42.80 6.19 3.41
C LEU A 400 42.98 6.08 4.92
N ASN A 401 42.90 7.20 5.61
CA ASN A 401 43.06 7.22 7.07
C ASN A 401 41.82 7.82 7.74
N ASN A 402 40.73 7.97 7.00
CA ASN A 402 39.52 8.58 7.54
C ASN A 402 38.39 8.33 6.55
N VAL A 403 37.19 8.12 7.10
CA VAL A 403 36.01 8.01 6.26
C VAL A 403 35.78 9.30 5.49
N ALA A 404 36.00 10.43 6.15
CA ALA A 404 35.95 11.71 5.44
C ALA A 404 37.00 11.77 4.34
N ALA A 405 38.20 11.27 4.61
CA ALA A 405 39.27 11.30 3.62
C ALA A 405 38.94 10.43 2.41
N GLU A 406 38.47 9.19 2.65
CA GLU A 406 38.11 8.33 1.53
C GLU A 406 36.93 8.90 0.76
N ARG A 407 35.95 9.45 1.47
CA ARG A 407 34.82 10.09 0.80
C ARG A 407 35.31 11.23 -0.08
N ASP A 408 36.25 12.03 0.42
CA ASP A 408 36.81 13.12 -0.37
C ASP A 408 37.53 12.59 -1.60
N TRP A 409 38.30 11.51 -1.45
CA TRP A 409 39.05 10.97 -2.58
C TRP A 409 38.12 10.47 -3.68
N VAL A 410 37.11 9.69 -3.30
CA VAL A 410 36.18 9.18 -4.30
C VAL A 410 35.41 10.34 -4.93
N ALA A 411 35.00 11.31 -4.12
CA ALA A 411 34.29 12.47 -4.65
C ALA A 411 35.15 13.23 -5.64
N ASP A 412 36.44 13.41 -5.33
CA ASP A 412 37.32 14.12 -6.23
C ASP A 412 37.48 13.38 -7.55
N HIS A 413 37.64 12.06 -7.50
CA HIS A 413 37.80 11.31 -8.74
C HIS A 413 36.55 11.42 -9.60
N LEU A 414 35.38 11.19 -9.01
CA LEU A 414 34.15 11.29 -9.79
C LEU A 414 33.93 12.71 -10.30
N ALA A 415 34.26 13.71 -9.48
CA ALA A 415 34.06 15.09 -9.89
C ALA A 415 34.94 15.47 -11.07
N ARG A 416 36.24 15.11 -11.02
CA ARG A 416 37.09 15.44 -12.14
C ARG A 416 36.71 14.65 -13.39
N ALA A 417 36.23 13.42 -13.23
CA ALA A 417 35.74 12.69 -14.38
C ALA A 417 34.53 13.37 -15.00
N TYR A 418 33.61 13.86 -14.16
CA TYR A 418 32.40 14.52 -14.67
C TYR A 418 32.74 15.84 -15.34
N HIS A 419 33.61 16.64 -14.73
CA HIS A 419 33.92 17.96 -15.26
C HIS A 419 34.73 17.87 -16.54
N GLY A 420 35.61 16.88 -16.66
CA GLY A 420 36.32 16.68 -17.92
C GLY A 420 35.40 16.48 -19.10
N ALA A 421 34.20 15.96 -18.84
CA ALA A 421 33.19 15.84 -19.89
C ALA A 421 32.76 17.21 -20.40
N ILE A 422 32.62 18.18 -19.50
CA ILE A 422 32.17 19.52 -19.89
C ILE A 422 33.19 20.15 -20.82
N GLY A 423 34.47 20.10 -20.47
CA GLY A 423 35.50 20.56 -21.38
C GLY A 423 35.58 19.76 -22.65
N ARG A 424 35.34 18.45 -22.55
CA ARG A 424 35.28 17.60 -23.74
C ARG A 424 34.13 17.96 -24.67
N GLY A 425 33.09 18.60 -24.15
CA GLY A 425 31.88 18.79 -24.92
C GLY A 425 30.80 17.78 -24.60
N GLU A 426 30.46 17.69 -23.31
CA GLU A 426 29.36 16.87 -22.80
C GLU A 426 29.55 15.39 -23.16
N ALA A 427 30.58 14.80 -22.55
CA ALA A 427 30.71 13.35 -22.60
C ALA A 427 29.68 12.69 -21.68
N ALA A 428 29.45 13.28 -20.50
CA ALA A 428 28.46 12.84 -19.54
C ALA A 428 28.71 11.40 -19.09
N PRO A 429 29.75 11.15 -18.31
CA PRO A 429 30.05 9.76 -17.91
C PRO A 429 28.99 9.13 -17.04
N THR A 430 28.08 9.91 -16.45
CA THR A 430 26.95 9.43 -15.64
C THR A 430 27.30 8.20 -14.79
N ALA A 431 28.30 8.39 -13.93
CA ALA A 431 28.81 7.34 -13.06
C ALA A 431 27.81 7.05 -11.94
N ALA A 432 28.21 6.18 -11.01
CA ALA A 432 27.44 5.92 -9.81
C ALA A 432 28.29 5.15 -8.82
N VAL A 433 27.93 5.26 -7.54
CA VAL A 433 28.67 4.64 -6.45
C VAL A 433 27.80 3.57 -5.81
N LEU A 434 28.36 2.38 -5.63
CA LEU A 434 27.66 1.26 -5.01
C LEU A 434 28.07 1.18 -3.55
N VAL A 435 27.09 1.29 -2.65
CA VAL A 435 27.34 1.28 -1.22
C VAL A 435 26.58 0.12 -0.57
N ARG A 436 27.21 -0.51 0.41
CA ARG A 436 26.63 -1.67 1.07
C ARG A 436 25.48 -1.28 1.98
N ARG A 437 25.77 -0.49 3.00
CA ARG A 437 24.76 -0.08 3.95
C ARG A 437 23.79 0.91 3.31
N ASN A 438 22.53 0.86 3.72
CA ASN A 438 21.56 1.83 3.22
C ASN A 438 21.89 3.22 3.75
N ALA A 439 22.35 3.30 4.99
CA ALA A 439 22.91 4.53 5.52
C ALA A 439 24.30 4.68 4.92
N ASP A 440 25.05 5.68 5.40
CA ASP A 440 26.38 6.01 4.90
C ASP A 440 26.37 6.32 3.40
N ALA A 441 25.20 6.56 2.83
CA ALA A 441 25.08 7.05 1.46
C ALA A 441 24.47 8.44 1.39
N ALA A 442 23.76 8.88 2.42
CA ALA A 442 23.32 10.26 2.47
C ALA A 442 24.47 11.25 2.50
N PRO A 443 25.53 11.07 3.31
CA PRO A 443 26.65 12.02 3.25
C PRO A 443 27.37 12.05 1.92
N MET A 444 27.22 11.02 1.09
CA MET A 444 27.81 11.09 -0.24
C MET A 444 27.14 12.16 -1.07
N ALA A 445 25.85 12.40 -0.84
CA ALA A 445 25.19 13.53 -1.48
C ALA A 445 25.84 14.85 -1.07
N GLU A 446 26.21 14.96 0.22
CA GLU A 446 26.93 16.14 0.67
C GLU A 446 28.27 16.28 -0.02
N ALA A 447 29.00 15.18 -0.14
CA ALA A 447 30.35 15.23 -0.73
C ALA A 447 30.35 15.31 -2.24
N LEU A 448 29.20 15.13 -2.89
CA LEU A 448 29.12 15.26 -4.34
C LEU A 448 28.37 16.48 -4.82
N THR A 449 27.44 17.03 -4.03
CA THR A 449 26.70 18.21 -4.47
C THR A 449 27.60 19.43 -4.54
N ALA A 450 28.80 19.36 -3.95
CA ALA A 450 29.76 20.44 -4.11
C ALA A 450 30.23 20.55 -5.56
N ARG A 451 30.41 19.42 -6.22
CA ARG A 451 30.90 19.46 -7.60
C ARG A 451 30.01 18.71 -8.59
N GLY A 452 29.49 17.53 -8.24
CA GLY A 452 28.65 16.76 -9.12
C GLY A 452 27.18 17.06 -8.92
N VAL A 453 26.34 16.21 -9.51
CA VAL A 453 24.89 16.34 -9.42
C VAL A 453 24.25 14.96 -9.21
N PRO A 454 24.09 14.51 -7.97
CA PRO A 454 23.59 13.15 -7.72
C PRO A 454 22.08 13.10 -7.55
N VAL A 455 21.56 11.88 -7.69
CA VAL A 455 20.15 11.60 -7.44
C VAL A 455 19.94 10.86 -6.12
N GLU A 456 20.77 9.85 -5.84
CA GLU A 456 20.70 9.09 -4.60
C GLU A 456 19.34 8.38 -4.47
N VAL A 457 19.08 7.49 -5.43
CA VAL A 457 17.86 6.70 -5.40
C VAL A 457 17.90 5.69 -4.26
N ALA A 461 14.13 7.68 0.56
CA ALA A 461 13.11 8.22 1.44
C ALA A 461 11.73 7.64 1.12
N GLY A 462 11.08 7.07 2.12
CA GLY A 462 9.77 6.50 1.93
C GLY A 462 8.72 7.55 1.61
N LEU A 463 7.54 7.07 1.24
CA LEU A 463 6.45 7.98 0.90
C LEU A 463 6.07 8.87 2.08
N LEU A 464 6.35 8.42 3.30
CA LEU A 464 6.05 9.19 4.50
C LEU A 464 7.29 9.87 5.08
N ALA A 465 8.20 10.29 4.21
CA ALA A 465 9.29 11.18 4.57
C ALA A 465 9.47 12.33 3.60
N VAL A 466 8.74 12.34 2.49
CA VAL A 466 8.76 13.45 1.56
C VAL A 466 8.04 14.64 2.19
N PRO A 467 8.65 15.82 2.27
CA PRO A 467 8.01 16.94 2.96
C PRO A 467 6.72 17.40 2.32
N GLU A 468 6.36 16.87 1.17
CA GLU A 468 5.04 17.15 0.60
C GLU A 468 3.95 16.35 1.29
N VAL A 469 4.28 15.16 1.80
CA VAL A 469 3.30 14.28 2.42
C VAL A 469 3.36 14.33 3.93
N ALA A 470 4.57 14.42 4.49
CA ALA A 470 4.72 14.43 5.95
C ALA A 470 3.88 15.51 6.58
N ASP A 471 3.74 16.67 5.92
CA ASP A 471 2.89 17.71 6.46
C ASP A 471 1.43 17.29 6.44
N LEU A 472 1.02 16.56 5.40
CA LEU A 472 -0.36 16.08 5.35
C LEU A 472 -0.65 15.08 6.45
N VAL A 473 0.30 14.16 6.69
CA VAL A 473 0.13 13.19 7.78
C VAL A 473 0.10 13.91 9.12
N ALA A 474 0.99 14.89 9.32
CA ALA A 474 1.02 15.60 10.59
C ALA A 474 -0.28 16.38 10.82
N MET A 475 -0.79 17.04 9.80
CA MET A 475 -2.06 17.75 9.96
C MET A 475 -3.19 16.79 10.27
N LEU A 476 -3.21 15.62 9.61
CA LEU A 476 -4.22 14.62 9.95
C LEU A 476 -4.11 14.19 11.40
N ARG A 477 -2.90 13.97 11.87
CA ARG A 477 -2.69 13.52 13.24
C ARG A 477 -3.16 14.56 14.24
N LEU A 478 -2.81 15.83 14.00
CA LEU A 478 -3.22 16.89 14.91
C LEU A 478 -4.73 17.07 14.90
N ILE A 479 -5.37 16.85 13.75
CA ILE A 479 -6.83 16.91 13.70
C ILE A 479 -7.44 15.79 14.53
N ALA A 480 -6.94 14.56 14.34
CA ALA A 480 -7.62 13.40 14.91
C ALA A 480 -7.41 13.32 16.42
N ASP A 481 -6.18 13.52 16.89
CA ASP A 481 -5.91 13.42 18.32
C ASP A 481 -5.02 14.57 18.77
N PRO A 482 -5.38 15.25 19.84
CA PRO A 482 -4.65 16.48 20.22
C PRO A 482 -3.31 16.22 20.89
N THR A 483 -3.19 15.15 21.67
CA THR A 483 -1.97 14.90 22.44
C THR A 483 -0.87 14.32 21.56
N ALA A 484 -0.48 15.08 20.54
CA ALA A 484 0.60 14.70 19.64
C ALA A 484 1.53 15.89 19.49
N GLY A 485 2.47 16.02 20.43
CA GLY A 485 3.43 17.11 20.35
C GLY A 485 4.34 17.01 19.16
N SER A 486 4.70 15.78 18.77
CA SER A 486 5.57 15.60 17.62
C SER A 486 4.92 16.04 16.32
N ALA A 487 3.61 16.27 16.33
CA ALA A 487 2.91 16.85 15.19
C ALA A 487 2.62 18.33 15.39
N VAL A 488 2.30 18.74 16.61
CA VAL A 488 2.04 20.16 16.84
C VAL A 488 3.30 20.96 16.55
N MET A 489 4.48 20.42 16.86
CA MET A 489 5.70 21.14 16.51
C MET A 489 5.94 21.14 15.01
N ARG A 490 5.70 20.02 14.33
CA ARG A 490 5.89 19.98 12.88
C ARG A 490 4.99 20.98 12.17
N ILE A 491 3.87 21.33 12.78
CA ILE A 491 3.00 22.34 12.16
C ILE A 491 3.35 23.75 12.63
N LEU A 492 3.66 23.94 13.91
CA LEU A 492 3.89 25.29 14.41
C LEU A 492 5.22 25.85 13.93
N THR A 493 6.19 24.98 13.63
CA THR A 493 7.47 25.43 13.13
C THR A 493 7.64 25.14 11.64
N GLY A 494 6.58 24.76 10.96
CA GLY A 494 6.65 24.49 9.55
C GLY A 494 6.76 25.73 8.73
N PRO A 495 7.09 25.56 7.46
CA PRO A 495 7.25 26.73 6.58
C PRO A 495 6.00 27.57 6.42
N ARG A 496 4.81 26.98 6.57
CA ARG A 496 3.59 27.73 6.24
C ARG A 496 3.40 28.92 7.16
N TRP A 497 3.77 28.78 8.43
CA TRP A 497 3.89 29.92 9.33
C TRP A 497 4.88 29.61 10.44
N ARG A 498 6.07 30.17 10.33
CA ARG A 498 7.06 29.94 11.37
C ARG A 498 6.67 30.71 12.62
N PHE A 499 6.93 30.12 13.78
CA PHE A 499 6.79 30.79 15.06
C PHE A 499 8.16 30.96 15.70
N GLY A 500 8.23 31.87 16.64
CA GLY A 500 9.44 32.09 17.39
C GLY A 500 9.43 31.37 18.72
N ALA A 501 10.63 31.23 19.28
CA ALA A 501 10.77 30.60 20.58
C ALA A 501 9.88 31.27 21.62
N ARG A 502 9.79 32.60 21.58
CA ARG A 502 8.97 33.30 22.56
C ARG A 502 7.50 32.92 22.43
N ASP A 503 7.00 32.81 21.20
CA ASP A 503 5.60 32.44 21.01
C ASP A 503 5.34 30.99 21.42
N ILE A 504 6.26 30.08 21.09
CA ILE A 504 6.06 28.70 21.52
C ILE A 504 6.06 28.61 23.04
N ALA A 505 6.99 29.32 23.69
CA ALA A 505 7.03 29.28 25.15
C ALA A 505 5.77 29.87 25.75
N ALA A 506 5.27 30.98 25.22
CA ALA A 506 4.03 31.55 25.74
C ALA A 506 2.86 30.61 25.53
N LEU A 507 2.82 29.95 24.36
CA LEU A 507 1.75 29.01 24.08
C LEU A 507 1.76 27.86 25.08
N TRP A 508 2.94 27.30 25.35
CA TRP A 508 3.02 26.22 26.33
C TRP A 508 2.72 26.71 27.73
N ARG A 509 3.05 27.97 28.03
CA ARG A 509 2.69 28.53 29.33
C ARG A 509 1.19 28.54 29.50
N ARG A 510 0.46 29.00 28.49
CA ARG A 510 -1.00 28.97 28.58
C ARG A 510 -1.50 27.54 28.66
N ALA A 511 -0.88 26.62 27.92
CA ALA A 511 -1.34 25.25 27.90
C ALA A 511 -1.15 24.57 29.26
N VAL A 512 -0.11 24.96 30.01
CA VAL A 512 0.08 24.34 31.31
C VAL A 512 -0.75 25.06 32.37
N GLU A 513 -0.99 26.36 32.21
CA GLU A 513 -1.88 27.07 33.13
C GLU A 513 -3.30 26.54 33.02
N LEU A 514 -3.75 26.23 31.80
CA LEU A 514 -5.10 25.74 31.60
C LEU A 514 -5.32 24.36 32.19
N ASP A 515 -4.24 23.62 32.49
CA ASP A 515 -4.38 22.29 33.07
C ASP A 515 -5.05 22.37 34.44
N ASP A 516 -4.39 23.01 35.39
CA ASP A 516 -4.91 23.22 36.75
C ASP A 516 -5.32 21.89 37.38
N ARG A 517 -4.36 20.99 37.50
CA ARG A 517 -4.56 19.72 38.15
C ARG A 517 -3.61 19.60 39.34
N PRO A 518 -4.10 19.27 40.54
CA PRO A 518 -3.27 19.15 41.74
C PRO A 518 -2.30 17.98 41.66
N LEU A 522 0.83 11.71 43.71
CA LEU A 522 1.49 11.51 45.01
C LEU A 522 1.36 10.06 45.47
N GLY A 523 0.13 9.63 45.78
CA GLY A 523 -0.10 8.26 46.17
C GLY A 523 -0.06 7.32 44.99
N THR A 524 0.14 6.03 45.28
CA THR A 524 0.26 5.04 44.20
C THR A 524 -1.01 4.97 43.37
N ALA A 525 -2.16 5.00 44.03
CA ALA A 525 -3.43 5.07 43.30
C ALA A 525 -3.52 6.37 42.52
N ASP A 526 -2.87 7.43 43.01
CA ASP A 526 -2.86 8.69 42.28
C ASP A 526 -1.98 8.60 41.04
N ILE A 527 -0.85 7.89 41.13
CA ILE A 527 0.04 7.74 40.00
C ILE A 527 -0.61 6.86 38.93
N VAL A 528 -1.16 5.72 39.34
CA VAL A 528 -1.73 4.79 38.37
C VAL A 528 -2.99 5.37 37.72
N ALA A 529 -3.78 6.12 38.48
CA ALA A 529 -4.94 6.80 37.90
C ALA A 529 -4.50 7.76 36.80
N GLN A 530 -3.33 8.37 36.97
CA GLN A 530 -2.70 9.10 35.89
C GLN A 530 -2.20 8.12 34.84
N ALA A 531 -2.19 8.56 33.58
CA ALA A 531 -1.78 7.74 32.45
C ALA A 531 -2.67 6.52 32.29
N ALA A 532 -3.95 6.78 32.13
CA ALA A 532 -4.95 5.87 31.63
C ALA A 532 -5.33 6.31 30.22
N PRO A 533 -6.16 5.54 29.52
CA PRO A 533 -6.67 6.04 28.23
C PRO A 533 -7.53 7.29 28.38
N ASP A 534 -8.04 7.57 29.58
CA ASP A 534 -8.91 8.72 29.81
C ASP A 534 -8.16 9.93 30.33
N ALA A 535 -7.28 9.75 31.31
CA ALA A 535 -6.78 10.85 32.12
C ALA A 535 -6.14 11.94 31.26
N ASP A 536 -6.29 13.18 31.72
CA ASP A 536 -5.87 14.35 30.97
C ASP A 536 -4.53 14.87 31.46
N THR A 537 -3.83 15.57 30.59
CA THR A 537 -2.52 16.11 30.88
C THR A 537 -2.42 17.48 30.21
N ALA A 538 -1.19 17.99 30.12
CA ALA A 538 -0.95 19.27 29.45
C ALA A 538 -0.57 19.00 27.99
N CYS A 539 -1.28 19.67 27.07
CA CYS A 539 -1.08 19.47 25.64
C CYS A 539 -1.27 20.79 24.92
N VAL A 540 -0.37 21.08 23.98
CA VAL A 540 -0.38 22.37 23.31
C VAL A 540 -1.67 22.61 22.56
N ALA A 541 -2.32 21.55 22.09
CA ALA A 541 -3.53 21.69 21.28
C ALA A 541 -4.70 22.25 22.07
N ASP A 542 -4.52 22.57 23.34
CA ASP A 542 -5.52 23.31 24.10
C ASP A 542 -5.31 24.82 24.04
N ALA A 543 -4.05 25.25 24.08
CA ALA A 543 -3.77 26.67 23.97
C ALA A 543 -4.22 27.23 22.63
N ILE A 544 -3.99 26.47 21.56
CA ILE A 544 -4.35 26.92 20.22
C ILE A 544 -5.84 27.21 20.10
N CYS A 545 -6.66 26.55 20.92
CA CYS A 545 -8.09 26.73 20.83
C CYS A 545 -8.63 27.76 21.83
N ASP A 546 -7.99 27.92 22.98
CA ASP A 546 -8.36 28.91 23.98
C ASP A 546 -7.13 29.76 24.30
N PRO A 547 -6.67 30.57 23.36
CA PRO A 547 -5.38 31.25 23.56
C PRO A 547 -5.34 32.15 24.78
N GLY A 548 -6.45 32.79 25.13
CA GLY A 548 -6.49 33.65 26.29
C GLY A 548 -6.28 35.11 25.95
N ASP A 549 -5.62 35.83 26.84
CA ASP A 549 -5.34 37.25 26.60
C ASP A 549 -4.34 37.41 25.46
N ALA A 550 -4.55 38.44 24.65
CA ALA A 550 -3.69 38.68 23.50
C ALA A 550 -2.38 39.37 23.87
N GLU A 551 -2.20 39.75 25.13
CA GLU A 551 -0.99 40.49 25.50
C GLU A 551 0.23 39.59 25.56
N ARG A 552 0.07 38.36 26.03
CA ARG A 552 1.23 37.48 26.22
C ARG A 552 1.91 37.17 24.90
N TYR A 553 1.13 36.88 23.86
CA TYR A 553 1.71 36.57 22.57
C TYR A 553 2.16 37.84 21.86
N SER A 554 3.11 37.67 20.95
CA SER A 554 3.55 38.77 20.12
C SER A 554 2.39 39.24 19.25
N PRO A 555 2.31 40.55 18.95
CA PRO A 555 1.15 41.05 18.18
C PRO A 555 0.99 40.39 16.82
N ALA A 556 2.10 40.02 16.17
CA ALA A 556 2.00 39.27 14.94
C ALA A 556 1.63 37.82 15.18
N GLY A 557 2.08 37.23 16.30
CA GLY A 557 1.87 35.82 16.55
C GLY A 557 0.50 35.46 17.07
N TYR A 558 -0.29 36.44 17.52
CA TYR A 558 -1.64 36.14 17.97
C TYR A 558 -2.58 35.92 16.80
N GLU A 559 -2.39 36.69 15.72
CA GLU A 559 -3.21 36.51 14.53
C GLU A 559 -3.02 35.11 13.95
N ARG A 560 -1.78 34.62 13.93
CA ARG A 560 -1.53 33.27 13.43
C ARG A 560 -2.23 32.23 14.29
N ILE A 561 -2.19 32.39 15.61
CA ILE A 561 -2.86 31.46 16.50
C ILE A 561 -4.35 31.44 16.22
N VAL A 562 -4.95 32.63 16.06
CA VAL A 562 -6.38 32.69 15.78
C VAL A 562 -6.69 32.01 14.46
N ALA A 563 -5.88 32.26 13.43
CA ALA A 563 -6.12 31.67 12.12
C ALA A 563 -6.02 30.15 12.17
N LEU A 564 -5.01 29.63 12.87
CA LEU A 564 -4.86 28.19 13.00
C LEU A 564 -6.05 27.60 13.74
N GLY A 565 -6.53 28.29 14.77
CA GLY A 565 -7.71 27.80 15.49
C GLY A 565 -8.92 27.73 14.58
N ARG A 566 -9.14 28.75 13.77
CA ARG A 566 -10.27 28.72 12.83
C ARG A 566 -10.11 27.57 11.84
N GLU A 567 -8.90 27.37 11.33
CA GLU A 567 -8.67 26.29 10.38
C GLU A 567 -8.96 24.93 10.99
N LEU A 568 -8.45 24.68 12.19
CA LEU A 568 -8.64 23.37 12.80
C LEU A 568 -10.09 23.16 13.20
N THR A 569 -10.79 24.21 13.64
CA THR A 569 -12.20 24.05 13.95
C THR A 569 -13.03 23.85 12.70
N MET A 570 -12.58 24.40 11.57
CA MET A 570 -13.20 24.08 10.30
C MET A 570 -13.04 22.60 9.98
N LEU A 571 -11.81 22.10 10.04
CA LEU A 571 -11.55 20.73 9.62
C LEU A 571 -12.12 19.68 10.56
N ARG A 572 -12.05 19.89 11.87
CA ARG A 572 -12.54 18.91 12.83
C ARG A 572 -14.03 18.64 12.69
N ALA A 573 -14.74 19.42 11.88
CA ALA A 573 -16.11 19.08 11.55
C ALA A 573 -16.21 17.99 10.48
N HIS A 574 -15.08 17.62 9.87
CA HIS A 574 -15.08 16.70 8.75
C HIS A 574 -14.93 15.24 9.15
N LEU A 575 -14.66 14.94 10.43
CA LEU A 575 -14.36 13.56 10.80
C LEU A 575 -15.52 12.62 10.54
N GLY A 576 -16.75 13.14 10.40
CA GLY A 576 -17.86 12.29 10.01
C GLY A 576 -17.83 11.90 8.54
N HIS A 577 -17.13 12.67 7.72
CA HIS A 577 -17.05 12.39 6.29
C HIS A 577 -16.25 11.12 6.05
N PRO A 578 -16.43 10.49 4.90
CA PRO A 578 -15.57 9.35 4.56
C PRO A 578 -14.12 9.78 4.50
N LEU A 579 -13.25 8.85 4.90
CA LEU A 579 -11.82 9.14 5.02
C LEU A 579 -11.15 9.56 3.73
N PRO A 580 -11.39 8.92 2.57
CA PRO A 580 -10.71 9.36 1.35
C PRO A 580 -11.14 10.73 0.88
N GLU A 581 -12.30 11.22 1.32
CA GLU A 581 -12.69 12.59 1.00
C GLU A 581 -12.12 13.56 2.02
N LEU A 582 -12.05 13.16 3.29
CA LEU A 582 -11.46 14.02 4.30
C LEU A 582 -10.00 14.32 3.99
N VAL A 583 -9.25 13.31 3.52
CA VAL A 583 -7.84 13.54 3.23
C VAL A 583 -7.68 14.60 2.13
N ALA A 584 -8.44 14.46 1.06
CA ALA A 584 -8.37 15.45 -0.01
C ALA A 584 -8.82 16.83 0.45
N GLU A 585 -9.80 16.88 1.36
CA GLU A 585 -10.22 18.17 1.89
C GLU A 585 -9.10 18.84 2.66
N VAL A 586 -8.37 18.06 3.48
CA VAL A 586 -7.23 18.62 4.20
C VAL A 586 -6.17 19.12 3.24
N ARG A 587 -5.90 18.34 2.18
CA ARG A 587 -4.90 18.76 1.21
C ARG A 587 -5.31 20.06 0.52
N ARG A 588 -6.58 20.20 0.20
CA ARG A 588 -7.06 21.43 -0.43
C ARG A 588 -6.92 22.60 0.53
N VAL A 589 -7.28 22.41 1.80
CA VAL A 589 -7.19 23.52 2.77
C VAL A 589 -5.74 23.98 2.92
N LEU A 590 -4.82 23.03 3.04
CA LEU A 590 -3.42 23.41 3.00
C LEU A 590 -3.04 23.82 1.57
N GLY A 591 -1.90 24.46 1.44
CA GLY A 591 -1.45 24.87 0.12
C GLY A 591 -0.63 23.83 -0.61
N LEU A 592 -0.64 22.59 -0.13
CA LEU A 592 0.29 21.57 -0.62
C LEU A 592 0.19 21.38 -2.12
N ASP A 593 -1.02 21.38 -2.66
CA ASP A 593 -1.18 21.05 -4.08
C ASP A 593 -0.44 22.05 -4.97
N ALA A 594 -0.56 23.35 -4.68
CA ALA A 594 0.16 24.34 -5.46
C ALA A 594 1.64 24.36 -5.11
N GLU A 595 1.97 24.30 -3.82
CA GLU A 595 3.35 24.54 -3.44
C GLU A 595 4.25 23.38 -3.83
N ALA A 596 3.72 22.15 -3.89
CA ALA A 596 4.54 21.03 -4.30
C ALA A 596 5.01 21.19 -5.75
N ARG A 597 4.30 21.99 -6.53
CA ARG A 597 4.74 22.34 -7.87
C ARG A 597 5.59 23.59 -7.89
N ALA A 598 5.28 24.57 -7.04
CA ALA A 598 6.00 25.84 -7.03
C ALA A 598 7.47 25.69 -6.69
N ALA A 599 7.95 24.49 -6.36
CA ALA A 599 9.36 24.26 -6.08
C ALA A 599 9.79 23.10 -6.98
N ARG A 600 10.15 23.43 -8.22
CA ARG A 600 10.45 22.42 -9.22
C ARG A 600 11.21 23.06 -10.36
N PRO A 601 12.25 22.42 -10.89
CA PRO A 601 12.95 22.98 -12.04
C PRO A 601 12.00 23.13 -13.22
N VAL A 602 12.24 24.17 -14.03
CA VAL A 602 11.47 24.34 -15.25
C VAL A 602 11.75 23.21 -16.23
N ALA A 603 12.83 22.45 -16.02
CA ALA A 603 13.14 21.31 -16.86
C ALA A 603 11.97 20.32 -16.88
N ALA A 604 11.63 19.78 -15.72
CA ALA A 604 10.46 18.91 -15.63
C ALA A 604 9.21 19.69 -16.00
N GLY A 605 8.32 19.04 -16.74
CA GLY A 605 7.23 19.77 -17.36
C GLY A 605 6.23 20.37 -16.39
N TRP A 606 5.42 19.53 -15.76
CA TRP A 606 4.39 20.01 -14.84
C TRP A 606 4.28 19.13 -13.59
N ALA A 607 5.22 18.23 -13.36
CA ALA A 607 5.07 17.22 -12.33
C ALA A 607 5.20 17.85 -10.95
N GLY A 608 5.13 17.00 -9.93
CA GLY A 608 5.28 17.45 -8.55
C GLY A 608 4.26 16.84 -7.60
N THR A 609 3.06 16.54 -8.11
CA THR A 609 1.96 16.07 -7.28
C THR A 609 1.80 14.55 -7.32
N GLU A 610 2.75 13.83 -7.91
CA GLU A 610 2.60 12.38 -8.01
C GLU A 610 2.68 11.71 -6.64
N ASN A 611 3.56 12.20 -5.74
CA ASN A 611 3.61 11.63 -4.39
C ASN A 611 2.30 11.84 -3.66
N LEU A 612 1.76 13.06 -3.71
CA LEU A 612 0.48 13.30 -3.07
C LEU A 612 -0.60 12.39 -3.65
N ASP A 613 -0.61 12.22 -4.98
CA ASP A 613 -1.68 11.43 -5.56
C ASP A 613 -1.52 9.95 -5.24
N ARG A 614 -0.29 9.46 -5.14
CA ARG A 614 -0.10 8.07 -4.73
C ARG A 614 -0.49 7.87 -3.27
N PHE A 615 -0.20 8.85 -2.41
CA PHE A 615 -0.64 8.74 -1.03
C PHE A 615 -2.16 8.72 -0.95
N SER A 616 -2.82 9.60 -1.69
CA SER A 616 -4.28 9.60 -1.66
C SER A 616 -4.84 8.34 -2.29
N ASP A 617 -4.07 7.69 -3.18
CA ASP A 617 -4.47 6.38 -3.69
C ASP A 617 -4.41 5.34 -2.60
N LEU A 618 -3.30 5.30 -1.86
CA LEU A 618 -3.18 4.38 -0.74
C LEU A 618 -4.29 4.58 0.27
N VAL A 619 -4.60 5.83 0.59
CA VAL A 619 -5.73 6.14 1.45
C VAL A 619 -7.03 5.63 0.85
N SER A 620 -7.25 5.85 -0.44
CA SER A 620 -8.47 5.38 -1.08
C SER A 620 -8.51 3.87 -1.21
N ASP A 621 -7.40 3.19 -0.97
CA ASP A 621 -7.37 1.73 -1.00
C ASP A 621 -7.60 1.15 0.39
N PHE A 622 -6.87 1.65 1.39
CA PHE A 622 -7.09 1.21 2.77
C PHE A 622 -8.53 1.46 3.20
N ALA A 623 -9.12 2.56 2.76
CA ALA A 623 -10.45 2.92 3.20
C ALA A 623 -11.50 2.02 2.53
N GLY A 624 -12.74 2.17 2.98
CA GLY A 624 -13.80 1.31 2.51
C GLY A 624 -13.54 -0.16 2.75
N HIS A 625 -12.68 -0.48 3.71
CA HIS A 625 -12.13 -1.82 3.90
C HIS A 625 -12.22 -2.12 5.40
N ALA A 626 -13.35 -2.71 5.80
CA ALA A 626 -13.67 -3.14 7.15
C ALA A 626 -13.88 -1.97 8.12
N GLY A 627 -13.66 -0.73 7.69
CA GLY A 627 -13.91 0.40 8.57
C GLY A 627 -13.40 1.74 8.08
N ALA A 628 -14.19 2.79 8.28
CA ALA A 628 -13.71 4.14 7.95
C ALA A 628 -12.46 4.47 8.75
N SER A 629 -12.59 4.59 10.07
CA SER A 629 -11.45 4.55 10.99
C SER A 629 -10.47 5.69 10.76
N VAL A 630 -10.96 6.92 10.93
CA VAL A 630 -10.09 8.09 10.76
C VAL A 630 -8.96 8.06 11.78
N SER A 631 -9.14 7.35 12.88
CA SER A 631 -8.11 7.24 13.91
C SER A 631 -7.41 5.90 13.90
N ALA A 632 -7.91 4.92 13.16
CA ALA A 632 -7.14 3.70 12.92
C ALA A 632 -6.36 3.74 11.62
N LEU A 633 -6.53 4.81 10.84
CA LEU A 633 -5.62 5.03 9.72
C LEU A 633 -4.24 5.38 10.23
N LEU A 634 -4.16 6.26 11.22
CA LEU A 634 -2.86 6.68 11.73
C LEU A 634 -2.10 5.52 12.34
N ALA A 635 -2.81 4.55 12.93
CA ALA A 635 -2.15 3.33 13.37
C ALA A 635 -1.54 2.59 12.20
N TYR A 636 -2.26 2.54 11.07
CA TYR A 636 -1.71 1.92 9.88
C TYR A 636 -0.47 2.67 9.40
N LEU A 637 -0.51 4.00 9.41
CA LEU A 637 0.62 4.77 8.90
C LEU A 637 1.85 4.59 9.79
N ASP A 638 1.67 4.61 11.11
CA ASP A 638 2.81 4.42 12.00
C ASP A 638 3.38 3.02 11.88
N ALA A 639 2.50 2.00 11.83
CA ALA A 639 2.99 0.64 11.63
C ALA A 639 3.72 0.49 10.31
N ALA A 640 3.29 1.21 9.28
CA ALA A 640 4.01 1.20 8.02
C ALA A 640 5.36 1.90 8.14
N VAL A 641 5.44 2.95 8.95
CA VAL A 641 6.74 3.60 9.16
C VAL A 641 7.70 2.64 9.85
N GLU A 642 7.22 1.88 10.83
CA GLU A 642 8.11 1.01 11.58
C GLU A 642 8.64 -0.13 10.71
N VAL A 643 7.75 -0.84 10.01
CA VAL A 643 8.13 -1.97 9.17
C VAL A 643 7.80 -1.61 7.71
N GLU A 644 8.76 -1.88 6.83
CA GLU A 644 8.88 -1.56 5.39
C GLU A 644 9.23 -0.11 5.14
N ASN A 645 9.68 0.63 6.16
CA ASN A 645 10.42 1.88 5.99
C ASN A 645 9.64 2.89 5.15
N GLY A 646 8.53 3.33 5.73
CA GLY A 646 7.64 4.18 4.95
C GLY A 646 6.89 3.34 3.96
N LEU A 647 6.89 3.77 2.70
CA LEU A 647 6.20 3.04 1.64
C LEU A 647 6.97 3.25 0.34
N ALA A 648 6.33 2.91 -0.77
CA ALA A 648 6.98 3.04 -2.06
C ALA A 648 6.65 4.38 -2.70
N PRO A 649 7.63 5.26 -2.91
CA PRO A 649 7.33 6.55 -3.53
C PRO A 649 7.06 6.42 -5.02
N ALA A 650 6.88 7.54 -5.72
CA ALA A 650 6.56 7.50 -7.14
C ALA A 650 7.76 7.14 -8.01
N GLU A 651 8.97 7.19 -7.46
CA GLU A 651 10.19 6.81 -8.17
C GLU A 651 10.34 7.60 -9.47
N LEU A 652 10.49 8.90 -9.33
CA LEU A 652 10.66 9.78 -10.48
C LEU A 652 11.98 9.47 -11.20
N THR A 653 11.92 9.43 -12.52
CA THR A 653 13.10 9.21 -13.35
C THR A 653 13.54 10.53 -13.97
N VAL A 654 14.85 10.72 -14.06
CA VAL A 654 15.44 11.87 -14.73
C VAL A 654 16.51 11.36 -15.68
N SER A 655 16.84 12.20 -16.67
CA SER A 655 17.75 11.81 -17.74
C SER A 655 18.98 12.72 -17.84
N HIS A 656 19.41 13.30 -16.74
CA HIS A 656 20.60 14.16 -16.75
C HIS A 656 21.84 13.29 -16.65
N ASP A 657 23.00 13.92 -16.49
CA ASP A 657 24.26 13.20 -16.28
C ASP A 657 24.51 13.09 -14.77
N ARG A 658 23.62 12.34 -14.12
CA ARG A 658 23.55 12.29 -12.67
C ARG A 658 24.35 11.10 -12.14
N VAL A 659 25.04 11.32 -11.04
CA VAL A 659 25.77 10.25 -10.36
C VAL A 659 24.85 9.59 -9.34
N GLN A 660 24.49 8.34 -9.58
CA GLN A 660 23.58 7.63 -8.69
C GLN A 660 24.33 7.16 -7.45
N ILE A 661 23.60 7.05 -6.34
CA ILE A 661 24.22 6.73 -5.05
C ILE A 661 23.56 5.46 -4.53
N LEU A 662 23.15 4.59 -5.44
CA LEU A 662 22.31 3.45 -5.07
C LEU A 662 23.13 2.37 -4.35
N THR A 663 22.42 1.41 -3.77
CA THR A 663 22.99 0.37 -2.92
C THR A 663 23.33 -0.87 -3.72
N VAL A 664 24.43 -1.54 -3.33
CA VAL A 664 24.92 -2.68 -4.08
C VAL A 664 23.90 -3.82 -4.08
N HIS A 665 23.26 -4.05 -2.94
CA HIS A 665 22.28 -5.14 -2.85
C HIS A 665 21.14 -4.93 -3.83
N ALA A 666 20.77 -3.68 -4.08
CA ALA A 666 19.79 -3.37 -5.11
C ALA A 666 20.49 -3.15 -6.44
N ALA A 667 19.70 -2.92 -7.49
CA ALA A 667 20.22 -2.66 -8.83
C ALA A 667 21.16 -3.77 -9.31
N LYS A 668 20.60 -4.96 -9.48
CA LYS A 668 21.29 -6.03 -10.19
C LYS A 668 20.80 -6.06 -11.63
N GLY A 669 21.74 -6.20 -12.55
CA GLY A 669 21.43 -6.18 -13.97
C GLY A 669 21.56 -4.83 -14.62
N LEU A 670 21.81 -3.77 -13.86
CA LEU A 670 22.08 -2.45 -14.41
C LEU A 670 23.58 -2.31 -14.58
N GLU A 671 24.04 -2.22 -15.83
CA GLU A 671 25.45 -2.07 -16.13
C GLU A 671 25.60 -0.81 -16.98
N TRP A 672 25.96 0.31 -16.35
CA TRP A 672 25.93 1.58 -17.05
C TRP A 672 27.31 2.19 -17.27
N GLN A 673 28.06 2.50 -16.21
CA GLN A 673 29.22 3.37 -16.37
C GLN A 673 30.27 2.99 -15.33
N VAL A 674 31.26 3.89 -15.12
CA VAL A 674 32.23 3.73 -14.05
C VAL A 674 31.56 3.76 -12.70
N VAL A 675 31.91 2.80 -11.85
CA VAL A 675 31.34 2.66 -10.52
C VAL A 675 32.47 2.53 -9.50
N ALA A 676 32.15 2.87 -8.26
CA ALA A 676 33.12 2.79 -7.17
C ALA A 676 32.41 2.26 -5.95
N VAL A 677 33.06 1.37 -5.21
CA VAL A 677 32.53 0.88 -3.94
C VAL A 677 33.36 1.49 -2.82
N PRO A 678 32.84 2.45 -2.07
CA PRO A 678 33.68 3.19 -1.13
C PRO A 678 34.13 2.39 0.08
N HIS A 679 33.20 1.78 0.80
CA HIS A 679 33.48 1.20 2.12
C HIS A 679 33.81 -0.27 1.95
N LEU A 680 35.03 -0.64 2.29
CA LEU A 680 35.44 -2.03 2.39
C LEU A 680 36.25 -2.26 3.66
N SER A 681 35.79 -1.69 4.77
CA SER A 681 36.53 -1.74 6.01
C SER A 681 36.13 -2.99 6.80
N ALA A 682 36.58 -3.06 8.05
CA ALA A 682 36.59 -4.32 8.79
C ALA A 682 35.19 -4.88 8.99
N ARG A 683 34.22 -4.03 9.32
CA ARG A 683 32.91 -4.52 9.70
C ARG A 683 31.78 -3.99 8.83
N VAL A 684 32.07 -3.18 7.81
CA VAL A 684 31.00 -2.65 6.98
C VAL A 684 30.64 -3.61 5.84
N PHE A 685 31.61 -3.95 4.99
CA PHE A 685 31.21 -4.79 3.87
C PHE A 685 31.07 -6.26 4.24
N PRO A 686 32.06 -6.91 4.86
CA PRO A 686 31.84 -8.31 5.25
C PRO A 686 30.63 -8.49 6.13
N SER A 687 30.29 -7.50 6.95
CA SER A 687 29.00 -7.42 7.65
C SER A 687 28.69 -8.68 8.45
N THR A 688 29.74 -9.41 8.83
CA THR A 688 29.56 -10.71 9.45
C THR A 688 29.20 -10.63 10.92
N THR A 689 28.82 -9.45 11.43
CA THR A 689 28.43 -9.32 12.82
C THR A 689 26.97 -9.65 13.05
N GLN A 690 26.08 -9.30 12.12
CA GLN A 690 24.66 -9.56 12.27
C GLN A 690 24.30 -10.99 11.88
N ALA A 691 25.00 -11.95 12.47
CA ALA A 691 24.78 -13.37 12.21
C ALA A 691 24.08 -13.99 13.41
N ARG A 692 22.87 -14.51 13.19
CA ARG A 692 22.11 -15.20 14.22
C ARG A 692 21.77 -16.58 13.68
N THR A 693 22.46 -17.60 14.19
CA THR A 693 22.34 -18.95 13.67
C THR A 693 21.05 -19.60 14.18
N TRP A 694 20.88 -20.88 13.87
CA TRP A 694 19.66 -21.60 14.21
C TRP A 694 19.58 -21.97 15.69
N LEU A 695 20.69 -21.87 16.43
CA LEU A 695 20.70 -22.28 17.81
C LEU A 695 20.60 -21.11 18.79
N THR A 696 20.53 -19.88 18.31
CA THR A 696 20.31 -18.74 19.19
C THR A 696 19.08 -17.94 18.80
N ASP A 697 18.86 -17.71 17.51
CA ASP A 697 17.66 -17.02 17.07
C ASP A 697 16.48 -17.97 17.11
N ALA A 698 15.49 -17.66 17.94
CA ALA A 698 14.32 -18.52 18.06
C ALA A 698 13.45 -18.50 16.81
N SER A 699 13.83 -17.76 15.78
CA SER A 699 13.04 -17.62 14.56
C SER A 699 13.82 -18.08 13.33
N ASP A 700 14.52 -19.19 13.45
CA ASP A 700 15.25 -19.76 12.33
C ASP A 700 15.12 -21.27 12.37
N LEU A 701 14.91 -21.87 11.20
CA LEU A 701 14.66 -23.30 11.13
C LEU A 701 15.95 -24.07 11.41
N PRO A 702 15.89 -25.17 12.17
CA PRO A 702 17.06 -25.99 12.34
C PRO A 702 17.47 -26.63 11.03
N PRO A 703 18.77 -26.87 10.82
CA PRO A 703 19.19 -27.53 9.58
C PRO A 703 18.58 -28.91 9.42
N LEU A 704 18.39 -29.64 10.52
CA LEU A 704 17.83 -30.99 10.43
C LEU A 704 16.44 -30.98 9.80
N LEU A 705 15.76 -29.84 9.85
CA LEU A 705 14.41 -29.73 9.34
C LEU A 705 14.30 -28.83 8.12
N ARG A 706 15.30 -28.01 7.84
CA ARG A 706 15.26 -27.11 6.70
C ARG A 706 15.35 -27.91 5.42
N GLY A 707 14.22 -28.03 4.71
CA GLY A 707 14.13 -28.87 3.52
C GLY A 707 15.16 -28.58 2.46
N ASP A 708 15.89 -27.47 2.60
CA ASP A 708 17.06 -27.23 1.77
C ASP A 708 18.18 -28.20 2.13
N ARG A 709 18.47 -28.33 3.42
CA ARG A 709 19.61 -29.12 3.91
C ARG A 709 20.90 -28.75 3.19
N ALA A 710 21.00 -27.49 2.73
CA ALA A 710 22.23 -27.03 2.10
C ALA A 710 23.36 -26.99 3.11
N THR A 711 23.08 -26.55 4.34
CA THR A 711 24.09 -26.54 5.38
C THR A 711 24.22 -27.91 6.02
N GLU A 712 25.11 -28.00 7.00
CA GLU A 712 25.37 -29.25 7.69
C GLU A 712 24.28 -29.50 8.72
N SER A 713 24.00 -30.78 8.96
CA SER A 713 22.83 -31.17 9.73
C SER A 713 23.11 -31.49 11.19
N GLU A 714 24.33 -31.22 11.68
CA GLU A 714 24.65 -31.42 13.09
C GLU A 714 24.39 -32.87 13.51
N ILE A 715 25.23 -33.76 12.97
CA ILE A 715 25.07 -35.20 13.16
C ILE A 715 24.84 -35.53 14.63
N GLY A 716 25.78 -35.15 15.49
CA GLY A 716 25.64 -35.34 16.93
C GLY A 716 25.36 -36.76 17.39
N VAL A 717 25.42 -37.73 16.48
CA VAL A 717 25.16 -39.11 16.85
C VAL A 717 26.18 -39.63 17.86
N PRO A 718 27.48 -39.46 17.68
CA PRO A 718 28.41 -39.78 18.76
C PRO A 718 28.28 -38.80 19.91
N VAL A 719 28.61 -39.28 21.11
CA VAL A 719 28.52 -38.45 22.30
C VAL A 719 29.91 -38.05 22.76
N ARG A 728 30.22 -34.55 26.74
CA ARG A 728 29.79 -33.16 26.74
C ARG A 728 30.87 -32.26 26.16
N LYS A 729 32.12 -32.46 26.63
CA LYS A 729 33.25 -31.79 26.00
C LYS A 729 33.38 -32.19 24.54
N ILE A 730 32.99 -33.43 24.22
CA ILE A 730 32.89 -33.85 22.83
C ILE A 730 31.84 -33.00 22.11
N LEU A 731 30.69 -32.83 22.74
CA LEU A 731 29.61 -32.05 22.15
C LEU A 731 29.92 -30.56 22.14
N SER A 732 30.43 -30.02 23.25
CA SER A 732 30.71 -28.59 23.33
C SER A 732 31.65 -28.15 22.23
N ASP A 733 32.58 -29.02 21.84
CA ASP A 733 33.44 -28.73 20.70
C ASP A 733 32.71 -28.92 19.38
N LYS A 734 31.81 -29.89 19.31
CA LYS A 734 31.15 -30.19 18.05
C LYS A 734 30.21 -29.07 17.62
N ILE A 735 29.59 -28.39 18.57
CA ILE A 735 28.71 -27.28 18.22
C ILE A 735 29.50 -26.14 17.60
N SER A 736 30.61 -25.75 18.23
CA SER A 736 31.35 -24.59 17.74
C SER A 736 31.85 -24.81 16.32
N ASP A 737 32.23 -26.05 15.98
CA ASP A 737 32.61 -26.34 14.62
C ASP A 737 31.44 -26.13 13.65
N HIS A 738 30.25 -26.56 14.07
CA HIS A 738 29.07 -26.36 13.22
C HIS A 738 28.74 -24.90 13.07
N LYS A 739 28.93 -24.11 14.13
CA LYS A 739 28.70 -22.67 14.03
C LYS A 739 29.70 -22.02 13.09
N LYS A 740 30.97 -22.41 13.19
CA LYS A 740 31.98 -21.86 12.29
C LYS A 740 31.67 -22.21 10.84
N SER A 741 31.24 -23.45 10.59
CA SER A 741 30.80 -23.80 9.24
C SER A 741 29.60 -22.97 8.82
N LEU A 742 28.66 -22.76 9.73
CA LEU A 742 27.51 -21.93 9.45
C LEU A 742 27.85 -20.45 9.36
N ASP A 743 29.09 -20.08 9.74
CA ASP A 743 29.53 -18.71 9.56
C ASP A 743 30.09 -18.48 8.17
N GLN A 744 30.87 -19.44 7.66
CA GLN A 744 31.45 -19.30 6.33
C GLN A 744 30.39 -19.15 5.25
N ARG A 745 29.16 -19.58 5.51
CA ARG A 745 28.09 -19.29 4.57
C ARG A 745 27.81 -17.81 4.50
N ARG A 746 27.89 -17.10 5.62
CA ARG A 746 27.68 -15.66 5.61
C ARG A 746 28.74 -14.96 4.78
N VAL A 747 30.01 -15.37 4.92
CA VAL A 747 31.07 -14.83 4.08
C VAL A 747 30.81 -15.16 2.62
N ASP A 748 30.41 -16.40 2.35
CA ASP A 748 30.10 -16.79 0.97
C ASP A 748 28.92 -16.02 0.41
N GLU A 749 28.12 -15.39 1.26
CA GLU A 749 27.06 -14.52 0.77
C GLU A 749 27.53 -13.09 0.58
N GLU A 750 28.80 -12.78 0.86
CA GLU A 750 29.31 -11.45 0.57
C GLU A 750 30.18 -11.40 -0.67
N ARG A 751 30.90 -12.48 -0.98
CA ARG A 751 31.57 -12.56 -2.27
C ARG A 751 30.59 -12.28 -3.39
N ARG A 752 29.39 -12.85 -3.29
CA ARG A 752 28.39 -12.67 -4.36
C ARG A 752 27.93 -11.22 -4.44
N LEU A 753 27.77 -10.54 -3.30
CA LEU A 753 27.55 -9.09 -3.36
C LEU A 753 28.74 -8.38 -4.00
N LEU A 754 29.94 -8.71 -3.56
CA LEU A 754 31.12 -8.05 -4.11
C LEU A 754 31.31 -8.37 -5.58
N TYR A 755 31.08 -9.62 -5.97
CA TYR A 755 31.20 -9.99 -7.38
C TYR A 755 30.15 -9.27 -8.21
N VAL A 756 28.93 -9.13 -7.69
CA VAL A 756 27.91 -8.38 -8.41
C VAL A 756 28.33 -6.92 -8.54
N ALA A 757 28.90 -6.34 -7.48
CA ALA A 757 29.33 -4.94 -7.55
C ALA A 757 30.44 -4.75 -8.57
N ILE A 758 31.43 -5.63 -8.56
CA ILE A 758 32.55 -5.53 -9.51
C ILE A 758 32.05 -5.69 -10.93
N THR A 759 31.17 -6.66 -11.16
CA THR A 759 30.72 -6.96 -12.51
C THR A 759 29.72 -5.92 -13.03
N ARG A 760 29.57 -4.79 -12.35
CA ARG A 760 28.86 -3.66 -12.92
C ARG A 760 29.82 -2.58 -13.44
N ALA A 761 31.12 -2.85 -13.45
CA ALA A 761 32.13 -1.87 -13.82
C ALA A 761 32.16 -1.71 -15.32
N GLU A 762 31.27 -0.87 -15.85
CA GLU A 762 31.21 -0.70 -17.29
C GLU A 762 32.42 0.02 -17.86
N ASP A 763 32.98 0.99 -17.12
CA ASP A 763 34.07 1.80 -17.63
C ASP A 763 35.37 1.58 -16.88
N THR A 764 35.38 1.83 -15.57
CA THR A 764 36.56 1.69 -14.71
C THR A 764 36.07 1.50 -13.28
N LEU A 765 37.00 1.22 -12.37
CA LEU A 765 36.67 1.07 -10.96
C LEU A 765 37.48 2.01 -10.09
N LEU A 766 36.87 2.43 -8.99
CA LEU A 766 37.53 3.18 -7.94
C LEU A 766 37.19 2.59 -6.58
N LEU A 767 37.30 1.27 -6.45
CA LEU A 767 37.11 0.62 -5.18
C LEU A 767 38.13 1.13 -4.17
N SER A 768 37.74 1.18 -2.90
CA SER A 768 38.56 1.79 -1.88
C SER A 768 38.24 1.20 -0.53
N GLY A 769 39.06 1.55 0.45
CA GLY A 769 38.82 1.14 1.82
C GLY A 769 39.26 2.18 2.83
N HIS A 770 38.34 2.59 3.70
CA HIS A 770 38.64 3.65 4.65
C HIS A 770 39.25 3.06 5.92
N HIS A 771 39.33 3.88 6.96
CA HIS A 771 40.00 3.56 8.20
C HIS A 771 39.63 4.61 9.23
N TRP A 772 39.49 4.20 10.49
CA TRP A 772 39.00 5.07 11.55
C TRP A 772 37.62 5.64 11.21
N GLY A 773 36.66 4.73 11.12
CA GLY A 773 35.29 5.14 10.89
C GLY A 773 34.80 6.13 11.93
N ALA A 774 33.65 6.72 11.64
CA ALA A 774 33.12 7.77 12.49
C ALA A 774 32.55 7.21 13.79
N THR A 775 32.76 7.95 14.88
CA THR A 775 32.12 7.70 16.17
C THR A 775 32.44 6.29 16.69
N GLU A 776 33.71 6.10 17.01
CA GLU A 776 34.20 4.83 17.56
C GLU A 776 35.54 5.09 18.26
N SER A 777 36.23 4.01 18.60
CA SER A 777 37.50 4.10 19.32
C SER A 777 38.64 3.32 18.68
N LYS A 778 38.34 2.30 17.87
CA LYS A 778 39.40 1.44 17.37
C LYS A 778 39.55 1.58 15.86
N PRO A 779 40.72 1.21 15.32
CA PRO A 779 41.00 1.52 13.90
C PRO A 779 40.05 0.88 12.91
N ARG A 780 39.55 -0.32 13.16
CA ARG A 780 38.78 -1.05 12.14
C ARG A 780 39.48 -1.06 10.79
N GLY A 781 40.63 -1.71 10.71
CA GLY A 781 41.43 -1.74 9.50
C GLY A 781 40.70 -2.31 8.31
N PRO A 782 41.39 -2.39 7.17
CA PRO A 782 40.76 -2.97 5.99
C PRO A 782 40.42 -4.43 6.24
N SER A 783 39.29 -4.86 5.72
CA SER A 783 38.79 -6.19 6.00
C SER A 783 39.40 -7.18 5.01
N GLU A 784 38.90 -8.41 5.04
CA GLU A 784 38.97 -9.25 3.87
C GLU A 784 38.27 -8.53 2.72
N PHE A 785 38.44 -9.06 1.52
CA PHE A 785 37.96 -8.54 0.25
C PHE A 785 38.84 -7.40 -0.23
N LEU A 786 39.79 -6.95 0.57
CA LEU A 786 40.67 -5.84 0.19
C LEU A 786 42.13 -6.23 0.23
N CYS A 787 42.58 -6.85 1.31
CA CYS A 787 43.95 -7.36 1.34
C CYS A 787 44.16 -8.36 0.22
N GLU A 788 43.27 -9.35 0.09
CA GLU A 788 43.32 -10.24 -1.06
C GLU A 788 43.12 -9.47 -2.36
N LEU A 789 42.31 -8.41 -2.33
CA LEU A 789 42.14 -7.59 -3.51
C LEU A 789 43.41 -6.83 -3.82
N LYS A 790 44.12 -6.37 -2.79
CA LYS A 790 45.42 -5.76 -3.00
C LYS A 790 46.37 -6.74 -3.68
N THR A 791 46.45 -7.97 -3.16
CA THR A 791 47.36 -8.95 -3.74
C THR A 791 47.00 -9.24 -5.18
N ILE A 792 45.71 -9.49 -5.46
CA ILE A 792 45.31 -9.81 -6.82
C ILE A 792 45.52 -8.61 -7.75
N LEU A 793 45.51 -7.39 -7.20
CA LEU A 793 45.80 -6.23 -8.04
C LEU A 793 47.29 -6.12 -8.34
N GLU A 794 48.15 -6.40 -7.37
CA GLU A 794 49.57 -6.10 -7.52
C GLU A 794 50.34 -7.18 -8.24
N GLU A 795 49.67 -8.20 -8.80
CA GLU A 795 50.34 -9.24 -9.56
C GLU A 795 49.90 -9.27 -11.01
N ALA A 796 49.76 -8.09 -11.64
CA ALA A 796 49.27 -8.00 -13.00
C ALA A 796 49.76 -6.69 -13.60
N THR A 797 49.19 -6.33 -14.75
CA THR A 797 49.56 -5.10 -15.47
C THR A 797 49.44 -3.86 -14.58
N CYS A 803 45.35 -5.49 -12.92
CA CYS A 803 45.71 -4.29 -13.68
C CYS A 803 45.48 -3.04 -12.84
N GLY A 804 45.92 -3.06 -11.59
CA GLY A 804 45.53 -2.04 -10.64
C GLY A 804 46.55 -1.02 -10.25
N GLU A 805 46.08 0.16 -9.84
CA GLU A 805 46.90 1.22 -9.28
C GLU A 805 46.61 1.35 -7.79
N ILE A 806 47.67 1.48 -7.00
CA ILE A 806 47.56 1.59 -5.55
C ILE A 806 47.73 3.06 -5.19
N GLU A 807 46.85 3.57 -4.34
CA GLU A 807 46.87 4.99 -4.00
C GLU A 807 46.74 5.20 -2.50
N HIS A 808 47.81 5.71 -1.91
CA HIS A 808 47.93 6.28 -0.57
C HIS A 808 47.98 5.27 0.57
N TRP A 809 47.51 4.04 0.36
CA TRP A 809 47.78 2.87 1.20
C TRP A 809 48.09 3.22 2.66
N ALA A 810 47.19 3.91 3.34
CA ALA A 810 47.53 4.51 4.63
C ALA A 810 47.94 3.45 5.65
N PRO A 811 49.11 3.56 6.27
CA PRO A 811 49.51 2.59 7.29
C PRO A 811 48.55 2.61 8.47
N ASP A 812 48.39 1.45 9.10
CA ASP A 812 47.43 1.29 10.19
C ASP A 812 47.98 1.89 11.47
N PRO A 813 47.32 2.89 12.06
CA PRO A 813 47.74 3.43 13.35
C PRO A 813 47.31 2.56 14.52
N PRO A 820 43.02 7.57 18.65
CA PRO A 820 42.34 8.86 18.77
C PRO A 820 41.82 9.36 17.42
N LEU A 821 40.50 9.40 17.25
CA LEU A 821 39.91 9.75 15.96
C LEU A 821 38.95 10.92 16.16
N ARG A 822 38.18 11.22 15.12
CA ARG A 822 37.45 12.48 15.03
C ARG A 822 36.38 12.61 16.10
N ASP A 823 36.12 13.86 16.50
CA ASP A 823 35.06 14.17 17.44
C ASP A 823 34.28 15.42 17.02
N GLN A 824 34.49 15.94 15.81
CA GLN A 824 33.77 17.11 15.36
C GLN A 824 32.30 16.79 15.17
N VAL A 825 31.45 17.78 15.45
CA VAL A 825 30.01 17.57 15.54
C VAL A 825 29.31 18.37 14.45
N VAL A 826 28.04 18.06 14.26
CA VAL A 826 27.19 18.70 13.25
C VAL A 826 26.19 19.58 13.96
N GLU A 827 25.87 20.72 13.36
CA GLU A 827 24.97 21.69 13.98
C GLU A 827 24.18 22.42 12.91
N ALA A 828 23.07 23.00 13.33
CA ALA A 828 22.28 23.85 12.46
C ALA A 828 21.36 24.69 13.34
N LEU A 829 21.57 26.00 13.35
CA LEU A 829 20.71 26.88 14.14
C LEU A 829 19.27 26.75 13.67
N TRP A 830 18.33 26.84 14.60
CA TRP A 830 17.00 26.40 14.24
C TRP A 830 16.30 27.30 13.22
N PRO A 831 15.91 28.53 13.55
CA PRO A 831 15.10 29.29 12.61
C PRO A 831 15.95 29.84 11.49
N PRO A 832 15.82 29.30 10.29
CA PRO A 832 16.77 29.63 9.23
C PRO A 832 16.55 31.04 8.71
N VAL A 833 17.61 31.61 8.15
CA VAL A 833 17.55 32.95 7.60
C VAL A 833 17.82 32.90 6.10
N ASP A 838 18.04 36.56 -3.27
CA ASP A 838 17.62 35.20 -3.57
C ASP A 838 16.68 35.16 -4.77
N HIS A 839 16.66 34.04 -5.48
CA HIS A 839 15.81 33.92 -6.66
C HIS A 839 14.35 34.07 -6.31
N VAL A 840 13.90 33.45 -5.21
CA VAL A 840 12.51 33.56 -4.80
C VAL A 840 12.16 35.01 -4.49
N HIS A 841 13.04 35.71 -3.77
CA HIS A 841 12.74 37.09 -3.38
C HIS A 841 12.71 38.01 -4.59
N ARG A 842 13.65 37.84 -5.52
CA ARG A 842 13.64 38.66 -6.72
C ARG A 842 12.40 38.38 -7.56
N GLY A 843 12.01 37.11 -7.67
CA GLY A 843 10.79 36.79 -8.38
C GLY A 843 9.56 37.38 -7.72
N ALA A 844 9.53 37.37 -6.39
CA ALA A 844 8.42 37.97 -5.67
C ALA A 844 8.34 39.47 -5.92
N GLN A 845 9.50 40.15 -5.92
CA GLN A 845 9.53 41.57 -6.24
C GLN A 845 9.05 41.81 -7.66
N LEU A 846 9.45 40.96 -8.59
CA LEU A 846 8.99 41.08 -9.98
C LEU A 846 7.49 40.94 -10.08
N VAL A 847 6.92 39.95 -9.39
CA VAL A 847 5.47 39.76 -9.41
C VAL A 847 4.78 40.97 -8.80
N ALA A 848 5.32 41.50 -7.70
CA ALA A 848 4.71 42.66 -7.07
C ALA A 848 4.73 43.86 -8.01
N ALA A 849 5.84 44.06 -8.71
CA ALA A 849 5.90 45.14 -9.69
C ALA A 849 4.89 44.94 -10.81
N ALA A 850 4.71 43.68 -11.22
CA ALA A 850 3.70 43.39 -12.24
C ALA A 850 2.29 43.72 -11.75
N MET A 851 1.97 43.39 -10.50
CA MET A 851 0.68 43.76 -9.95
C MET A 851 0.52 45.27 -9.87
N ALA A 852 1.59 45.97 -9.51
CA ALA A 852 1.54 47.43 -9.46
C ALA A 852 1.28 48.01 -10.85
N GLY A 853 1.95 47.48 -11.87
CA GLY A 853 1.77 47.95 -13.23
C GLY A 853 3.06 47.96 -14.02
N GLN A 861 5.32 31.56 -26.41
CA GLN A 861 4.82 31.19 -25.09
C GLN A 861 4.10 29.85 -25.13
N GLU A 862 3.55 29.45 -23.98
CA GLU A 862 2.89 28.17 -23.82
C GLU A 862 1.38 28.25 -23.94
N GLY A 863 0.83 29.41 -24.29
CA GLY A 863 -0.60 29.55 -24.35
C GLY A 863 -1.24 29.85 -23.01
N TRP A 864 -0.49 30.44 -22.08
CA TRP A 864 -0.99 30.65 -20.73
C TRP A 864 -2.16 31.62 -20.70
N ALA A 865 -2.20 32.59 -21.62
CA ALA A 865 -3.26 33.59 -21.59
C ALA A 865 -4.63 32.96 -21.81
N ALA A 866 -4.73 32.04 -22.77
CA ALA A 866 -6.00 31.38 -23.01
C ALA A 866 -6.42 30.53 -21.82
N ASP A 867 -5.46 29.83 -21.22
CA ASP A 867 -5.77 29.00 -20.06
C ASP A 867 -6.29 29.84 -18.91
N VAL A 868 -5.63 30.99 -18.65
CA VAL A 868 -6.06 31.86 -17.57
C VAL A 868 -7.44 32.44 -17.87
N ASP A 869 -7.68 32.83 -19.13
CA ASP A 869 -9.00 33.35 -19.49
C ASP A 869 -10.07 32.29 -19.27
N ALA A 870 -9.77 31.04 -19.60
CA ALA A 870 -10.73 29.96 -19.40
C ALA A 870 -11.01 29.74 -17.93
N LEU A 871 -9.97 29.76 -17.09
CA LEU A 871 -10.18 29.59 -15.65
C LEU A 871 -11.03 30.72 -15.09
N LEU A 872 -10.76 31.96 -15.49
CA LEU A 872 -11.56 33.07 -15.00
C LEU A 872 -13.00 33.01 -15.52
N ALA A 873 -13.21 32.56 -16.76
CA ALA A 873 -14.56 32.35 -17.25
C ALA A 873 -15.29 31.30 -16.42
N GLU A 874 -14.56 30.28 -15.96
CA GLU A 874 -15.14 29.35 -15.00
C GLU A 874 -15.52 30.06 -13.71
N ARG A 875 -14.64 30.93 -13.23
CA ARG A 875 -14.88 31.57 -11.94
C ARG A 875 -16.10 32.49 -11.98
N GLU A 876 -16.31 33.19 -13.10
CA GLU A 876 -17.40 34.16 -13.18
C GLU A 876 -18.75 33.49 -12.93
N ARG A 877 -19.15 32.60 -13.83
CA ARG A 877 -20.38 31.81 -13.69
C ARG A 877 -21.57 32.65 -13.25
N LEU B 17 -43.09 -3.17 -47.66
CA LEU B 17 -42.73 -3.81 -46.40
C LEU B 17 -42.83 -2.82 -45.25
N LEU B 18 -43.10 -3.34 -44.06
CA LEU B 18 -43.18 -2.53 -42.83
C LEU B 18 -44.22 -1.41 -43.00
N GLU B 19 -45.47 -1.83 -43.18
CA GLU B 19 -46.57 -0.92 -43.46
C GLU B 19 -47.85 -1.53 -42.92
N PRO B 20 -48.92 -0.75 -42.79
CA PRO B 20 -50.19 -1.31 -42.33
C PRO B 20 -50.67 -2.42 -43.25
N GLY B 21 -51.20 -3.49 -42.64
CA GLY B 21 -51.70 -4.62 -43.40
C GLY B 21 -50.63 -5.41 -44.13
N SER B 22 -49.39 -5.38 -43.65
CA SER B 22 -48.30 -6.07 -44.32
C SER B 22 -48.22 -7.52 -43.81
N ASN B 23 -47.15 -8.21 -44.18
CA ASN B 23 -47.05 -9.65 -43.95
C ASN B 23 -46.83 -9.96 -42.48
N GLY B 24 -46.92 -11.25 -42.15
CA GLY B 24 -46.87 -11.67 -40.75
C GLY B 24 -45.51 -11.45 -40.11
N VAL B 25 -44.43 -11.63 -40.86
CA VAL B 25 -43.08 -11.57 -40.32
C VAL B 25 -42.20 -10.75 -41.24
N VAL B 26 -41.33 -9.93 -40.66
CA VAL B 26 -40.37 -9.15 -41.43
C VAL B 26 -39.12 -8.96 -40.59
N ARG B 27 -37.96 -8.98 -41.24
CA ARG B 27 -36.67 -8.88 -40.58
C ARG B 27 -36.08 -7.50 -40.81
N LEU B 28 -35.55 -6.91 -39.75
CA LEU B 28 -34.94 -5.59 -39.80
C LEU B 28 -33.53 -5.66 -39.23
N LEU B 29 -32.58 -5.03 -39.92
CA LEU B 29 -31.20 -5.08 -39.47
C LEU B 29 -30.45 -3.89 -40.05
N GLY B 30 -29.33 -3.57 -39.42
CA GLY B 30 -28.52 -2.44 -39.87
C GLY B 30 -27.41 -2.16 -38.88
N GLY B 31 -26.41 -1.44 -39.37
CA GLY B 31 -25.24 -1.11 -38.59
C GLY B 31 -25.56 -0.22 -37.41
N PRO B 32 -24.63 -0.15 -36.44
CA PRO B 32 -24.90 0.59 -35.22
C PRO B 32 -25.05 2.08 -35.49
N GLY B 33 -25.86 2.72 -34.66
CA GLY B 33 -26.16 4.13 -34.79
C GLY B 33 -27.35 4.43 -35.67
N THR B 34 -27.72 3.52 -36.57
CA THR B 34 -28.83 3.74 -37.47
C THR B 34 -30.13 3.89 -36.68
N GLY B 35 -31.19 4.30 -37.36
CA GLY B 35 -32.42 4.61 -36.69
C GLY B 35 -33.25 3.45 -36.21
N LYS B 36 -32.66 2.25 -36.12
CA LYS B 36 -33.46 1.04 -35.86
C LYS B 36 -34.24 1.14 -34.57
N SER B 37 -33.61 1.61 -33.50
CA SER B 37 -34.30 1.68 -32.21
C SER B 37 -35.48 2.63 -32.26
N SER B 38 -35.33 3.78 -32.92
CA SER B 38 -36.40 4.75 -33.05
C SER B 38 -37.23 4.57 -34.32
N LEU B 39 -36.77 3.73 -35.26
CA LEU B 39 -37.57 3.46 -36.45
C LEU B 39 -38.89 2.79 -36.08
N LEU B 40 -38.84 1.83 -35.16
CA LEU B 40 -40.02 1.04 -34.82
C LEU B 40 -41.09 1.87 -34.14
N VAL B 41 -40.75 3.06 -33.64
CA VAL B 41 -41.72 3.87 -32.92
C VAL B 41 -42.86 4.32 -33.83
N ASP B 42 -42.52 4.76 -35.05
CA ASP B 42 -43.52 5.37 -35.92
C ASP B 42 -44.64 4.39 -36.27
N THR B 43 -44.29 3.15 -36.59
CA THR B 43 -45.32 2.17 -36.95
C THR B 43 -46.21 1.83 -35.77
N ALA B 44 -45.72 2.04 -34.55
CA ALA B 44 -46.57 1.83 -33.37
C ALA B 44 -47.56 2.98 -33.20
N VAL B 45 -47.13 4.21 -33.49
CA VAL B 45 -47.99 5.37 -33.26
C VAL B 45 -49.18 5.36 -34.21
N GLN B 46 -48.94 5.08 -35.49
CA GLN B 46 -50.03 5.11 -36.47
C GLN B 46 -51.07 4.04 -36.16
N HIS B 47 -50.64 2.86 -35.73
CA HIS B 47 -51.57 1.81 -35.33
C HIS B 47 -52.24 2.16 -34.01
N ASP B 53 -56.14 0.09 -33.06
CA ASP B 53 -56.21 -0.21 -31.64
C ASP B 53 -55.15 0.53 -30.84
N PRO B 54 -55.49 0.91 -29.61
CA PRO B 54 -54.45 1.38 -28.68
C PRO B 54 -53.68 0.20 -28.11
N GLU B 55 -54.38 -0.91 -27.93
CA GLU B 55 -53.80 -2.16 -27.47
C GLU B 55 -53.36 -2.99 -28.67
N SER B 56 -53.08 -4.28 -28.43
CA SER B 56 -52.65 -5.26 -29.43
C SER B 56 -51.24 -4.99 -29.93
N VAL B 57 -50.51 -4.07 -29.31
CA VAL B 57 -49.13 -3.76 -29.65
C VAL B 57 -48.25 -4.09 -28.45
N LEU B 58 -47.19 -4.85 -28.69
CA LEU B 58 -46.27 -5.26 -27.64
C LEU B 58 -44.85 -4.92 -28.07
N LEU B 59 -44.12 -4.24 -27.20
CA LEU B 59 -42.73 -3.85 -27.46
C LEU B 59 -41.84 -4.53 -26.44
N LEU B 60 -40.92 -5.36 -26.92
CA LEU B 60 -39.98 -6.09 -26.07
C LEU B 60 -38.59 -5.52 -26.36
N THR B 61 -38.05 -4.76 -25.40
CA THR B 61 -36.84 -3.99 -25.66
C THR B 61 -35.56 -4.73 -25.23
N GLY B 62 -35.43 -5.12 -23.97
CA GLY B 62 -34.20 -5.75 -23.52
C GLY B 62 -33.74 -5.32 -22.14
N SER B 63 -34.24 -4.18 -21.67
CA SER B 63 -33.93 -3.72 -20.33
C SER B 63 -34.90 -2.62 -19.94
N ALA B 64 -35.21 -2.55 -18.64
CA ALA B 64 -36.18 -1.57 -18.16
C ALA B 64 -35.68 -0.14 -18.32
N ARG B 65 -34.36 0.05 -18.34
CA ARG B 65 -33.82 1.37 -18.64
C ARG B 65 -34.14 1.77 -20.08
N LEU B 66 -34.06 0.81 -21.00
CA LEU B 66 -34.52 1.05 -22.37
C LEU B 66 -36.01 1.30 -22.43
N ARG B 67 -36.78 0.66 -21.54
CA ARG B 67 -38.23 0.84 -21.52
C ARG B 67 -38.58 2.30 -21.24
N THR B 68 -37.84 2.94 -20.34
CA THR B 68 -38.12 4.35 -20.04
C THR B 68 -38.03 5.19 -21.31
N ALA B 69 -36.93 5.08 -22.04
CA ALA B 69 -36.75 5.87 -23.25
C ALA B 69 -37.79 5.51 -24.31
N ALA B 70 -38.05 4.23 -24.52
CA ALA B 70 -38.97 3.83 -25.57
C ALA B 70 -40.39 4.30 -25.28
N ARG B 71 -40.88 4.03 -24.07
CA ARG B 71 -42.22 4.48 -23.71
C ARG B 71 -42.32 5.99 -23.71
N ALA B 72 -41.28 6.68 -23.22
CA ALA B 72 -41.30 8.13 -23.24
C ALA B 72 -41.45 8.65 -24.66
N ALA B 73 -40.64 8.13 -25.59
CA ALA B 73 -40.72 8.56 -26.98
C ALA B 73 -42.11 8.31 -27.55
N ILE B 74 -42.62 7.09 -27.40
CA ILE B 74 -43.89 6.74 -28.03
C ILE B 74 -45.03 7.55 -27.45
N THR B 75 -45.12 7.61 -26.11
CA THR B 75 -46.21 8.33 -25.47
C THR B 75 -46.15 9.83 -25.76
N ALA B 76 -44.96 10.42 -25.69
CA ALA B 76 -44.84 11.85 -25.98
C ALA B 76 -45.04 12.18 -27.44
N ARG B 77 -44.89 11.20 -28.34
CA ARG B 77 -45.28 11.44 -29.73
C ARG B 77 -46.77 11.26 -29.94
N LEU B 78 -47.42 10.41 -29.15
CA LEU B 78 -48.88 10.32 -29.18
C LEU B 78 -49.51 11.54 -28.52
N GLY B 85 -55.20 12.97 -24.18
CA GLY B 85 -56.05 12.83 -23.02
C GLY B 85 -56.56 11.41 -22.81
N VAL B 86 -57.09 10.82 -23.87
CA VAL B 86 -57.60 9.45 -23.83
C VAL B 86 -56.61 8.45 -24.42
N VAL B 87 -55.39 8.91 -24.77
CA VAL B 87 -54.38 8.01 -25.31
C VAL B 87 -53.95 7.04 -24.23
N ARG B 88 -53.87 5.76 -24.59
CA ARG B 88 -53.58 4.69 -23.65
C ARG B 88 -52.16 4.19 -23.85
N GLU B 89 -51.47 3.90 -22.74
CA GLU B 89 -50.08 3.49 -22.82
C GLU B 89 -49.97 2.15 -23.53
N PRO B 90 -49.20 2.05 -24.61
CA PRO B 90 -48.94 0.74 -25.21
C PRO B 90 -48.12 -0.14 -24.27
N LEU B 91 -48.40 -1.43 -24.32
CA LEU B 91 -47.77 -2.37 -23.40
C LEU B 91 -46.33 -2.59 -23.83
N VAL B 92 -45.42 -1.87 -23.16
CA VAL B 92 -44.00 -1.91 -23.48
C VAL B 92 -43.28 -2.56 -22.30
N ARG B 93 -42.66 -3.72 -22.53
CA ARG B 93 -42.11 -4.52 -21.45
C ARG B 93 -40.89 -5.28 -21.96
N THR B 94 -40.42 -6.24 -21.18
CA THR B 94 -39.19 -6.98 -21.44
C THR B 94 -39.52 -8.46 -21.57
N VAL B 95 -38.52 -9.25 -21.96
CA VAL B 95 -38.73 -10.69 -22.15
C VAL B 95 -39.01 -11.38 -20.83
N HIS B 96 -38.21 -11.08 -19.80
CA HIS B 96 -38.43 -11.71 -18.50
C HIS B 96 -39.77 -11.30 -17.91
N SER B 97 -40.10 -10.01 -18.00
CA SER B 97 -41.40 -9.54 -17.50
C SER B 97 -42.55 -10.18 -18.26
N TYR B 98 -42.41 -10.32 -19.58
CA TYR B 98 -43.46 -10.94 -20.37
C TYR B 98 -43.61 -12.41 -20.00
N ALA B 99 -42.51 -13.12 -19.75
CA ALA B 99 -42.61 -14.50 -19.30
C ALA B 99 -43.31 -14.59 -17.95
N PHE B 100 -43.01 -13.64 -17.05
CA PHE B 100 -43.71 -13.61 -15.78
C PHE B 100 -45.20 -13.39 -15.96
N ALA B 101 -45.57 -12.50 -16.87
CA ALA B 101 -46.99 -12.28 -17.14
C ALA B 101 -47.64 -13.49 -17.79
N VAL B 102 -46.89 -14.22 -18.62
CA VAL B 102 -47.40 -15.47 -19.18
C VAL B 102 -47.69 -16.47 -18.08
N LEU B 103 -46.78 -16.59 -17.11
CA LEU B 103 -47.05 -17.46 -15.97
C LEU B 103 -48.21 -16.94 -15.13
N ARG B 104 -48.37 -15.62 -15.05
CA ARG B 104 -49.53 -15.05 -14.37
C ARG B 104 -50.82 -15.51 -15.01
N LEU B 105 -50.89 -15.44 -16.34
CA LEU B 105 -52.09 -15.93 -17.04
C LEU B 105 -52.23 -17.43 -16.86
N ALA B 106 -51.12 -18.17 -16.89
CA ALA B 106 -51.15 -19.61 -16.66
C ALA B 106 -51.57 -19.96 -15.24
N ALA B 107 -51.58 -19.01 -14.33
CA ALA B 107 -52.12 -19.26 -12.99
C ALA B 107 -53.65 -19.32 -12.96
N GLN B 108 -54.31 -19.32 -14.13
CA GLN B 108 -55.76 -19.47 -14.18
C GLN B 108 -56.16 -20.90 -13.82
N THR B 119 -34.93 -15.06 -5.15
CA THR B 119 -33.79 -14.19 -5.41
C THR B 119 -32.47 -14.95 -5.22
N SER B 120 -31.37 -14.33 -5.67
CA SER B 120 -30.09 -15.03 -5.70
C SER B 120 -29.56 -15.32 -4.30
N ALA B 121 -29.89 -14.47 -3.32
CA ALA B 121 -29.42 -14.73 -1.95
C ALA B 121 -30.05 -16.00 -1.38
N GLU B 122 -31.38 -16.10 -1.47
CA GLU B 122 -32.07 -17.29 -1.02
C GLU B 122 -31.68 -18.50 -1.86
N GLN B 123 -31.39 -18.28 -3.14
CA GLN B 123 -30.87 -19.34 -4.00
C GLN B 123 -29.55 -19.89 -3.47
N ASP B 124 -28.61 -19.00 -3.15
CA ASP B 124 -27.33 -19.45 -2.62
C ASP B 124 -27.49 -20.14 -1.28
N GLY B 125 -28.42 -19.66 -0.46
CA GLY B 125 -28.70 -20.35 0.80
C GLY B 125 -29.16 -21.78 0.56
N ILE B 126 -30.11 -21.95 -0.36
CA ILE B 126 -30.58 -23.30 -0.70
C ILE B 126 -29.41 -24.16 -1.17
N ILE B 127 -28.59 -23.63 -2.08
CA ILE B 127 -27.55 -24.46 -2.69
C ILE B 127 -26.51 -24.85 -1.65
N ARG B 128 -26.11 -23.91 -0.78
CA ARG B 128 -25.11 -24.23 0.22
C ARG B 128 -25.63 -25.24 1.22
N GLU B 129 -26.88 -25.10 1.67
CA GLU B 129 -27.40 -26.11 2.59
C GLU B 129 -27.56 -27.47 1.90
N LEU B 130 -27.90 -27.46 0.60
CA LEU B 130 -27.98 -28.73 -0.12
C LEU B 130 -26.63 -29.43 -0.18
N LEU B 131 -25.55 -28.68 -0.44
CA LEU B 131 -24.23 -29.27 -0.44
C LEU B 131 -23.82 -29.75 0.95
N ALA B 132 -24.17 -28.98 1.98
CA ALA B 132 -23.88 -29.41 3.34
C ALA B 132 -24.58 -30.72 3.66
N GLY B 133 -25.84 -30.86 3.23
CA GLY B 133 -26.52 -32.13 3.39
C GLY B 133 -25.89 -33.25 2.59
N ASP B 134 -25.48 -32.95 1.35
CA ASP B 134 -24.89 -33.98 0.51
C ASP B 134 -23.55 -34.46 1.06
N LEU B 135 -22.89 -33.63 1.87
CA LEU B 135 -21.65 -34.08 2.49
C LEU B 135 -21.87 -35.17 3.53
N GLU B 136 -23.12 -35.46 3.90
CA GLU B 136 -23.38 -36.45 4.94
C GLU B 136 -22.96 -37.84 4.52
N ASP B 137 -23.38 -38.27 3.33
CA ASP B 137 -23.20 -39.65 2.89
C ASP B 137 -22.03 -39.77 1.92
N GLY B 138 -21.43 -40.96 1.89
CA GLY B 138 -20.32 -41.24 1.00
C GLY B 138 -20.49 -42.54 0.24
N TRP B 145 -20.35 -36.76 -6.83
CA TRP B 145 -19.10 -36.07 -7.13
C TRP B 145 -17.94 -37.05 -7.16
N PRO B 146 -16.96 -36.78 -8.04
CA PRO B 146 -15.91 -37.79 -8.31
C PRO B 146 -15.01 -38.09 -7.13
N GLU B 147 -15.25 -37.51 -5.95
CA GLU B 147 -14.52 -37.73 -4.71
C GLU B 147 -13.15 -37.05 -4.75
N GLN B 148 -12.70 -36.54 -5.90
CA GLN B 148 -11.49 -35.74 -5.91
C GLN B 148 -11.73 -34.39 -5.26
N LEU B 149 -12.99 -33.96 -5.19
CA LEU B 149 -13.34 -32.64 -4.69
C LEU B 149 -14.27 -32.70 -3.49
N TRP B 150 -14.27 -33.81 -2.76
CA TRP B 150 -14.99 -33.85 -1.49
C TRP B 150 -14.55 -32.76 -0.52
N PRO B 151 -13.26 -32.46 -0.34
CA PRO B 151 -12.89 -31.36 0.57
C PRO B 151 -13.46 -30.01 0.16
N ALA B 152 -13.73 -29.80 -1.13
CA ALA B 152 -14.17 -28.51 -1.62
C ALA B 152 -15.64 -28.20 -1.33
N LEU B 153 -16.41 -29.20 -0.87
CA LEU B 153 -17.85 -29.02 -0.78
C LEU B 153 -18.25 -28.00 0.28
N THR B 154 -17.51 -27.93 1.39
CA THR B 154 -17.84 -26.97 2.44
C THR B 154 -17.62 -25.53 2.00
N THR B 155 -16.94 -25.30 0.89
CA THR B 155 -16.47 -23.98 0.51
C THR B 155 -17.50 -23.27 -0.37
N ALA B 156 -17.58 -21.95 -0.22
CA ALA B 156 -18.41 -21.15 -1.11
C ALA B 156 -17.86 -21.08 -2.52
N GLY B 157 -16.56 -21.38 -2.69
CA GLY B 157 -15.99 -21.38 -4.03
C GLY B 157 -16.62 -22.40 -4.94
N PHE B 158 -16.95 -23.58 -4.41
CA PHE B 158 -17.64 -24.59 -5.20
C PHE B 158 -19.10 -24.22 -5.41
N ALA B 159 -19.73 -23.63 -4.40
CA ALA B 159 -21.12 -23.23 -4.54
C ALA B 159 -21.30 -22.20 -5.64
N THR B 160 -20.38 -21.22 -5.71
CA THR B 160 -20.50 -20.20 -6.75
C THR B 160 -20.31 -20.77 -8.15
N GLU B 161 -19.33 -21.66 -8.34
CA GLU B 161 -19.14 -22.27 -9.65
C GLU B 161 -20.33 -23.15 -10.03
N LEU B 162 -20.89 -23.88 -9.06
CA LEU B 162 -22.06 -24.69 -9.35
C LEU B 162 -23.25 -23.81 -9.72
N ARG B 163 -23.41 -22.69 -9.03
CA ARG B 163 -24.42 -21.71 -9.40
C ARG B 163 -24.23 -21.26 -10.85
N ASP B 164 -22.99 -20.94 -11.22
CA ASP B 164 -22.73 -20.51 -12.59
C ASP B 164 -23.08 -21.60 -13.59
N LEU B 165 -22.70 -22.85 -13.31
CA LEU B 165 -22.97 -23.93 -14.24
C LEU B 165 -24.47 -24.12 -14.44
N MET B 166 -25.23 -24.16 -13.34
CA MET B 166 -26.68 -24.32 -13.47
C MET B 166 -27.30 -23.13 -14.18
N ALA B 167 -26.84 -21.92 -13.89
CA ALA B 167 -27.39 -20.74 -14.55
C ALA B 167 -27.17 -20.78 -16.05
N ARG B 168 -25.95 -21.14 -16.47
CA ARG B 168 -25.66 -21.22 -17.89
C ARG B 168 -26.48 -22.30 -18.55
N CYS B 169 -26.63 -23.45 -17.89
CA CYS B 169 -27.44 -24.53 -18.46
C CYS B 169 -28.89 -24.09 -18.63
N THR B 170 -29.45 -23.40 -17.64
CA THR B 170 -30.82 -22.93 -17.76
C THR B 170 -30.95 -21.89 -18.87
N GLU B 171 -29.97 -20.98 -18.98
CA GLU B 171 -30.04 -19.95 -20.01
C GLU B 171 -29.94 -20.54 -21.41
N ARG B 172 -29.14 -21.60 -21.59
CA ARG B 172 -29.05 -22.27 -22.87
C ARG B 172 -30.08 -23.37 -23.05
N GLY B 173 -30.93 -23.60 -22.06
CA GLY B 173 -32.05 -24.52 -22.22
C GLY B 173 -31.66 -25.96 -22.41
N VAL B 174 -31.08 -26.57 -21.38
CA VAL B 174 -30.77 -28.00 -21.38
C VAL B 174 -31.31 -28.59 -20.09
N ASP B 175 -32.15 -29.62 -20.23
CA ASP B 175 -32.76 -30.23 -19.06
C ASP B 175 -31.72 -30.96 -18.23
N PRO B 176 -31.93 -31.07 -16.92
CA PRO B 176 -30.99 -31.84 -16.09
C PRO B 176 -30.84 -33.28 -16.54
N ILE B 177 -31.93 -33.91 -16.99
CA ILE B 177 -31.83 -35.27 -17.51
C ILE B 177 -30.98 -35.29 -18.77
N ALA B 178 -31.15 -34.29 -19.64
CA ALA B 178 -30.32 -34.19 -20.83
C ALA B 178 -28.85 -34.01 -20.46
N LEU B 179 -28.57 -33.21 -19.44
CA LEU B 179 -27.18 -33.01 -19.05
C LEU B 179 -26.60 -34.27 -18.41
N GLN B 180 -27.41 -35.04 -17.70
CA GLN B 180 -26.95 -36.34 -17.22
C GLN B 180 -26.64 -37.27 -18.39
N ARG B 181 -27.48 -37.25 -19.42
CA ARG B 181 -27.18 -38.01 -20.62
C ARG B 181 -25.87 -37.55 -21.24
N LEU B 182 -25.62 -36.24 -21.23
CA LEU B 182 -24.34 -35.72 -21.71
C LEU B 182 -23.19 -36.23 -20.88
N GLY B 183 -23.35 -36.25 -19.56
CA GLY B 183 -22.31 -36.76 -18.69
C GLY B 183 -22.04 -38.24 -18.86
N ARG B 184 -23.06 -39.01 -19.25
CA ARG B 184 -22.83 -40.42 -19.57
C ARG B 184 -22.14 -40.57 -20.93
N THR B 185 -22.57 -39.79 -21.93
CA THR B 185 -21.97 -39.90 -23.26
C THR B 185 -20.49 -39.49 -23.22
N ALA B 186 -20.20 -38.33 -22.68
CA ALA B 186 -18.83 -37.85 -22.52
C ALA B 186 -18.35 -38.23 -21.13
N LYS B 187 -17.27 -39.01 -21.08
CA LYS B 187 -16.83 -39.58 -19.80
C LYS B 187 -16.19 -38.51 -18.91
N ARG B 188 -17.02 -37.60 -18.39
CA ARG B 188 -16.58 -36.57 -17.46
C ARG B 188 -17.49 -36.64 -16.24
N PRO B 189 -17.06 -37.29 -15.17
CA PRO B 189 -17.99 -37.58 -14.05
C PRO B 189 -18.59 -36.36 -13.40
N GLU B 190 -17.86 -35.24 -13.35
CA GLU B 190 -18.39 -34.05 -12.69
C GLU B 190 -19.65 -33.55 -13.37
N TRP B 191 -19.72 -33.69 -14.70
CA TRP B 191 -20.90 -33.21 -15.42
C TRP B 191 -22.14 -34.01 -15.02
N LEU B 192 -22.04 -35.33 -15.02
CA LEU B 192 -23.21 -36.14 -14.65
C LEU B 192 -23.55 -35.96 -13.19
N ALA B 193 -22.54 -35.76 -12.33
CA ALA B 193 -22.83 -35.46 -10.93
C ALA B 193 -23.62 -34.16 -10.80
N ALA B 194 -23.20 -33.12 -11.53
CA ALA B 194 -23.94 -31.86 -11.50
C ALA B 194 -25.33 -32.01 -12.10
N GLY B 195 -25.48 -32.87 -13.11
CA GLY B 195 -26.81 -33.10 -13.66
C GLY B 195 -27.75 -33.73 -12.65
N ARG B 196 -27.27 -34.75 -11.94
CA ARG B 196 -28.08 -35.33 -10.88
C ARG B 196 -28.34 -34.34 -9.77
N PHE B 197 -27.38 -33.45 -9.48
CA PHE B 197 -27.61 -32.43 -8.49
C PHE B 197 -28.71 -31.47 -8.93
N ALA B 198 -28.71 -31.10 -10.21
CA ALA B 198 -29.77 -30.24 -10.73
C ALA B 198 -31.12 -30.94 -10.65
N GLN B 199 -31.14 -32.24 -10.93
CA GLN B 199 -32.37 -33.02 -10.79
C GLN B 199 -32.86 -32.99 -9.35
N ALA B 200 -31.96 -33.15 -8.38
CA ALA B 200 -32.34 -33.04 -6.98
C ALA B 200 -32.82 -31.63 -6.66
N TYR B 201 -32.18 -30.62 -7.23
CA TYR B 201 -32.57 -29.24 -6.99
C TYR B 201 -34.01 -28.98 -7.43
N GLU B 202 -34.33 -29.33 -8.67
CA GLU B 202 -35.68 -29.06 -9.16
C GLU B 202 -36.75 -29.84 -8.41
N GLN B 203 -36.36 -30.86 -7.65
CA GLN B 203 -37.33 -31.62 -6.87
C GLN B 203 -37.90 -30.78 -5.73
N ILE B 204 -37.06 -29.95 -5.10
CA ILE B 204 -37.49 -29.24 -3.90
C ILE B 204 -38.32 -28.01 -4.17
N MET B 205 -38.48 -27.62 -5.43
CA MET B 205 -39.25 -26.44 -5.77
C MET B 205 -40.72 -26.77 -6.01
N LEU B 206 -41.00 -27.64 -6.97
CA LEU B 206 -42.37 -28.01 -7.31
C LEU B 206 -43.01 -28.82 -6.20
N ALA B 225 -34.93 -17.01 -10.62
CA ALA B 225 -35.50 -15.85 -11.31
C ALA B 225 -35.01 -15.80 -12.76
N ALA B 226 -34.06 -16.67 -13.09
CA ALA B 226 -33.57 -16.81 -14.45
C ALA B 226 -34.19 -17.98 -15.19
N GLU B 227 -35.15 -18.66 -14.57
CA GLU B 227 -35.84 -19.79 -15.18
C GLU B 227 -37.23 -19.42 -15.68
N LEU B 228 -37.54 -18.12 -15.75
CA LEU B 228 -38.85 -17.67 -16.23
C LEU B 228 -39.08 -18.10 -17.67
N VAL B 229 -38.06 -17.94 -18.53
CA VAL B 229 -38.21 -18.33 -19.93
C VAL B 229 -38.39 -19.84 -20.04
N GLY B 230 -37.61 -20.60 -19.29
CA GLY B 230 -37.74 -22.05 -19.33
C GLY B 230 -39.11 -22.52 -18.90
N ALA B 231 -39.68 -21.87 -17.88
CA ALA B 231 -41.03 -22.20 -17.45
C ALA B 231 -42.06 -21.82 -18.52
N ALA B 232 -41.92 -20.61 -19.08
CA ALA B 232 -42.90 -20.13 -20.05
C ALA B 232 -42.90 -20.96 -21.32
N LEU B 233 -41.75 -21.54 -21.68
CA LEU B 233 -41.68 -22.30 -22.93
C LEU B 233 -42.65 -23.48 -22.90
N GLU B 234 -42.74 -24.18 -21.77
CA GLU B 234 -43.73 -25.23 -21.63
C GLU B 234 -45.09 -24.71 -21.19
N ALA B 235 -45.13 -23.53 -20.55
CA ALA B 235 -46.42 -22.95 -20.18
C ALA B 235 -47.26 -22.65 -21.42
N LEU B 236 -46.63 -22.14 -22.49
CA LEU B 236 -47.36 -21.95 -23.73
C LEU B 236 -47.86 -23.28 -24.30
N GLY B 237 -47.02 -24.31 -24.27
CA GLY B 237 -47.42 -25.58 -24.84
C GLY B 237 -48.40 -26.38 -24.01
N ALA B 238 -48.62 -25.97 -22.76
CA ALA B 238 -49.59 -26.67 -21.91
C ALA B 238 -50.97 -26.71 -22.54
N ASP B 239 -51.59 -25.55 -22.74
CA ASP B 239 -52.95 -25.51 -23.27
C ASP B 239 -53.00 -25.80 -24.75
N ASP B 240 -52.07 -25.24 -25.53
CA ASP B 240 -52.04 -25.31 -26.99
C ASP B 240 -53.20 -24.52 -27.58
N GLU B 241 -54.09 -24.03 -26.72
CA GLU B 241 -55.07 -23.02 -27.09
C GLU B 241 -54.78 -21.67 -26.45
N LEU B 242 -54.07 -21.66 -25.32
CA LEU B 242 -53.58 -20.41 -24.75
C LEU B 242 -52.73 -19.65 -25.77
N LEU B 243 -52.04 -20.37 -26.66
CA LEU B 243 -51.27 -19.72 -27.71
C LEU B 243 -52.16 -18.86 -28.60
N ASP B 244 -53.32 -19.40 -29.00
CA ASP B 244 -54.22 -18.65 -29.88
C ASP B 244 -54.83 -17.46 -29.17
N THR B 245 -55.01 -17.54 -27.84
CA THR B 245 -55.56 -16.42 -27.10
C THR B 245 -54.70 -15.17 -27.28
N GLU B 246 -53.38 -15.31 -27.21
CA GLU B 246 -52.49 -14.18 -27.38
C GLU B 246 -52.17 -13.89 -28.84
N ARG B 247 -52.08 -14.93 -29.68
CA ARG B 247 -51.86 -14.70 -31.11
C ARG B 247 -53.01 -13.88 -31.71
N ASN B 248 -54.22 -14.04 -31.17
CA ASN B 248 -55.35 -13.23 -31.60
C ASN B 248 -55.48 -11.94 -30.81
N ARG B 249 -54.69 -11.76 -29.75
CA ARG B 249 -54.76 -10.54 -28.95
C ARG B 249 -53.74 -9.49 -29.40
N ILE B 250 -52.49 -9.90 -29.58
CA ILE B 250 -51.43 -8.99 -29.98
C ILE B 250 -51.19 -9.13 -31.47
N LYS B 251 -51.11 -7.99 -32.18
CA LYS B 251 -50.97 -7.98 -33.61
C LYS B 251 -49.62 -7.50 -34.11
N LEU B 252 -48.84 -6.79 -33.29
CA LEU B 252 -47.64 -6.12 -33.77
C LEU B 252 -46.36 -6.73 -33.24
N LEU B 253 -46.22 -6.88 -31.92
CA LEU B 253 -45.09 -7.59 -31.30
C LEU B 253 -43.76 -6.98 -31.73
N LEU B 254 -43.55 -5.74 -31.27
CA LEU B 254 -42.30 -5.04 -31.58
C LEU B 254 -41.14 -5.63 -30.78
N VAL B 255 -40.75 -6.88 -31.07
CA VAL B 255 -39.60 -7.46 -30.41
C VAL B 255 -38.34 -6.86 -31.02
N ASP B 256 -37.44 -6.38 -30.16
CA ASP B 256 -36.34 -5.54 -30.59
C ASP B 256 -35.06 -5.95 -29.89
N ASP B 257 -33.94 -5.51 -30.45
CA ASP B 257 -32.61 -5.80 -29.93
C ASP B 257 -32.37 -7.31 -29.86
N ALA B 258 -32.59 -7.96 -31.00
CA ALA B 258 -32.54 -9.41 -31.08
C ALA B 258 -31.12 -9.97 -30.94
N GLN B 259 -30.09 -9.14 -31.00
CA GLN B 259 -28.74 -9.65 -30.82
C GLN B 259 -28.44 -10.01 -29.38
N HIS B 260 -29.26 -9.55 -28.44
CA HIS B 260 -29.05 -9.80 -27.01
C HIS B 260 -29.98 -10.87 -26.45
N LEU B 261 -30.71 -11.58 -27.30
CA LEU B 261 -31.67 -12.56 -26.82
C LEU B 261 -31.01 -13.89 -26.54
N ASP B 262 -31.54 -14.59 -25.55
CA ASP B 262 -31.09 -15.92 -25.18
C ASP B 262 -31.63 -16.97 -26.15
N PRO B 263 -30.91 -18.08 -26.34
CA PRO B 263 -31.44 -19.13 -27.23
C PRO B 263 -32.79 -19.65 -26.78
N GLN B 264 -33.03 -19.71 -25.47
CA GLN B 264 -34.35 -20.09 -24.98
C GLN B 264 -35.38 -19.01 -25.30
N ALA B 265 -35.05 -17.75 -25.04
CA ALA B 265 -35.96 -16.67 -25.37
C ALA B 265 -36.15 -16.54 -26.88
N ALA B 266 -35.17 -16.99 -27.66
CA ALA B 266 -35.34 -17.02 -29.11
C ALA B 266 -36.47 -17.96 -29.51
N ARG B 267 -36.59 -19.09 -28.83
CA ARG B 267 -37.67 -20.03 -29.12
C ARG B 267 -39.03 -19.40 -28.84
N LEU B 268 -39.14 -18.64 -27.74
CA LEU B 268 -40.41 -18.01 -27.40
C LEU B 268 -40.82 -17.00 -28.46
N VAL B 269 -39.86 -16.26 -29.02
CA VAL B 269 -40.18 -15.30 -30.06
C VAL B 269 -40.73 -16.01 -31.29
N ARG B 270 -40.11 -17.12 -31.69
CA ARG B 270 -40.61 -17.90 -32.81
C ARG B 270 -42.00 -18.44 -32.52
N ALA B 271 -42.23 -18.91 -31.29
CA ALA B 271 -43.54 -19.44 -30.91
C ALA B 271 -44.62 -18.36 -31.01
N LEU B 272 -44.31 -17.16 -30.52
CA LEU B 272 -45.25 -16.05 -30.65
C LEU B 272 -45.36 -15.56 -32.09
N ALA B 273 -44.42 -15.92 -32.95
CA ALA B 273 -44.42 -15.51 -34.34
C ALA B 273 -44.64 -16.70 -35.28
N ALA B 274 -45.52 -17.61 -34.91
CA ALA B 274 -45.90 -18.69 -35.82
C ALA B 274 -46.55 -18.08 -37.05
N GLY B 275 -47.71 -17.46 -36.89
CA GLY B 275 -48.21 -16.52 -37.86
C GLY B 275 -49.48 -15.82 -37.44
N THR B 276 -49.45 -14.48 -37.44
CA THR B 276 -50.62 -13.61 -37.30
C THR B 276 -50.16 -12.18 -37.47
N GLY B 277 -50.97 -11.38 -38.17
CA GLY B 277 -50.74 -9.95 -38.22
C GLY B 277 -49.39 -9.54 -38.78
N LEU B 278 -48.50 -9.08 -37.91
CA LEU B 278 -47.17 -8.65 -38.32
C LEU B 278 -46.24 -8.72 -37.10
N THR B 279 -44.95 -8.97 -37.37
CA THR B 279 -43.94 -8.89 -36.34
C THR B 279 -42.64 -8.36 -36.95
N VAL B 280 -41.85 -7.70 -36.12
CA VAL B 280 -40.61 -7.07 -36.56
C VAL B 280 -39.49 -7.52 -35.63
N ILE B 281 -38.36 -7.90 -36.22
CA ILE B 281 -37.14 -8.19 -35.47
C ILE B 281 -36.05 -7.24 -35.96
N ALA B 282 -35.42 -6.55 -35.01
CA ALA B 282 -34.46 -5.51 -35.33
C ALA B 282 -33.19 -5.70 -34.52
N GLY B 283 -32.06 -5.34 -35.13
CA GLY B 283 -30.77 -5.43 -34.45
C GLY B 283 -29.61 -5.80 -35.35
N ASP B 284 -28.46 -5.19 -35.10
CA ASP B 284 -27.27 -5.46 -35.89
C ASP B 284 -26.83 -6.90 -35.67
N PRO B 285 -26.73 -7.72 -36.72
CA PRO B 285 -26.20 -9.08 -36.52
C PRO B 285 -24.69 -9.13 -36.60
N ASP B 286 -24.02 -8.20 -35.98
CA ASP B 286 -22.57 -8.28 -35.87
C ASP B 286 -22.07 -8.05 -34.46
N GLN B 287 -22.67 -7.12 -33.71
CA GLN B 287 -22.32 -6.91 -32.31
C GLN B 287 -23.10 -7.86 -31.40
N SER B 288 -23.06 -9.14 -31.76
CA SER B 288 -23.74 -10.18 -31.01
C SER B 288 -22.98 -10.61 -29.76
N VAL B 289 -21.81 -10.04 -29.51
CA VAL B 289 -20.95 -10.51 -28.43
C VAL B 289 -21.58 -10.17 -27.08
N PHE B 290 -21.79 -11.19 -26.25
CA PHE B 290 -22.42 -11.04 -24.95
C PHE B 290 -22.27 -12.32 -24.15
N VAL B 298 -25.09 -15.44 -29.20
CA VAL B 298 -24.90 -15.86 -30.59
C VAL B 298 -26.25 -15.94 -31.30
N LEU B 299 -26.54 -14.91 -32.10
CA LEU B 299 -27.82 -14.82 -32.79
C LEU B 299 -27.83 -15.69 -34.05
N LEU B 300 -29.04 -15.92 -34.58
CA LEU B 300 -29.23 -16.59 -35.86
C LEU B 300 -30.17 -15.71 -36.70
N ARG B 301 -29.60 -14.70 -37.35
CA ARG B 301 -30.38 -13.83 -38.24
C ARG B 301 -30.15 -14.23 -39.70
N ASP B 302 -30.62 -15.43 -40.04
CA ASP B 302 -30.48 -15.97 -41.39
C ASP B 302 -31.77 -16.70 -41.75
N ASP B 303 -32.49 -16.18 -42.73
CA ASP B 303 -33.73 -16.80 -43.20
C ASP B 303 -34.09 -16.16 -44.54
N THR B 304 -35.18 -16.64 -45.12
CA THR B 304 -35.73 -16.08 -46.34
C THR B 304 -36.78 -15.01 -46.06
N HIS B 305 -36.99 -14.66 -44.79
CA HIS B 305 -37.95 -13.63 -44.44
C HIS B 305 -37.53 -12.30 -45.06
N PRO B 306 -38.49 -11.43 -45.37
CA PRO B 306 -38.15 -10.11 -45.93
C PRO B 306 -37.24 -9.34 -44.97
N ALA B 307 -36.27 -8.65 -45.54
CA ALA B 307 -35.26 -7.95 -44.76
C ALA B 307 -35.16 -6.50 -45.21
N ILE B 308 -34.96 -5.60 -44.26
CA ILE B 308 -34.69 -4.20 -44.52
C ILE B 308 -33.32 -3.87 -43.95
N THR B 309 -32.47 -3.26 -44.75
CA THR B 309 -31.12 -2.92 -44.34
C THR B 309 -30.96 -1.41 -44.27
N LEU B 310 -30.22 -0.95 -43.26
CA LEU B 310 -29.91 0.46 -43.09
C LEU B 310 -28.39 0.63 -43.11
N THR B 311 -27.92 1.67 -43.80
CA THR B 311 -26.49 1.83 -44.00
C THR B 311 -25.99 3.26 -43.80
N GLN B 312 -26.80 4.15 -43.20
CA GLN B 312 -26.36 5.50 -42.88
C GLN B 312 -26.37 5.66 -41.37
N SER B 313 -25.22 6.06 -40.82
CA SER B 313 -25.01 5.99 -39.37
C SER B 313 -25.99 6.91 -38.63
N TYR B 314 -26.06 8.17 -39.04
CA TYR B 314 -26.87 9.21 -38.40
C TYR B 314 -26.28 9.63 -37.06
N ARG B 315 -25.31 8.89 -36.54
CA ARG B 315 -24.66 9.23 -35.28
C ARG B 315 -23.16 9.44 -35.43
N CYS B 316 -22.45 8.48 -36.00
CA CYS B 316 -20.99 8.52 -36.04
C CYS B 316 -20.50 9.32 -37.24
N ALA B 317 -19.29 9.84 -37.12
CA ALA B 317 -18.68 10.62 -38.18
C ALA B 317 -18.05 9.72 -39.23
N PRO B 318 -18.01 10.16 -40.49
CA PRO B 318 -17.36 9.35 -41.53
C PRO B 318 -15.89 9.10 -41.26
N GLU B 319 -15.23 9.97 -40.50
CA GLU B 319 -13.88 9.65 -40.03
C GLU B 319 -13.92 8.52 -39.02
N ILE B 320 -14.88 8.57 -38.09
CA ILE B 320 -15.02 7.50 -37.10
C ILE B 320 -15.50 6.22 -37.77
N ALA B 321 -16.52 6.33 -38.63
CA ALA B 321 -17.04 5.16 -39.32
C ALA B 321 -15.96 4.48 -40.16
N SER B 322 -15.04 5.27 -40.70
CA SER B 322 -13.92 4.68 -41.43
C SER B 322 -13.13 3.74 -40.55
N ALA B 323 -12.75 4.20 -39.35
CA ALA B 323 -11.98 3.36 -38.45
C ALA B 323 -12.77 2.14 -38.00
N ILE B 324 -14.05 2.32 -37.68
CA ILE B 324 -14.84 1.20 -37.21
C ILE B 324 -14.99 0.14 -38.29
N THR B 325 -15.29 0.55 -39.52
CA THR B 325 -15.44 -0.41 -40.60
C THR B 325 -14.10 -1.05 -40.96
N GLY B 326 -13.00 -0.30 -40.86
CA GLY B 326 -11.69 -0.89 -41.06
C GLY B 326 -11.38 -1.96 -40.04
N LEU B 327 -11.77 -1.72 -38.78
CA LEU B 327 -11.70 -2.77 -37.78
C LEU B 327 -12.53 -3.97 -38.20
N GLY B 328 -13.79 -3.74 -38.58
CA GLY B 328 -14.71 -4.81 -38.93
C GLY B 328 -14.31 -5.58 -40.18
N GLN B 329 -13.41 -5.02 -40.99
CA GLN B 329 -12.94 -5.76 -42.16
C GLN B 329 -12.25 -7.06 -41.75
N ARG B 330 -11.43 -7.03 -40.71
CA ARG B 330 -10.74 -8.22 -40.23
C ARG B 330 -11.50 -8.84 -39.06
N LEU B 331 -12.52 -9.62 -39.39
CA LEU B 331 -13.38 -10.22 -38.38
C LEU B 331 -13.79 -11.64 -38.77
N THR B 337 -23.63 -7.96 -42.66
CA THR B 337 -23.38 -6.64 -43.24
C THR B 337 -22.42 -5.83 -42.39
N ARG B 338 -21.16 -5.79 -42.82
CA ARG B 338 -20.10 -5.09 -42.10
C ARG B 338 -19.83 -3.70 -42.65
N HIS B 339 -20.64 -3.22 -43.59
CA HIS B 339 -20.42 -1.94 -44.24
C HIS B 339 -21.50 -0.95 -43.86
N TRP B 340 -21.08 0.28 -43.58
CA TRP B 340 -21.93 1.39 -43.21
C TRP B 340 -21.08 2.65 -43.16
N THR B 341 -21.71 3.79 -43.40
CA THR B 341 -21.01 5.06 -43.52
C THR B 341 -21.59 6.08 -42.56
N GLY B 342 -20.72 6.94 -42.05
CA GLY B 342 -21.14 7.92 -41.07
C GLY B 342 -21.94 9.05 -41.67
N ASN B 343 -22.68 9.74 -40.81
CA ASN B 343 -23.46 10.90 -41.22
C ASN B 343 -22.51 11.95 -41.76
N PRO B 344 -22.69 12.42 -43.00
CA PRO B 344 -21.74 13.40 -43.56
C PRO B 344 -21.69 14.69 -42.77
N GLN B 345 -22.82 15.14 -42.23
CA GLN B 345 -22.87 16.45 -41.58
C GLN B 345 -22.01 16.48 -40.32
N ARG B 346 -22.06 15.41 -39.52
CA ARG B 346 -21.33 15.37 -38.26
C ARG B 346 -19.86 15.10 -38.55
N GLU B 347 -19.07 16.17 -38.67
CA GLU B 347 -17.64 16.06 -38.86
C GLU B 347 -16.97 15.82 -37.51
N GLY B 348 -16.13 14.80 -37.45
CA GLY B 348 -15.43 14.49 -36.22
C GLY B 348 -14.06 13.90 -36.48
N THR B 349 -13.48 13.24 -35.48
CA THR B 349 -12.15 12.68 -35.66
C THR B 349 -11.92 11.60 -34.62
N VAL B 350 -10.88 10.79 -34.87
CA VAL B 350 -10.41 9.79 -33.93
C VAL B 350 -8.97 10.12 -33.60
N THR B 351 -8.63 10.12 -32.32
CA THR B 351 -7.29 10.45 -31.86
C THR B 351 -6.77 9.32 -30.99
N VAL B 352 -5.54 8.88 -31.26
CA VAL B 352 -4.88 7.88 -30.44
C VAL B 352 -3.76 8.56 -29.69
N ARG B 353 -3.73 8.37 -28.37
CA ARG B 353 -2.73 8.96 -27.51
C ARG B 353 -2.12 7.88 -26.64
N LEU B 354 -1.03 8.22 -25.96
CA LEU B 354 -0.38 7.31 -25.03
C LEU B 354 -0.04 8.06 -23.76
N ALA B 355 0.63 7.37 -22.83
CA ALA B 355 1.10 8.00 -21.61
C ALA B 355 2.31 7.22 -21.11
N ALA B 356 3.09 7.87 -20.25
CA ALA B 356 4.34 7.27 -19.79
C ALA B 356 4.25 6.69 -18.39
N SER B 357 3.06 6.68 -17.78
CA SER B 357 2.91 6.11 -16.44
C SER B 357 1.42 5.98 -16.14
N THR B 358 1.11 5.25 -15.07
CA THR B 358 -0.27 5.01 -14.71
C THR B 358 -0.98 6.29 -14.32
N HIS B 359 -0.23 7.30 -13.87
CA HIS B 359 -0.84 8.57 -13.47
C HIS B 359 -0.89 9.57 -14.60
N ALA B 360 0.06 9.52 -15.53
CA ALA B 360 0.01 10.40 -16.68
C ALA B 360 -1.26 10.18 -17.49
N GLU B 361 -1.70 8.93 -17.59
CA GLU B 361 -2.93 8.65 -18.33
C GLU B 361 -4.13 9.29 -17.66
N GLY B 362 -4.25 9.14 -16.34
CA GLY B 362 -5.37 9.75 -15.64
C GLY B 362 -5.36 11.26 -15.78
N THR B 363 -4.20 11.89 -15.59
CA THR B 363 -4.16 13.33 -15.63
C THR B 363 -4.35 13.87 -17.05
N MET B 364 -3.92 13.13 -18.08
CA MET B 364 -4.18 13.62 -19.44
C MET B 364 -5.61 13.39 -19.86
N ILE B 365 -6.26 12.34 -19.35
CA ILE B 365 -7.70 12.20 -19.58
C ILE B 365 -8.44 13.35 -18.93
N ALA B 366 -8.04 13.73 -17.71
CA ALA B 366 -8.64 14.90 -17.08
C ALA B 366 -8.39 16.16 -17.90
N ASP B 367 -7.16 16.31 -18.41
CA ASP B 367 -6.80 17.44 -19.26
C ASP B 367 -7.73 17.53 -20.46
N ALA B 368 -7.84 16.42 -21.20
CA ALA B 368 -8.64 16.42 -22.42
C ALA B 368 -10.10 16.68 -22.13
N LEU B 369 -10.63 16.06 -21.08
CA LEU B 369 -12.03 16.29 -20.73
C LEU B 369 -12.28 17.74 -20.34
N ARG B 370 -11.39 18.34 -19.55
CA ARG B 370 -11.56 19.73 -19.16
C ARG B 370 -11.49 20.66 -20.37
N ARG B 371 -10.52 20.44 -21.26
CA ARG B 371 -10.41 21.27 -22.44
C ARG B 371 -11.66 21.13 -23.31
N ALA B 372 -12.15 19.91 -23.48
CA ALA B 372 -13.36 19.71 -24.29
C ALA B 372 -14.55 20.42 -23.67
N HIS B 373 -14.66 20.38 -22.33
CA HIS B 373 -15.77 21.06 -21.67
C HIS B 373 -15.68 22.57 -21.81
N LEU B 374 -14.49 23.14 -21.65
CA LEU B 374 -14.39 24.56 -21.41
C LEU B 374 -13.97 25.38 -22.62
N VAL B 375 -13.36 24.75 -23.62
CA VAL B 375 -12.99 25.43 -24.85
C VAL B 375 -13.88 25.02 -26.01
N ASP B 376 -14.27 23.74 -26.06
CA ASP B 376 -15.09 23.23 -27.16
C ASP B 376 -16.57 23.18 -26.82
N GLY B 377 -16.97 23.67 -25.65
CA GLY B 377 -18.37 23.90 -25.34
C GLY B 377 -19.18 22.66 -25.01
N ILE B 378 -18.76 21.48 -25.43
CA ILE B 378 -19.53 20.26 -25.18
C ILE B 378 -19.58 20.03 -23.67
N PRO B 379 -20.76 19.90 -23.08
CA PRO B 379 -20.86 19.88 -21.62
C PRO B 379 -20.49 18.53 -21.04
N TRP B 380 -20.65 18.38 -19.72
CA TRP B 380 -20.69 17.06 -19.15
C TRP B 380 -21.99 16.38 -19.56
N SER B 381 -22.17 15.14 -19.12
CA SER B 381 -23.32 14.29 -19.44
C SER B 381 -23.37 13.96 -20.93
N GLN B 382 -22.44 14.47 -21.73
CA GLN B 382 -22.25 14.07 -23.11
C GLN B 382 -20.86 13.51 -23.35
N MET B 383 -20.14 13.21 -22.27
CA MET B 383 -18.82 12.59 -22.32
C MET B 383 -18.89 11.30 -21.53
N ALA B 384 -17.84 10.49 -21.66
CA ALA B 384 -17.79 9.24 -20.92
C ALA B 384 -16.39 8.66 -21.02
N VAL B 385 -16.09 7.71 -20.14
CA VAL B 385 -14.84 6.95 -20.16
C VAL B 385 -15.23 5.48 -20.16
N ILE B 386 -15.39 4.90 -21.34
CA ILE B 386 -15.75 3.50 -21.47
C ILE B 386 -14.48 2.66 -21.34
N VAL B 387 -14.28 2.10 -20.15
CA VAL B 387 -13.12 1.29 -19.85
C VAL B 387 -13.52 -0.18 -19.90
N ARG B 388 -12.53 -1.06 -19.89
CA ARG B 388 -12.77 -2.49 -20.05
C ARG B 388 -13.83 -2.99 -19.08
N SER B 389 -13.55 -2.89 -17.78
CA SER B 389 -14.49 -3.30 -16.74
C SER B 389 -13.98 -2.78 -15.41
N VAL B 390 -14.85 -2.07 -14.68
CA VAL B 390 -14.49 -1.54 -13.37
C VAL B 390 -14.26 -2.71 -12.42
N PRO B 391 -13.02 -2.96 -12.00
CA PRO B 391 -12.68 -4.14 -11.20
C PRO B 391 -13.29 -4.11 -9.81
N GLY B 394 -9.51 1.19 -13.43
CA GLY B 394 -10.93 1.28 -13.17
C GLY B 394 -11.28 2.26 -12.07
N THR B 395 -11.16 1.83 -10.82
CA THR B 395 -11.44 2.72 -9.69
C THR B 395 -10.35 3.77 -9.52
N ALA B 396 -9.13 3.47 -9.96
CA ALA B 396 -8.03 4.41 -9.91
C ALA B 396 -8.21 5.58 -10.86
N LEU B 397 -9.32 5.64 -11.59
CA LEU B 397 -9.55 6.68 -12.58
C LEU B 397 -10.54 7.74 -12.12
N ALA B 398 -11.59 7.34 -11.41
CA ALA B 398 -12.55 8.32 -10.92
C ALA B 398 -11.90 9.32 -9.98
N ARG B 399 -11.00 8.83 -9.12
CA ARG B 399 -10.32 9.72 -8.18
C ARG B 399 -9.48 10.75 -8.92
N ALA B 400 -8.49 10.30 -9.69
CA ALA B 400 -7.60 11.21 -10.39
C ALA B 400 -8.35 12.10 -11.36
N LEU B 401 -9.49 11.64 -11.84
CA LEU B 401 -10.29 12.44 -12.76
C LEU B 401 -11.16 13.46 -12.03
N THR B 402 -11.47 13.22 -10.76
CA THR B 402 -12.18 14.22 -9.95
C THR B 402 -11.23 15.25 -9.39
N ALA B 403 -10.01 14.86 -9.03
CA ALA B 403 -9.06 15.79 -8.43
C ALA B 403 -8.88 17.03 -9.29
N ALA B 404 -8.88 16.88 -10.61
CA ALA B 404 -8.75 18.01 -11.51
C ALA B 404 -10.04 18.78 -11.68
N GLY B 405 -11.12 18.38 -11.00
CA GLY B 405 -12.34 19.17 -11.00
C GLY B 405 -13.38 18.76 -12.01
N VAL B 406 -13.51 17.46 -12.26
CA VAL B 406 -14.46 16.93 -13.23
C VAL B 406 -15.49 16.09 -12.48
N PRO B 407 -16.76 16.50 -12.45
CA PRO B 407 -17.76 15.70 -11.73
C PRO B 407 -17.90 14.30 -12.33
N VAL B 408 -18.10 13.33 -11.45
CA VAL B 408 -18.21 11.93 -11.84
C VAL B 408 -19.45 11.33 -11.20
N GLN B 409 -20.25 10.65 -11.99
CA GLN B 409 -21.44 9.99 -11.45
C GLN B 409 -21.04 8.73 -10.69
N ASP B 410 -21.81 8.44 -9.63
CA ASP B 410 -21.60 7.27 -8.78
C ASP B 410 -20.16 7.17 -8.29
N VAL B 415 -22.25 0.30 0.69
CA VAL B 415 -21.89 0.29 2.11
C VAL B 415 -23.17 0.54 2.91
N PRO B 416 -23.52 -0.41 3.77
CA PRO B 416 -24.90 -0.50 4.26
C PRO B 416 -25.24 0.53 5.33
N VAL B 417 -26.53 0.51 5.69
CA VAL B 417 -27.09 1.39 6.71
C VAL B 417 -26.42 1.15 8.06
N GLY B 418 -25.98 -0.08 8.31
CA GLY B 418 -25.24 -0.34 9.53
C GLY B 418 -23.92 0.39 9.57
N ARG B 419 -23.23 0.48 8.43
CA ARG B 419 -21.97 1.19 8.38
C ARG B 419 -22.16 2.71 8.39
N GLN B 420 -23.22 3.21 7.79
CA GLN B 420 -23.37 4.66 7.68
C GLN B 420 -23.51 5.30 9.05
N PRO B 421 -22.72 6.31 9.38
CA PRO B 421 -22.67 6.79 10.77
C PRO B 421 -23.91 7.52 11.24
N ALA B 422 -24.55 8.34 10.40
CA ALA B 422 -25.74 9.04 10.83
C ALA B 422 -26.86 8.06 11.15
N ALA B 423 -27.02 7.03 10.30
CA ALA B 423 -27.99 6.00 10.60
C ALA B 423 -27.61 5.24 11.86
N ALA B 424 -26.32 4.93 12.03
CA ALA B 424 -25.88 4.16 13.18
C ALA B 424 -26.10 4.90 14.48
N ALA B 425 -25.95 6.22 14.49
CA ALA B 425 -26.14 6.98 15.72
C ALA B 425 -27.58 6.88 16.21
N LEU B 426 -28.54 7.18 15.33
CA LEU B 426 -29.94 7.05 15.73
C LEU B 426 -30.31 5.61 16.00
N LEU B 427 -29.66 4.67 15.32
CA LEU B 427 -29.88 3.25 15.61
C LEU B 427 -29.44 2.92 17.02
N THR B 428 -28.30 3.45 17.46
CA THR B 428 -27.84 3.24 18.83
C THR B 428 -28.78 3.90 19.83
N VAL B 429 -29.30 5.08 19.48
CA VAL B 429 -30.31 5.71 20.34
C VAL B 429 -31.51 4.78 20.51
N LEU B 430 -31.99 4.21 19.40
CA LEU B 430 -33.12 3.29 19.48
C LEU B 430 -32.76 2.04 20.28
N ASP B 431 -31.57 1.51 20.06
CA ASP B 431 -31.10 0.33 20.79
C ASP B 431 -31.13 0.59 22.30
N VAL B 432 -30.53 1.69 22.72
CA VAL B 432 -30.45 1.97 24.15
C VAL B 432 -31.82 2.30 24.72
N THR B 433 -32.69 2.92 23.91
CA THR B 433 -34.05 3.16 24.38
C THR B 433 -34.79 1.85 24.63
N ALA B 434 -34.66 0.90 23.71
CA ALA B 434 -35.30 -0.40 23.89
C ALA B 434 -34.73 -1.13 25.09
N THR B 435 -33.41 -1.10 25.25
CA THR B 435 -32.77 -1.79 26.37
C THR B 435 -33.17 -1.17 27.71
N GLY B 436 -33.32 0.15 27.75
CA GLY B 436 -33.67 0.85 28.96
C GLY B 436 -32.50 1.22 29.84
N HIS B 437 -31.28 0.78 29.51
CA HIS B 437 -30.09 1.07 30.28
C HIS B 437 -28.98 1.50 29.33
N LEU B 438 -28.26 2.56 29.70
CA LEU B 438 -27.23 3.14 28.84
C LEU B 438 -25.85 2.88 29.46
N ASP B 439 -25.08 2.01 28.81
CA ASP B 439 -23.71 1.80 29.22
C ASP B 439 -22.87 3.02 28.89
N ALA B 440 -21.84 3.26 29.71
CA ALA B 440 -20.98 4.42 29.50
C ALA B 440 -20.30 4.36 28.15
N ASP B 441 -19.80 3.18 27.76
CA ASP B 441 -19.07 2.99 26.52
C ASP B 441 -19.94 3.20 25.29
N SER B 442 -21.23 3.51 25.46
CA SER B 442 -22.11 3.84 24.35
C SER B 442 -22.70 5.23 24.45
N ALA B 443 -22.35 5.99 25.49
CA ALA B 443 -22.72 7.39 25.57
C ALA B 443 -21.66 8.29 24.94
N VAL B 444 -20.39 7.91 25.08
CA VAL B 444 -19.34 8.62 24.37
C VAL B 444 -19.53 8.51 22.87
N ALA B 445 -19.92 7.32 22.41
CA ALA B 445 -19.99 7.05 20.97
C ALA B 445 -21.04 7.90 20.27
N LEU B 446 -21.93 8.56 21.01
CA LEU B 446 -22.87 9.51 20.42
C LEU B 446 -22.60 10.94 20.87
N LEU B 447 -21.44 11.22 21.46
CA LEU B 447 -20.95 12.59 21.53
C LEU B 447 -20.11 12.97 20.33
N THR B 448 -19.46 12.01 19.70
CA THR B 448 -18.68 12.25 18.50
C THR B 448 -19.48 11.97 17.23
N GLY B 449 -20.72 11.53 17.36
CA GLY B 449 -21.56 11.28 16.22
C GLY B 449 -22.16 12.57 15.70
N PRO B 450 -23.18 12.46 14.85
CA PRO B 450 -23.84 13.66 14.32
C PRO B 450 -25.04 14.14 15.14
N ILE B 451 -25.51 13.36 16.11
CA ILE B 451 -26.70 13.74 16.85
C ILE B 451 -26.37 14.88 17.82
N GLY B 452 -25.40 14.67 18.70
CA GLY B 452 -24.72 15.76 19.37
C GLY B 452 -23.24 15.64 19.10
N ARG B 453 -22.69 16.55 18.31
CA ARG B 453 -21.33 16.39 17.80
C ARG B 453 -20.32 17.20 18.61
N VAL B 454 -19.24 16.54 18.99
CA VAL B 454 -18.18 17.13 19.80
C VAL B 454 -16.84 16.72 19.20
N ASP B 455 -16.00 17.70 18.91
CA ASP B 455 -14.66 17.45 18.41
C ASP B 455 -13.70 17.15 19.56
N PRO B 456 -12.53 16.57 19.27
CA PRO B 456 -11.64 16.11 20.35
C PRO B 456 -11.28 17.18 21.37
N VAL B 457 -11.03 18.42 20.95
CA VAL B 457 -10.58 19.42 21.91
C VAL B 457 -11.79 20.11 22.51
N THR B 458 -12.97 19.55 22.30
CA THR B 458 -14.12 19.86 23.14
C THR B 458 -14.49 18.71 24.06
N LEU B 459 -14.20 17.46 23.67
CA LEU B 459 -14.17 16.40 24.66
C LEU B 459 -13.15 16.69 25.75
N ARG B 460 -12.02 17.28 25.37
CA ARG B 460 -11.04 17.64 26.39
C ARG B 460 -11.48 18.84 27.22
N GLN B 461 -12.56 19.53 26.84
CA GLN B 461 -13.14 20.51 27.75
C GLN B 461 -14.23 19.89 28.61
N LEU B 462 -15.04 19.01 28.03
CA LEU B 462 -16.03 18.29 28.84
C LEU B 462 -15.37 17.51 29.96
N ARG B 463 -14.28 16.80 29.65
CA ARG B 463 -13.62 15.99 30.67
C ARG B 463 -13.18 16.86 31.85
N ARG B 464 -12.46 17.94 31.57
CA ARG B 464 -11.99 18.81 32.64
C ARG B 464 -13.15 19.45 33.39
N ALA B 465 -14.16 19.95 32.67
CA ALA B 465 -15.25 20.64 33.33
C ALA B 465 -16.02 19.70 34.24
N LEU B 466 -16.28 18.47 33.78
CA LEU B 466 -16.98 17.51 34.62
C LEU B 466 -16.13 17.12 35.83
N ARG B 467 -14.82 16.97 35.63
CA ARG B 467 -14.05 16.62 36.83
C ARG B 467 -13.86 17.78 37.78
N ARG B 468 -14.48 18.94 37.55
CA ARG B 468 -14.64 19.95 38.58
C ARG B 468 -15.96 19.83 39.32
N ALA B 469 -16.93 19.10 38.75
CA ALA B 469 -18.20 18.92 39.43
C ALA B 469 -18.02 18.16 40.74
N ASP B 470 -17.25 17.08 40.72
CA ASP B 470 -16.99 16.27 41.90
C ASP B 470 -15.48 15.97 41.92
N GLY B 471 -14.72 16.81 42.59
CA GLY B 471 -13.30 16.59 42.71
C GLY B 471 -12.99 15.33 43.47
N SER B 472 -12.29 14.40 42.83
CA SER B 472 -11.93 13.13 43.44
C SER B 472 -10.42 12.99 43.43
N GLN B 473 -9.89 12.37 44.49
CA GLN B 473 -8.44 12.21 44.58
C GLN B 473 -7.91 11.35 43.44
N PRO B 474 -8.43 10.16 43.16
CA PRO B 474 -8.31 9.62 41.81
C PRO B 474 -9.52 10.02 40.98
N PRO B 475 -9.30 10.62 39.81
CA PRO B 475 -10.45 11.10 39.02
C PRO B 475 -11.35 9.97 38.57
N ARG B 476 -12.64 10.26 38.49
CA ARG B 476 -13.63 9.30 38.06
C ARG B 476 -13.52 9.07 36.55
N ASP B 477 -14.00 7.92 36.11
CA ASP B 477 -13.93 7.57 34.69
C ASP B 477 -14.84 8.47 33.88
N PHE B 478 -14.36 8.87 32.70
CA PHE B 478 -15.11 9.84 31.90
C PHE B 478 -16.44 9.28 31.44
N GLY B 479 -16.49 7.99 31.09
CA GLY B 479 -17.76 7.42 30.69
C GLY B 479 -18.81 7.51 31.77
N ASP B 480 -18.42 7.17 33.00
CA ASP B 480 -19.35 7.26 34.12
C ASP B 480 -19.76 8.70 34.35
N LEU B 481 -18.79 9.62 34.34
CA LEU B 481 -19.13 11.03 34.54
C LEU B 481 -20.11 11.50 33.49
N LEU B 482 -19.89 11.13 32.24
CA LEU B 482 -20.77 11.56 31.15
C LEU B 482 -22.17 11.00 31.30
N VAL B 483 -22.29 9.70 31.62
CA VAL B 483 -23.63 9.13 31.70
C VAL B 483 -24.40 9.75 32.86
N ASP B 484 -23.75 9.93 34.02
CA ASP B 484 -24.45 10.57 35.12
C ASP B 484 -24.81 12.01 34.77
N ALA B 485 -23.94 12.72 34.07
CA ALA B 485 -24.27 14.09 33.65
C ALA B 485 -25.48 14.09 32.74
N ILE B 486 -25.55 13.15 31.81
CA ILE B 486 -26.69 13.08 30.89
C ILE B 486 -27.98 12.83 31.66
N GLU B 487 -27.98 11.83 32.54
CA GLU B 487 -29.23 11.48 33.22
C GLU B 487 -29.63 12.55 34.24
N ARG B 488 -28.67 13.32 34.74
CA ARG B 488 -28.97 14.47 35.59
C ARG B 488 -27.85 15.47 35.45
N GLU B 489 -28.20 16.72 35.15
CA GLU B 489 -27.20 17.71 34.74
C GLU B 489 -26.53 18.34 35.94
N PRO B 490 -25.21 18.22 36.08
CA PRO B 490 -24.48 19.08 37.01
C PRO B 490 -24.21 20.42 36.35
N LYS B 491 -24.47 21.49 37.09
CA LYS B 491 -24.44 22.83 36.52
C LYS B 491 -23.26 23.63 37.05
N GLY B 492 -22.11 22.99 37.14
CA GLY B 492 -20.92 23.67 37.62
C GLY B 492 -20.35 24.65 36.62
N LEU B 493 -19.84 24.17 35.49
CA LEU B 493 -19.30 25.05 34.46
C LEU B 493 -20.39 25.37 33.43
N SER B 494 -20.83 24.34 32.72
CA SER B 494 -22.07 24.37 31.92
C SER B 494 -22.18 25.60 31.02
N ALA B 495 -21.07 26.25 30.71
CA ALA B 495 -21.14 27.50 29.95
C ALA B 495 -21.74 27.26 28.56
N GLU B 496 -21.03 26.51 27.72
CA GLU B 496 -21.53 26.09 26.42
C GLU B 496 -22.00 24.65 26.42
N HIS B 497 -21.39 23.81 27.27
CA HIS B 497 -21.68 22.39 27.33
C HIS B 497 -23.09 22.09 27.80
N ALA B 498 -23.87 23.12 28.14
CA ALA B 498 -25.27 22.90 28.49
C ALA B 498 -26.06 22.39 27.30
N ARG B 499 -25.79 22.90 26.10
CA ARG B 499 -26.54 22.49 24.92
C ARG B 499 -26.05 21.16 24.36
N THR B 500 -24.73 20.95 24.38
CA THR B 500 -24.17 19.69 23.88
C THR B 500 -24.60 18.51 24.73
N LEU B 501 -25.11 18.76 25.94
CA LEU B 501 -25.77 17.75 26.73
C LEU B 501 -27.29 17.86 26.66
N ARG B 502 -27.80 19.05 26.35
CA ARG B 502 -29.25 19.25 26.25
C ARG B 502 -29.83 18.48 25.08
N ARG B 503 -29.11 18.44 23.96
CA ARG B 503 -29.56 17.63 22.83
C ARG B 503 -29.73 16.17 23.25
N LEU B 504 -28.75 15.66 23.98
CA LEU B 504 -28.81 14.27 24.42
C LEU B 504 -29.93 14.05 25.41
N ARG B 505 -30.14 15.00 26.34
CA ARG B 505 -31.30 14.94 27.21
C ARG B 505 -32.58 14.80 26.39
N ALA B 506 -32.76 15.70 25.43
CA ALA B 506 -34.00 15.73 24.67
C ALA B 506 -34.23 14.42 23.94
N VAL B 507 -33.19 13.91 23.27
CA VAL B 507 -33.39 12.70 22.48
C VAL B 507 -33.62 11.50 23.39
N LEU B 508 -32.76 11.31 24.39
CA LEU B 508 -32.89 10.15 25.25
C LEU B 508 -34.12 10.20 26.14
N THR B 509 -34.76 11.36 26.27
CA THR B 509 -35.99 11.46 27.05
C THR B 509 -37.23 11.28 26.17
N ALA B 510 -37.28 11.99 25.04
CA ALA B 510 -38.40 11.82 24.12
C ALA B 510 -38.45 10.40 23.59
N ALA B 511 -37.31 9.73 23.48
CA ALA B 511 -37.33 8.31 23.16
C ALA B 511 -38.03 7.51 24.26
N ARG B 512 -37.76 7.86 25.51
CA ARG B 512 -38.47 7.25 26.63
C ARG B 512 -39.92 7.72 26.71
N ARG B 513 -40.24 8.84 26.07
CA ARG B 513 -41.55 9.47 26.26
C ARG B 513 -42.67 8.53 25.82
N SER B 514 -42.52 7.88 24.66
CA SER B 514 -43.61 7.06 24.15
C SER B 514 -43.64 5.71 24.87
N ASP B 515 -42.61 4.90 24.69
CA ASP B 515 -42.46 3.60 25.33
C ASP B 515 -43.78 2.84 25.44
N ALA B 516 -44.46 2.66 24.31
CA ALA B 516 -45.77 1.99 24.32
C ALA B 516 -45.96 1.16 23.07
N ARG B 522 -40.23 2.34 14.76
CA ARG B 522 -41.63 2.70 14.60
C ARG B 522 -41.85 4.18 14.88
N TYR B 523 -43.01 4.50 15.45
CA TYR B 523 -43.32 5.89 15.79
C TYR B 523 -42.28 6.47 16.75
N THR B 524 -41.75 5.65 17.66
CA THR B 524 -40.73 6.11 18.58
C THR B 524 -39.47 6.54 17.84
N LEU B 525 -39.13 5.85 16.74
CA LEU B 525 -37.96 6.24 15.97
C LEU B 525 -38.14 7.64 15.38
N TRP B 526 -39.32 7.92 14.84
CA TRP B 526 -39.58 9.27 14.35
C TRP B 526 -39.53 10.29 15.48
N GLN B 527 -40.06 9.93 16.64
CA GLN B 527 -40.01 10.86 17.78
C GLN B 527 -38.57 11.18 18.15
N ALA B 528 -37.71 10.17 18.20
CA ALA B 528 -36.30 10.41 18.47
C ALA B 528 -35.68 11.30 17.40
N TRP B 529 -36.01 11.03 16.14
CA TRP B 529 -35.49 11.85 15.05
C TRP B 529 -35.89 13.31 15.21
N HIS B 530 -37.15 13.56 15.56
CA HIS B 530 -37.62 14.93 15.71
C HIS B 530 -36.98 15.61 16.90
N ALA B 531 -36.80 14.88 18.01
CA ALA B 531 -36.33 15.50 19.24
C ALA B 531 -34.99 16.19 19.04
N SER B 532 -34.07 15.52 18.34
CA SER B 532 -32.84 16.17 17.90
C SER B 532 -33.11 17.03 16.67
N GLY B 533 -32.45 18.18 16.61
CA GLY B 533 -32.72 19.14 15.57
C GLY B 533 -31.91 18.94 14.31
N LEU B 534 -31.36 17.74 14.14
CA LEU B 534 -30.42 17.51 13.04
C LEU B 534 -31.12 17.57 11.69
N GLN B 535 -32.42 17.30 11.64
CA GLN B 535 -33.15 17.41 10.39
C GLN B 535 -33.13 18.84 9.88
N ARG B 536 -33.43 19.80 10.74
CA ARG B 536 -33.41 21.20 10.34
C ARG B 536 -32.02 21.64 9.95
N ARG B 537 -31.00 21.21 10.70
CA ARG B 537 -29.63 21.55 10.35
C ARG B 537 -29.25 21.02 8.98
N TRP B 538 -29.53 19.74 8.72
CA TRP B 538 -29.16 19.15 7.44
C TRP B 538 -29.89 19.81 6.29
N LEU B 539 -31.19 20.07 6.44
CA LEU B 539 -31.93 20.71 5.37
C LEU B 539 -31.59 22.19 5.25
N ALA B 540 -30.95 22.77 6.26
CA ALA B 540 -30.38 24.10 6.16
C ALA B 540 -28.94 24.07 5.67
N ALA B 541 -28.37 22.88 5.48
CA ALA B 541 -27.03 22.72 4.93
C ALA B 541 -27.04 22.56 3.42
N SER B 542 -28.04 23.14 2.74
CA SER B 542 -28.11 23.11 1.27
C SER B 542 -27.26 24.25 0.72
N GLU B 543 -25.95 24.10 0.87
CA GLU B 543 -24.99 25.08 0.41
C GLU B 543 -23.61 24.44 0.34
N ARG B 544 -22.74 25.01 -0.49
CA ARG B 544 -21.37 24.54 -0.64
C ARG B 544 -21.31 23.06 -1.02
N VAL B 548 -19.56 20.45 1.92
CA VAL B 548 -20.20 19.79 3.05
C VAL B 548 -21.68 19.59 2.76
N GLY B 549 -22.22 20.39 1.84
CA GLY B 549 -23.61 20.22 1.45
C GLY B 549 -23.88 18.85 0.86
N ALA B 550 -22.87 18.25 0.24
CA ALA B 550 -23.00 16.88 -0.23
C ALA B 550 -23.19 15.93 0.94
N GLN B 551 -22.50 16.17 2.06
CA GLN B 551 -22.60 15.30 3.21
C GLN B 551 -24.01 15.27 3.76
N ALA B 552 -24.68 16.43 3.79
CA ALA B 552 -26.07 16.45 4.24
C ALA B 552 -26.95 15.61 3.34
N ASP B 553 -26.73 15.68 2.02
CA ASP B 553 -27.51 14.87 1.09
C ASP B 553 -27.27 13.39 1.32
N ARG B 554 -26.01 12.99 1.51
CA ARG B 554 -25.70 11.58 1.77
C ARG B 554 -26.36 11.13 3.07
N ASP B 555 -26.30 11.97 4.10
CA ASP B 555 -26.84 11.58 5.39
C ASP B 555 -28.35 11.43 5.31
N LEU B 556 -29.01 12.34 4.58
CA LEU B 556 -30.45 12.23 4.40
C LEU B 556 -30.82 10.99 3.59
N ASP B 557 -30.01 10.65 2.59
CA ASP B 557 -30.24 9.41 1.85
C ASP B 557 -30.18 8.20 2.78
N ALA B 558 -29.17 8.18 3.65
CA ALA B 558 -29.03 7.07 4.58
C ALA B 558 -30.22 6.99 5.53
N VAL B 559 -30.63 8.12 6.09
CA VAL B 559 -31.72 8.09 7.07
C VAL B 559 -33.04 7.73 6.39
N THR B 560 -33.24 8.17 5.13
CA THR B 560 -34.45 7.76 4.42
C THR B 560 -34.45 6.27 4.12
N THR B 561 -33.28 5.71 3.79
CA THR B 561 -33.21 4.26 3.63
C THR B 561 -33.54 3.55 4.94
N LEU B 562 -33.04 4.07 6.05
CA LEU B 562 -33.36 3.48 7.34
C LEU B 562 -34.85 3.54 7.63
N PHE B 563 -35.48 4.68 7.32
CA PHE B 563 -36.92 4.80 7.51
C PHE B 563 -37.69 3.81 6.63
N ASP B 564 -37.22 3.61 5.40
CA ASP B 564 -37.87 2.65 4.53
C ASP B 564 -37.75 1.23 5.08
N VAL B 565 -36.59 0.90 5.64
CA VAL B 565 -36.42 -0.41 6.27
C VAL B 565 -37.36 -0.54 7.48
N ALA B 566 -37.52 0.55 8.23
CA ALA B 566 -38.43 0.53 9.37
C ALA B 566 -39.86 0.29 8.92
N ASP B 567 -40.28 0.97 7.85
CA ASP B 567 -41.62 0.74 7.30
C ASP B 567 -41.78 -0.70 6.84
N GLN B 568 -40.76 -1.24 6.18
CA GLN B 568 -40.82 -2.63 5.73
C GLN B 568 -40.97 -3.59 6.90
N TYR B 569 -40.28 -3.31 8.02
CA TYR B 569 -40.40 -4.17 9.19
C TYR B 569 -41.76 -4.01 9.85
N VAL B 570 -42.31 -2.79 9.86
CA VAL B 570 -43.62 -2.58 10.45
C VAL B 570 -44.70 -3.29 9.63
N ASN B 571 -44.55 -3.31 8.31
CA ASN B 571 -45.50 -3.98 7.44
C ASN B 571 -45.20 -5.46 7.21
N ARG B 572 -44.09 -5.96 7.75
CA ARG B 572 -43.76 -7.36 7.60
C ARG B 572 -44.53 -8.16 8.64
N LEU B 578 -38.54 -2.51 20.68
CA LEU B 578 -38.17 -2.72 19.28
C LEU B 578 -36.92 -3.55 19.15
N ARG B 579 -36.66 -4.40 20.14
CA ARG B 579 -35.40 -5.13 20.17
C ARG B 579 -35.24 -6.02 18.94
N GLY B 580 -36.35 -6.44 18.33
CA GLY B 580 -36.26 -7.23 17.12
C GLY B 580 -35.82 -6.43 15.91
N LEU B 581 -35.79 -5.10 16.03
CA LEU B 581 -35.50 -4.26 14.88
C LEU B 581 -33.99 -4.01 14.74
N VAL B 582 -33.29 -3.87 15.86
CA VAL B 582 -31.88 -3.49 15.81
C VAL B 582 -31.07 -4.56 15.08
N ASP B 583 -31.33 -5.83 15.39
CA ASP B 583 -30.71 -6.91 14.66
C ASP B 583 -31.37 -7.15 13.31
N HIS B 584 -32.56 -6.60 13.10
CA HIS B 584 -33.20 -6.69 11.78
C HIS B 584 -32.43 -5.87 10.75
N VAL B 585 -31.96 -4.68 11.15
CA VAL B 585 -31.25 -3.80 10.23
C VAL B 585 -29.76 -4.06 10.19
N THR B 586 -29.25 -5.01 10.99
CA THR B 586 -27.83 -5.31 10.99
C THR B 586 -27.41 -6.06 9.74
N ARG B 587 -28.35 -6.67 9.03
CA ARG B 587 -28.03 -7.55 7.92
C ARG B 587 -28.49 -6.96 6.59
N ALA B 601 -27.82 13.28 -14.34
CA ALA B 601 -27.39 14.66 -14.17
C ALA B 601 -26.18 14.96 -15.03
N GLU B 602 -25.62 16.16 -14.87
CA GLU B 602 -24.48 16.61 -15.67
C GLU B 602 -23.20 16.20 -14.96
N ALA B 603 -22.56 15.16 -15.48
CA ALA B 603 -21.27 14.71 -14.96
C ALA B 603 -20.70 13.67 -15.92
N VAL B 604 -19.38 13.71 -16.11
CA VAL B 604 -18.71 12.65 -16.83
C VAL B 604 -19.00 11.34 -16.14
N ALA B 605 -19.42 10.33 -16.90
CA ALA B 605 -19.87 9.07 -16.35
C ALA B 605 -18.94 7.95 -16.80
N VAL B 606 -18.07 7.50 -15.92
CA VAL B 606 -17.20 6.35 -16.19
C VAL B 606 -18.01 5.09 -15.97
N LEU B 607 -17.99 4.19 -16.95
CA LEU B 607 -18.74 2.96 -16.85
C LEU B 607 -18.12 1.92 -17.78
N SER B 608 -18.30 0.66 -17.43
CA SER B 608 -17.70 -0.43 -18.19
C SER B 608 -18.38 -0.54 -19.57
N VAL B 609 -17.68 -1.23 -20.48
CA VAL B 609 -18.16 -1.31 -21.86
C VAL B 609 -19.51 -1.99 -21.92
N HIS B 610 -19.70 -3.06 -21.15
CA HIS B 610 -20.94 -3.84 -21.24
C HIS B 610 -22.15 -3.00 -20.88
N GLY B 611 -22.04 -2.20 -19.82
CA GLY B 611 -23.13 -1.31 -19.48
C GLY B 611 -23.21 -0.09 -20.38
N ALA B 612 -22.16 0.17 -21.15
CA ALA B 612 -22.13 1.32 -22.07
C ALA B 612 -22.57 0.93 -23.48
N LEU B 613 -23.74 0.29 -23.58
CA LEU B 613 -24.34 -0.01 -24.86
C LEU B 613 -25.64 0.77 -25.07
N ALA B 614 -25.88 1.79 -24.26
CA ALA B 614 -27.03 2.67 -24.39
C ALA B 614 -26.61 4.12 -24.25
N GLY B 615 -25.51 4.48 -24.89
CA GLY B 615 -24.92 5.81 -24.77
C GLY B 615 -25.03 6.59 -26.07
N GLU B 616 -25.46 7.84 -25.96
CA GLU B 616 -25.54 8.77 -27.07
C GLU B 616 -24.48 9.86 -26.95
N TRP B 617 -23.29 9.49 -26.50
CA TRP B 617 -22.31 10.46 -26.07
C TRP B 617 -21.62 11.13 -27.26
N ASP B 618 -21.06 12.31 -27.00
CA ASP B 618 -20.35 13.09 -28.01
C ASP B 618 -18.86 12.87 -27.98
N PHE B 619 -18.32 12.31 -26.91
CA PHE B 619 -16.87 12.23 -26.74
C PHE B 619 -16.57 11.04 -25.85
N VAL B 620 -16.12 9.95 -26.47
CA VAL B 620 -15.79 8.72 -25.76
C VAL B 620 -14.28 8.65 -25.58
N VAL B 621 -13.85 8.32 -24.36
CA VAL B 621 -12.44 8.11 -24.07
C VAL B 621 -12.28 6.69 -23.58
N ILE B 622 -11.67 5.84 -24.40
CA ILE B 622 -11.54 4.42 -24.10
C ILE B 622 -10.23 4.25 -23.35
N ALA B 623 -10.28 4.42 -22.03
CA ALA B 623 -9.10 4.26 -21.20
C ALA B 623 -8.74 2.79 -21.07
N GLY B 624 -7.52 2.54 -20.65
CA GLY B 624 -7.09 1.19 -20.34
C GLY B 624 -7.23 0.21 -21.48
N VAL B 625 -6.42 0.39 -22.52
CA VAL B 625 -6.38 -0.53 -23.66
C VAL B 625 -5.08 -1.30 -23.48
N GLN B 626 -4.72 -1.54 -22.22
CA GLN B 626 -3.54 -2.30 -21.86
C GLN B 626 -3.53 -3.68 -22.52
N GLU B 627 -2.35 -4.28 -22.60
CA GLU B 627 -2.21 -5.53 -23.35
C GLU B 627 -2.78 -6.72 -22.57
N GLY B 628 -2.45 -6.82 -21.29
CA GLY B 628 -2.99 -7.89 -20.49
C GLY B 628 -4.42 -7.70 -20.05
N LEU B 629 -5.01 -6.55 -20.34
CA LEU B 629 -6.37 -6.26 -19.92
C LEU B 629 -7.38 -6.44 -21.04
N TRP B 630 -7.22 -5.73 -22.16
CA TRP B 630 -8.36 -5.68 -23.07
C TRP B 630 -8.45 -6.96 -23.89
N PRO B 631 -7.41 -7.40 -24.63
CA PRO B 631 -7.41 -8.81 -25.06
C PRO B 631 -7.06 -9.69 -23.86
N ASN B 632 -8.06 -10.33 -23.28
CA ASN B 632 -7.88 -11.01 -22.01
C ASN B 632 -7.16 -12.34 -22.22
N MET B 633 -6.09 -12.55 -21.47
CA MET B 633 -5.40 -13.84 -21.41
C MET B 633 -5.81 -14.65 -20.19
N ILE B 634 -6.79 -14.17 -19.42
CA ILE B 634 -7.23 -14.83 -18.21
C ILE B 634 -7.81 -16.20 -18.56
N PRO B 635 -7.29 -17.28 -17.97
CA PRO B 635 -7.88 -18.60 -18.23
C PRO B 635 -9.34 -18.63 -17.79
N ARG B 636 -10.16 -19.29 -18.58
CA ARG B 636 -11.58 -19.40 -18.32
C ARG B 636 -11.96 -20.67 -17.56
N GLY B 637 -10.99 -21.53 -17.26
CA GLY B 637 -11.29 -22.82 -16.69
C GLY B 637 -11.62 -22.76 -15.22
N GLY B 638 -11.82 -23.96 -14.66
CA GLY B 638 -12.13 -24.11 -13.25
C GLY B 638 -12.02 -25.56 -12.83
N VAL B 639 -12.97 -26.03 -12.02
CA VAL B 639 -13.05 -27.43 -11.66
C VAL B 639 -14.21 -28.14 -12.34
N LEU B 640 -15.36 -27.48 -12.49
CA LEU B 640 -16.52 -28.07 -13.13
C LEU B 640 -16.46 -28.02 -14.64
N GLY B 641 -15.46 -27.36 -15.22
CA GLY B 641 -15.36 -27.25 -16.66
C GLY B 641 -16.55 -26.54 -17.28
N THR B 642 -17.03 -25.48 -16.64
CA THR B 642 -18.22 -24.79 -17.15
C THR B 642 -17.95 -24.20 -18.53
N GLN B 643 -16.78 -23.58 -18.72
CA GLN B 643 -16.49 -22.95 -20.00
C GLN B 643 -16.39 -23.99 -21.12
N HIS B 644 -15.75 -25.13 -20.85
CA HIS B 644 -15.66 -26.16 -21.89
C HIS B 644 -17.01 -26.82 -22.13
N LEU B 645 -17.88 -26.86 -21.12
CA LEU B 645 -19.20 -27.44 -21.35
C LEU B 645 -20.10 -26.49 -22.11
N VAL B 646 -19.92 -25.18 -21.93
CA VAL B 646 -20.90 -24.24 -22.46
C VAL B 646 -20.84 -24.17 -23.98
N ASP B 647 -19.66 -24.40 -24.58
CA ASP B 647 -19.56 -24.32 -26.03
C ASP B 647 -19.89 -25.65 -26.71
N VAL B 648 -19.57 -26.78 -26.08
CA VAL B 648 -20.07 -28.05 -26.58
C VAL B 648 -21.59 -28.07 -26.49
N LEU B 649 -22.14 -27.56 -25.39
CA LEU B 649 -23.59 -27.43 -25.29
C LEU B 649 -24.13 -26.47 -26.33
N ASP B 650 -23.48 -25.32 -26.53
CA ASP B 650 -23.92 -24.31 -27.49
C ASP B 650 -23.38 -24.68 -28.86
N GLY B 651 -24.14 -25.47 -29.61
CA GLY B 651 -23.71 -25.80 -30.95
C GLY B 651 -22.47 -26.65 -30.94
N VAL B 652 -21.72 -26.55 -32.05
CA VAL B 652 -20.53 -27.34 -32.24
C VAL B 652 -19.35 -26.37 -32.30
N ALA B 653 -19.38 -25.35 -31.42
CA ALA B 653 -18.25 -24.44 -31.33
C ALA B 653 -16.96 -25.19 -31.05
N ASP B 654 -17.04 -26.33 -30.38
CA ASP B 654 -15.94 -27.26 -30.26
C ASP B 654 -16.49 -28.64 -29.96
N MET B 655 -15.81 -29.66 -30.46
CA MET B 655 -16.24 -31.04 -30.25
C MET B 655 -15.95 -31.42 -28.79
N THR B 656 -16.19 -32.69 -28.45
CA THR B 656 -16.09 -33.13 -27.06
C THR B 656 -14.62 -33.28 -26.66
N ASP B 657 -13.90 -32.16 -26.78
CA ASP B 657 -12.50 -32.05 -26.36
C ASP B 657 -12.36 -30.81 -25.50
N ARG B 658 -11.72 -30.95 -24.35
CA ARG B 658 -11.49 -29.85 -23.42
C ARG B 658 -10.12 -29.22 -23.66
N THR B 659 -9.94 -28.69 -24.87
CA THR B 659 -8.63 -28.24 -25.32
C THR B 659 -8.58 -26.73 -25.55
N VAL B 660 -9.45 -26.18 -26.39
CA VAL B 660 -9.35 -24.77 -26.76
C VAL B 660 -10.14 -23.86 -25.82
N SER B 661 -11.14 -24.39 -25.11
CA SER B 661 -11.97 -23.56 -24.27
C SER B 661 -11.18 -22.94 -23.12
N THR B 662 -10.44 -23.74 -22.39
CA THR B 662 -9.78 -23.28 -21.16
C THR B 662 -8.36 -22.80 -21.45
N ARG B 663 -8.25 -21.89 -22.41
CA ARG B 663 -6.98 -21.22 -22.70
C ARG B 663 -7.06 -19.72 -22.43
N ALA B 664 -7.98 -19.03 -23.09
CA ALA B 664 -8.15 -17.58 -22.96
C ALA B 664 -9.37 -17.17 -23.78
N PRO B 665 -9.93 -16.00 -23.51
CA PRO B 665 -10.99 -15.50 -24.39
C PRO B 665 -10.47 -15.32 -25.80
N LEU B 666 -11.36 -15.55 -26.77
CA LEU B 666 -10.98 -15.53 -28.17
C LEU B 666 -10.95 -14.10 -28.70
N VAL B 667 -9.90 -13.78 -29.45
CA VAL B 667 -9.68 -12.41 -29.91
C VAL B 667 -10.84 -11.96 -30.78
N ALA B 668 -11.28 -12.81 -31.71
CA ALA B 668 -12.43 -12.46 -32.54
C ALA B 668 -13.65 -12.12 -31.70
N GLU B 669 -13.79 -12.74 -30.55
CA GLU B 669 -14.85 -12.39 -29.61
C GLU B 669 -14.49 -11.19 -28.74
N GLU B 670 -13.29 -10.64 -28.90
CA GLU B 670 -12.84 -9.50 -28.10
C GLU B 670 -12.71 -8.22 -28.90
N ARG B 671 -12.41 -8.30 -30.21
CA ARG B 671 -12.34 -7.10 -31.03
C ARG B 671 -13.72 -6.51 -31.27
N ARG B 672 -14.77 -7.35 -31.24
CA ARG B 672 -16.13 -6.85 -31.39
C ARG B 672 -16.46 -5.86 -30.27
N LEU B 673 -15.95 -6.09 -29.08
CA LEU B 673 -16.19 -5.16 -27.98
C LEU B 673 -15.70 -3.76 -28.32
N LEU B 674 -14.44 -3.65 -28.72
CA LEU B 674 -13.89 -2.34 -29.05
C LEU B 674 -14.62 -1.74 -30.24
N MET B 675 -14.95 -2.57 -31.23
CA MET B 675 -15.64 -2.08 -32.42
C MET B 675 -17.00 -1.48 -32.06
N ALA B 676 -17.73 -2.12 -31.15
CA ALA B 676 -19.00 -1.57 -30.71
C ALA B 676 -18.80 -0.39 -29.77
N ALA B 677 -17.69 -0.36 -29.03
CA ALA B 677 -17.44 0.74 -28.10
C ALA B 677 -17.22 2.04 -28.85
N MET B 678 -16.35 2.04 -29.86
CA MET B 678 -16.17 3.25 -30.65
C MET B 678 -17.48 3.74 -31.26
N GLY B 679 -18.38 2.81 -31.60
CA GLY B 679 -19.62 3.18 -32.24
C GLY B 679 -20.49 4.10 -31.41
N ARG B 680 -20.25 4.18 -30.10
CA ARG B 680 -21.07 5.05 -29.26
C ARG B 680 -20.70 6.52 -29.44
N ALA B 681 -19.45 6.81 -29.78
CA ALA B 681 -19.00 8.18 -29.90
C ALA B 681 -19.53 8.79 -31.19
N ARG B 682 -20.24 9.91 -31.09
CA ARG B 682 -20.80 10.53 -32.27
C ARG B 682 -19.93 11.64 -32.85
N THR B 683 -19.03 12.24 -32.06
CA THR B 683 -18.16 13.28 -32.58
C THR B 683 -16.68 12.92 -32.50
N ARG B 684 -16.17 12.56 -31.32
CA ARG B 684 -14.75 12.30 -31.18
C ARG B 684 -14.51 11.10 -30.28
N VAL B 685 -13.40 10.41 -30.53
CA VAL B 685 -12.99 9.25 -29.77
C VAL B 685 -11.58 9.55 -29.24
N MET B 686 -11.13 8.76 -28.27
CA MET B 686 -9.73 8.81 -27.86
C MET B 686 -9.38 7.48 -27.21
N ILE B 687 -8.46 6.74 -27.82
CA ILE B 687 -8.00 5.46 -27.28
C ILE B 687 -6.69 5.71 -26.55
N THR B 688 -6.68 5.46 -25.25
CA THR B 688 -5.56 5.80 -24.39
C THR B 688 -4.97 4.54 -23.78
N ALA B 689 -3.68 4.32 -23.99
CA ALA B 689 -2.95 3.23 -23.39
C ALA B 689 -1.67 3.77 -22.79
N VAL B 690 -1.02 2.97 -21.96
CA VAL B 690 0.22 3.39 -21.34
C VAL B 690 1.32 2.41 -21.69
N ASP B 691 2.56 2.87 -21.60
CA ASP B 691 3.74 2.03 -21.72
C ASP B 691 4.89 2.69 -20.98
N SER B 692 5.30 2.09 -19.87
CA SER B 692 6.35 2.64 -19.03
C SER B 692 7.49 1.65 -18.93
N ASP B 693 8.70 2.18 -18.80
CA ASP B 693 9.89 1.34 -18.75
C ASP B 693 9.91 0.46 -17.51
N THR B 694 9.56 1.02 -16.36
CA THR B 694 9.55 0.31 -15.09
C THR B 694 8.10 0.05 -14.68
N GLY B 695 7.79 -1.21 -14.38
CA GLY B 695 6.45 -1.59 -14.00
C GLY B 695 6.03 -1.02 -12.65
N LEU B 699 3.57 -3.16 -18.50
CA LEU B 699 2.75 -2.10 -19.07
C LEU B 699 3.15 -1.84 -20.52
N LEU B 700 2.22 -2.10 -21.43
CA LEU B 700 2.44 -2.02 -22.87
C LEU B 700 1.12 -1.73 -23.54
N PRO B 701 1.13 -1.23 -24.77
CA PRO B 701 -0.11 -1.10 -25.53
C PRO B 701 -0.53 -2.42 -26.15
N SER B 702 -1.83 -2.52 -26.40
CA SER B 702 -2.41 -3.74 -26.94
C SER B 702 -2.09 -3.90 -28.41
N PRO B 703 -2.28 -5.09 -28.97
CA PRO B 703 -2.22 -5.24 -30.42
C PRO B 703 -3.27 -4.43 -31.15
N PHE B 704 -4.18 -3.77 -30.44
CA PHE B 704 -5.21 -2.97 -31.10
C PHE B 704 -4.80 -1.52 -31.25
N CYS B 705 -3.89 -1.03 -30.41
CA CYS B 705 -3.44 0.35 -30.51
C CYS B 705 -2.80 0.63 -31.87
N ALA B 706 -1.90 -0.25 -32.30
CA ALA B 706 -1.23 -0.06 -33.57
C ALA B 706 -2.23 -0.06 -34.72
N GLU B 707 -3.17 -1.01 -34.70
CA GLU B 707 -4.15 -1.08 -35.78
C GLU B 707 -5.03 0.17 -35.82
N ILE B 708 -5.46 0.65 -34.65
CA ILE B 708 -6.26 1.86 -34.62
C ILE B 708 -5.45 3.06 -35.10
N SER B 709 -4.14 3.05 -34.87
CA SER B 709 -3.31 4.17 -35.32
C SER B 709 -3.28 4.30 -36.84
N ALA B 710 -3.74 3.27 -37.57
CA ALA B 710 -3.77 3.36 -39.02
C ALA B 710 -4.77 4.42 -39.50
N TRP B 711 -6.00 4.36 -38.99
CA TRP B 711 -7.04 5.28 -39.40
C TRP B 711 -7.10 6.54 -38.54
N ALA B 712 -6.22 6.68 -37.56
CA ALA B 712 -6.23 7.85 -36.69
C ALA B 712 -5.87 9.10 -37.48
N THR B 713 -6.36 10.24 -37.00
CA THR B 713 -6.08 11.50 -37.68
C THR B 713 -4.60 11.83 -37.65
N GLU B 714 -3.96 11.65 -36.50
CA GLU B 714 -2.54 12.00 -36.35
C GLU B 714 -1.67 10.75 -36.34
N PRO B 719 7.74 9.24 -28.41
CA PRO B 719 7.98 9.73 -27.05
C PRO B 719 6.68 10.08 -26.32
N PRO B 720 6.05 9.08 -25.71
CA PRO B 720 4.81 9.36 -24.97
C PRO B 720 5.05 10.40 -23.89
N LEU B 721 4.16 11.39 -23.86
CA LEU B 721 4.33 12.52 -22.95
C LEU B 721 4.32 12.08 -21.50
N VAL B 722 5.28 12.60 -20.73
CA VAL B 722 5.63 12.03 -19.43
C VAL B 722 4.99 12.81 -18.28
N ALA B 723 4.70 14.08 -18.50
CA ALA B 723 4.09 14.95 -17.49
C ALA B 723 3.19 15.93 -18.22
N PRO B 724 1.95 15.56 -18.47
CA PRO B 724 1.11 16.35 -19.38
C PRO B 724 0.52 17.57 -18.72
N ARG B 725 0.16 18.53 -19.56
CA ARG B 725 -0.46 19.75 -19.12
C ARG B 725 -1.85 19.47 -18.55
N VAL B 726 -2.30 20.34 -17.66
CA VAL B 726 -3.61 20.23 -17.04
C VAL B 726 -4.24 21.63 -17.09
N LEU B 727 -5.54 21.70 -16.88
CA LEU B 727 -6.26 22.96 -16.86
C LEU B 727 -7.06 22.99 -15.56
N ALA B 728 -6.41 23.47 -14.50
CA ALA B 728 -6.99 23.59 -13.16
C ALA B 728 -6.16 24.61 -12.40
N PRO B 729 -6.78 25.51 -11.63
CA PRO B 729 -6.01 26.64 -11.06
C PRO B 729 -4.85 26.21 -10.17
N SER B 730 -5.06 25.19 -9.32
CA SER B 730 -4.00 24.75 -8.43
C SER B 730 -2.84 24.13 -9.17
N ALA B 731 -3.01 23.80 -10.45
CA ALA B 731 -1.93 23.36 -11.32
C ALA B 731 -1.32 24.50 -12.11
N LEU B 732 -2.18 25.37 -12.66
CA LEU B 732 -1.69 26.44 -13.52
C LEU B 732 -0.86 27.45 -12.73
N VAL B 733 -1.29 27.80 -11.52
CA VAL B 733 -0.49 28.74 -10.74
C VAL B 733 0.80 28.10 -10.26
N GLY B 734 0.74 26.82 -9.86
CA GLY B 734 1.95 26.14 -9.49
C GLY B 734 2.90 25.91 -10.64
N ARG B 735 2.41 26.09 -11.87
CA ARG B 735 3.33 26.12 -13.01
C ARG B 735 3.88 27.52 -13.23
N LEU B 736 3.01 28.54 -13.22
CA LEU B 736 3.45 29.91 -13.45
C LEU B 736 4.50 30.32 -12.44
N ARG B 737 4.15 30.34 -11.15
CA ARG B 737 5.10 30.76 -10.14
C ARG B 737 6.31 29.85 -10.07
N ALA B 738 6.32 28.74 -10.81
CA ALA B 738 7.48 27.88 -10.85
C ALA B 738 8.51 28.34 -11.87
N VAL B 739 8.13 29.21 -12.79
CA VAL B 739 9.07 29.66 -13.83
C VAL B 739 9.62 31.03 -13.46
N VAL B 740 8.83 31.86 -12.79
CA VAL B 740 9.30 33.19 -12.42
C VAL B 740 10.44 33.10 -11.42
N CYS B 741 10.39 32.11 -10.53
CA CYS B 741 11.50 31.88 -9.61
C CYS B 741 12.50 30.88 -10.18
N ALA B 742 12.94 31.13 -11.39
CA ALA B 742 13.93 30.26 -12.00
C ALA B 742 15.29 30.95 -12.01
N PRO B 743 16.38 30.20 -11.86
CA PRO B 743 17.75 30.73 -11.80
C PRO B 743 18.07 31.69 -12.94
N ALA B 746 19.33 30.11 -15.94
CA ALA B 746 18.28 31.07 -16.30
C ALA B 746 17.58 30.67 -17.59
N VAL B 747 16.26 30.47 -17.50
CA VAL B 747 15.46 30.05 -18.64
C VAL B 747 14.21 30.91 -18.72
N ASP B 748 13.66 31.03 -19.93
CA ASP B 748 12.40 31.73 -20.19
C ASP B 748 12.46 33.18 -19.71
N ASP B 749 13.35 33.93 -20.35
CA ASP B 749 13.66 35.29 -19.91
C ASP B 749 12.48 36.24 -20.10
N ASP B 750 11.75 36.11 -21.21
CA ASP B 750 10.58 36.92 -21.49
C ASP B 750 9.26 36.25 -21.11
N ALA B 751 9.19 34.93 -21.26
CA ALA B 751 8.06 34.20 -20.69
C ALA B 751 7.99 34.39 -19.18
N ARG B 752 9.11 34.74 -18.54
CA ARG B 752 9.06 35.13 -17.14
C ARG B 752 8.18 36.36 -16.94
N ALA B 753 8.34 37.37 -17.80
CA ALA B 753 7.48 38.55 -17.71
C ALA B 753 6.04 38.20 -18.03
N CYS B 754 5.82 37.33 -19.03
CA CYS B 754 4.46 36.91 -19.33
C CYS B 754 3.81 36.22 -18.15
N ALA B 755 4.55 35.32 -17.49
CA ALA B 755 4.03 34.64 -16.32
C ALA B 755 3.76 35.61 -15.17
N ALA B 756 4.62 36.63 -15.02
CA ALA B 756 4.37 37.63 -14.00
C ALA B 756 3.06 38.36 -14.25
N ALA B 757 2.83 38.77 -15.49
CA ALA B 757 1.57 39.43 -15.81
C ALA B 757 0.38 38.51 -15.57
N GLN B 758 0.52 37.24 -15.94
CA GLN B 758 -0.59 36.31 -15.74
C GLN B 758 -0.88 36.08 -14.26
N LEU B 759 0.16 35.96 -13.44
CA LEU B 759 -0.05 35.85 -11.99
C LEU B 759 -0.71 37.11 -11.45
N ALA B 760 -0.36 38.27 -12.00
CA ALA B 760 -1.03 39.50 -11.58
C ALA B 760 -2.52 39.43 -11.88
N ARG B 761 -2.87 38.98 -13.09
CA ARG B 761 -4.28 38.86 -13.44
C ARG B 761 -4.99 37.84 -12.55
N LEU B 762 -4.31 36.73 -12.24
CA LEU B 762 -4.90 35.70 -11.40
C LEU B 762 -5.19 36.24 -10.00
N ALA B 763 -4.16 36.80 -9.36
CA ALA B 763 -4.33 37.31 -8.01
C ALA B 763 -5.24 38.54 -7.97
N ALA B 764 -5.52 39.15 -9.11
CA ALA B 764 -6.44 40.29 -9.13
C ALA B 764 -7.85 39.87 -8.75
N ALA B 765 -8.17 38.58 -8.87
CA ALA B 765 -9.53 38.10 -8.63
C ALA B 765 -9.62 37.08 -7.50
N GLY B 766 -8.65 36.17 -7.39
CA GLY B 766 -8.73 35.10 -6.41
C GLY B 766 -7.66 34.07 -6.66
N VAL B 767 -8.05 32.79 -6.71
CA VAL B 767 -7.15 31.70 -7.07
C VAL B 767 -6.00 31.68 -6.06
N PRO B 768 -6.22 31.17 -4.86
CA PRO B 768 -5.20 31.29 -3.81
C PRO B 768 -3.89 30.62 -4.22
N GLY B 769 -2.79 31.27 -3.87
CA GLY B 769 -1.46 30.80 -4.20
C GLY B 769 -0.70 31.68 -5.18
N ALA B 770 -1.33 32.73 -5.71
CA ALA B 770 -0.68 33.52 -6.74
C ALA B 770 0.27 34.57 -6.18
N ASP B 771 -0.26 35.54 -5.43
CA ASP B 771 0.55 36.68 -5.02
C ASP B 771 1.53 36.28 -3.93
N PRO B 772 2.67 36.97 -3.83
CA PRO B 772 3.70 36.54 -2.87
C PRO B 772 3.27 36.64 -1.42
N SER B 773 2.12 37.24 -1.12
CA SER B 773 1.59 37.16 0.24
C SER B 773 1.25 35.73 0.61
N GLN B 774 0.64 34.99 -0.31
CA GLN B 774 0.26 33.60 -0.07
C GLN B 774 1.45 32.64 -0.15
N TRP B 775 2.56 33.06 -0.73
CA TRP B 775 3.68 32.13 -0.92
C TRP B 775 4.27 31.75 0.43
N HIS B 776 4.59 30.46 0.58
CA HIS B 776 5.07 29.98 1.86
C HIS B 776 6.45 30.53 2.16
N ALA B 777 7.37 30.48 1.19
CA ALA B 777 8.74 30.92 1.44
C ALA B 777 8.86 32.42 1.67
N MET B 778 7.77 33.17 1.62
CA MET B 778 7.78 34.60 1.92
C MET B 778 7.27 34.91 3.31
N THR B 779 6.71 33.94 4.02
CA THR B 779 6.23 34.19 5.38
C THR B 779 7.41 34.50 6.29
N SER B 780 7.15 35.34 7.29
CA SER B 780 8.18 35.86 8.17
C SER B 780 7.96 35.36 9.59
N LEU B 781 9.07 35.14 10.30
CA LEU B 781 8.98 34.77 11.70
C LEU B 781 8.25 35.85 12.49
N THR B 782 7.51 35.43 13.51
CA THR B 782 6.73 36.40 14.27
C THR B 782 7.62 37.31 15.11
N THR B 783 8.36 36.73 16.06
CA THR B 783 9.02 37.56 17.06
C THR B 783 10.47 37.90 16.71
N GLU B 784 11.33 36.90 16.62
CA GLU B 784 12.77 37.10 16.63
C GLU B 784 13.19 37.97 17.81
N GLU B 785 12.91 37.47 19.01
CA GLU B 785 13.20 38.18 20.26
C GLU B 785 13.47 37.16 21.35
N PRO B 786 14.42 37.42 22.25
CA PRO B 786 14.78 36.42 23.27
C PRO B 786 13.64 36.10 24.21
N LEU B 787 13.75 34.94 24.86
CA LEU B 787 12.73 34.52 25.82
C LEU B 787 12.73 35.43 27.03
N TRP B 788 13.89 35.68 27.63
CA TRP B 788 14.01 36.40 28.89
C TRP B 788 15.11 37.45 28.81
N SER B 789 15.08 38.28 27.76
CA SER B 789 16.08 39.33 27.61
C SER B 789 16.18 40.25 28.82
N GLU B 790 15.23 40.20 29.74
CA GLU B 790 15.24 41.02 30.95
C GLU B 790 15.24 42.51 30.63
N HIS B 793 18.62 38.43 35.56
CA HIS B 793 17.57 37.42 35.55
C HIS B 793 18.12 36.09 36.02
N VAL B 794 17.22 35.22 36.50
CA VAL B 794 17.59 33.91 37.03
C VAL B 794 16.73 32.86 36.36
N VAL B 795 17.36 31.78 35.88
CA VAL B 795 16.70 30.75 35.10
C VAL B 795 16.93 29.40 35.79
N THR B 796 15.84 28.69 36.06
CA THR B 796 15.90 27.46 36.84
C THR B 796 16.15 26.26 35.95
N LEU B 797 17.08 25.40 36.37
CA LEU B 797 17.48 24.23 35.60
C LEU B 797 17.39 22.98 36.49
N SER B 798 16.32 22.22 36.32
CA SER B 798 16.23 20.94 37.01
C SER B 798 17.35 20.02 36.52
N PRO B 799 17.83 19.12 37.37
CA PRO B 799 19.01 18.32 36.98
C PRO B 799 18.82 17.51 35.71
N SER B 800 17.61 17.00 35.47
CA SER B 800 17.36 16.28 34.22
C SER B 800 17.44 17.23 33.03
N THR B 801 16.88 18.43 33.17
CA THR B 801 16.88 19.40 32.07
C THR B 801 18.28 19.71 31.59
N LEU B 802 19.22 19.90 32.52
CA LEU B 802 20.58 20.23 32.13
C LEU B 802 21.19 19.12 31.28
N GLN B 803 20.75 17.88 31.51
CA GLN B 803 21.34 16.78 30.77
C GLN B 803 20.89 16.74 29.32
N MET B 804 19.77 17.39 28.98
CA MET B 804 19.40 17.57 27.59
C MET B 804 19.91 18.89 27.04
N LEU B 805 20.08 19.88 27.90
CA LEU B 805 20.53 21.19 27.47
C LEU B 805 22.02 21.18 27.15
N THR B 806 22.77 20.27 27.72
CA THR B 806 24.17 20.12 27.34
C THR B 806 24.34 19.34 26.06
N ASP B 807 23.27 18.74 25.54
CA ASP B 807 23.35 17.93 24.33
C ASP B 807 22.72 18.62 23.12
N CYS B 808 21.46 19.04 23.22
CA CYS B 808 20.75 19.61 22.07
C CYS B 808 19.73 20.62 22.55
N PRO B 809 20.12 21.90 22.65
CA PRO B 809 19.19 22.92 23.13
C PRO B 809 17.91 22.99 22.34
N LEU B 810 17.95 22.76 21.03
CA LEU B 810 16.71 22.69 20.26
C LEU B 810 15.84 21.58 20.80
N ARG B 811 16.43 20.42 21.11
CA ARG B 811 15.63 19.35 21.70
C ARG B 811 15.05 19.79 23.02
N TRP B 812 15.84 20.46 23.85
CA TRP B 812 15.32 20.98 25.12
C TRP B 812 14.06 21.79 24.88
N LEU B 813 14.14 22.78 24.00
CA LEU B 813 12.97 23.61 23.76
C LEU B 813 11.82 22.77 23.25
N LEU B 814 11.98 22.19 22.06
CA LEU B 814 10.85 21.61 21.36
C LEU B 814 10.31 20.35 22.00
N GLU B 815 10.98 19.79 22.99
CA GLU B 815 10.42 18.64 23.70
C GLU B 815 9.95 19.00 25.10
N ARG B 816 10.80 19.66 25.90
CA ARG B 816 10.38 20.04 27.24
C ARG B 816 9.20 20.98 27.20
N HIS B 817 9.03 21.75 26.12
CA HIS B 817 7.87 22.64 26.09
C HIS B 817 6.61 21.91 25.64
N GLY B 818 6.53 21.49 24.38
CA GLY B 818 5.29 20.90 23.94
C GLY B 818 5.35 19.65 23.10
N GLY B 819 6.53 19.33 22.58
CA GLY B 819 6.68 18.22 21.65
C GLY B 819 7.03 16.89 22.27
N ASP B 820 6.09 16.25 22.96
CA ASP B 820 6.29 14.89 23.45
C ASP B 820 5.00 14.11 23.30
N ASP B 821 5.11 12.89 22.75
CA ASP B 821 3.90 12.13 22.44
C ASP B 821 3.08 11.84 23.69
N GLY B 822 3.73 11.77 24.86
CA GLY B 822 3.01 11.87 26.11
C GLY B 822 2.83 10.60 26.91
N ARG B 823 3.63 10.44 27.97
CA ARG B 823 3.35 9.55 29.08
C ARG B 823 3.16 8.10 28.63
N ASP B 824 4.25 7.52 28.14
CA ASP B 824 4.23 6.10 27.84
C ASP B 824 4.04 5.31 29.13
N VAL B 825 3.90 3.99 28.98
CA VAL B 825 3.61 3.17 30.17
C VAL B 825 4.87 2.75 30.90
N ARG B 826 6.03 2.73 30.24
CA ARG B 826 7.27 2.48 30.95
C ARG B 826 7.71 3.66 31.80
N SER B 827 7.03 4.79 31.71
CA SER B 827 7.37 5.97 32.52
C SER B 827 6.57 6.04 33.80
N THR B 828 5.32 5.57 33.80
CA THR B 828 4.55 5.62 35.04
C THR B 828 4.80 4.42 35.92
N VAL B 829 5.16 3.27 35.33
CA VAL B 829 5.57 2.14 36.14
C VAL B 829 6.89 2.45 36.86
N GLY B 830 7.81 3.10 36.17
CA GLY B 830 9.05 3.50 36.81
C GLY B 830 8.83 4.43 37.99
N SER B 831 7.98 5.45 37.80
CA SER B 831 7.70 6.37 38.89
C SER B 831 6.91 5.68 39.99
N LEU B 832 6.05 4.72 39.64
CA LEU B 832 5.34 3.96 40.67
C LEU B 832 6.30 3.17 41.53
N VAL B 833 7.30 2.54 40.92
CA VAL B 833 8.31 1.83 41.69
C VAL B 833 9.11 2.82 42.54
N HIS B 834 9.41 3.99 41.99
CA HIS B 834 10.08 5.02 42.78
C HIS B 834 9.27 5.35 44.03
N ALA B 835 7.96 5.54 43.88
CA ALA B 835 7.12 5.90 45.02
C ALA B 835 7.05 4.76 46.04
N LEU B 836 6.93 3.51 45.56
CA LEU B 836 6.91 2.38 46.49
C LEU B 836 8.20 2.29 47.28
N VAL B 837 9.34 2.51 46.61
CA VAL B 837 10.62 2.49 47.29
C VAL B 837 10.74 3.65 48.29
N SER B 838 10.18 4.80 47.95
CA SER B 838 10.38 5.99 48.76
C SER B 838 9.90 5.80 50.19
N GLU B 839 8.67 5.31 50.36
CA GLU B 839 8.09 5.22 51.68
C GLU B 839 8.89 4.25 52.55
N PRO B 840 9.02 4.54 53.85
CA PRO B 840 9.74 3.68 54.81
C PRO B 840 8.81 2.74 55.56
N THR B 843 11.83 -4.71 54.65
CA THR B 843 10.38 -4.89 54.75
C THR B 843 9.77 -5.17 53.37
N GLU B 844 10.53 -5.89 52.55
CA GLU B 844 10.12 -6.19 51.18
C GLU B 844 8.74 -6.83 51.13
N SER B 845 8.42 -7.67 52.12
CA SER B 845 7.20 -8.47 52.05
C SER B 845 5.95 -7.60 51.99
N GLN B 846 6.00 -6.38 52.52
CA GLN B 846 4.81 -5.54 52.51
C GLN B 846 4.67 -4.71 51.24
N LEU B 847 5.75 -4.52 50.48
CA LEU B 847 5.70 -3.72 49.26
C LEU B 847 5.00 -4.46 48.12
N VAL B 848 5.26 -5.76 47.99
CA VAL B 848 4.73 -6.54 46.89
C VAL B 848 3.21 -6.48 46.88
N ASN B 849 2.59 -6.61 48.06
CA ASN B 849 1.13 -6.53 48.14
C ASN B 849 0.61 -5.11 47.96
N GLU B 850 1.46 -4.08 48.05
CA GLU B 850 1.02 -2.77 47.57
C GLU B 850 1.03 -2.70 46.06
N LEU B 851 2.05 -3.29 45.43
CA LEU B 851 2.12 -3.26 43.97
C LEU B 851 1.00 -4.10 43.35
N GLU B 852 0.69 -5.25 43.95
CA GLU B 852 -0.27 -6.18 43.38
C GLU B 852 -1.65 -5.56 43.24
N LYS B 853 -2.12 -4.90 44.31
CA LYS B 853 -3.50 -4.42 44.33
C LYS B 853 -3.71 -3.31 43.30
N VAL B 854 -2.69 -2.48 43.08
CA VAL B 854 -2.83 -1.36 42.18
C VAL B 854 -2.43 -1.69 40.74
N TRP B 855 -1.70 -2.78 40.53
CA TRP B 855 -1.17 -3.09 39.21
C TRP B 855 -2.27 -3.31 38.18
N ASP B 856 -3.45 -3.74 38.62
CA ASP B 856 -4.45 -4.20 37.66
C ASP B 856 -4.99 -3.07 36.80
N ASP B 857 -4.94 -1.83 37.27
CA ASP B 857 -5.43 -0.71 36.47
C ASP B 857 -4.31 -0.06 35.67
N LEU B 858 -3.53 -0.86 34.96
CA LEU B 858 -2.47 -0.37 34.10
C LEU B 858 -2.75 -0.78 32.67
N PRO B 859 -2.67 0.14 31.72
CA PRO B 859 -2.90 -0.25 30.32
C PRO B 859 -1.71 -0.94 29.69
N TYR B 860 -1.81 -2.26 29.54
CA TYR B 860 -0.91 -3.05 28.73
C TYR B 860 -1.66 -3.66 27.55
N ASP B 861 -0.94 -3.81 26.44
CA ASP B 861 -1.54 -4.35 25.24
C ASP B 861 -1.93 -5.82 25.43
N ALA B 862 -1.08 -6.60 26.08
CA ALA B 862 -1.22 -8.04 26.11
C ALA B 862 -1.42 -8.53 27.54
N LYS B 863 -2.48 -9.33 27.72
CA LYS B 863 -2.78 -9.89 29.03
C LYS B 863 -1.63 -10.75 29.53
N TRP B 864 -1.07 -11.60 28.67
CA TRP B 864 0.08 -12.40 29.07
C TRP B 864 1.31 -11.54 29.32
N TYR B 865 1.35 -10.34 28.76
CA TYR B 865 2.48 -9.44 29.02
C TYR B 865 2.36 -8.80 30.38
N SER B 866 1.14 -8.52 30.82
CA SER B 866 0.97 -7.88 32.13
C SER B 866 1.60 -8.72 33.23
N ASP B 867 1.36 -10.03 33.21
CA ASP B 867 1.89 -10.89 34.26
C ASP B 867 3.42 -10.93 34.23
N ASN B 868 4.01 -11.00 33.04
CA ASN B 868 5.46 -11.05 32.97
C ASN B 868 6.08 -9.75 33.49
N GLU B 869 5.49 -8.61 33.13
CA GLU B 869 6.02 -7.36 33.65
C GLU B 869 5.84 -7.26 35.15
N LEU B 870 4.71 -7.76 35.67
CA LEU B 870 4.51 -7.74 37.11
C LEU B 870 5.55 -8.58 37.81
N ALA B 871 5.86 -9.75 37.27
CA ALA B 871 6.89 -10.59 37.88
C ALA B 871 8.25 -9.91 37.84
N ARG B 872 8.58 -9.30 36.71
CA ARG B 872 9.87 -8.63 36.60
C ARG B 872 9.98 -7.49 37.60
N HIS B 873 8.91 -6.71 37.77
CA HIS B 873 8.99 -5.58 38.68
C HIS B 873 8.99 -6.02 40.14
N ARG B 874 8.30 -7.11 40.46
CA ARG B 874 8.45 -7.68 41.80
C ARG B 874 9.90 -8.06 42.06
N ALA B 875 10.54 -8.70 41.09
CA ALA B 875 11.96 -9.00 41.22
C ALA B 875 12.79 -7.72 41.36
N MET B 876 12.34 -6.65 40.71
CA MET B 876 13.05 -5.37 40.80
C MET B 876 13.01 -4.82 42.23
N LEU B 877 11.83 -4.85 42.85
CA LEU B 877 11.74 -4.42 44.25
C LEU B 877 12.60 -5.30 45.15
N GLU B 878 12.60 -6.61 44.89
CA GLU B 878 13.41 -7.52 45.71
C GLU B 878 14.90 -7.21 45.56
N THR B 879 15.34 -6.91 44.34
CA THR B 879 16.72 -6.50 44.12
C THR B 879 17.02 -5.21 44.87
N PHE B 880 16.09 -4.27 44.87
CA PHE B 880 16.30 -3.05 45.62
C PHE B 880 16.57 -3.34 47.09
N THR B 881 15.71 -4.15 47.70
CA THR B 881 15.89 -4.42 49.13
C THR B 881 17.19 -5.18 49.39
N ARG B 882 17.56 -6.11 48.51
CA ARG B 882 18.83 -6.81 48.68
C ARG B 882 19.99 -5.82 48.65
N TRP B 883 19.98 -4.90 47.68
CA TRP B 883 21.07 -3.91 47.61
C TRP B 883 21.07 -3.01 48.83
N ARG B 884 19.89 -2.60 49.29
CA ARG B 884 19.82 -1.71 50.45
C ARG B 884 20.44 -2.36 51.67
N GLU B 885 19.98 -3.57 52.00
CA GLU B 885 20.56 -4.25 53.15
C GLU B 885 22.00 -4.65 52.92
N ASP B 886 22.45 -4.71 51.67
CA ASP B 886 23.86 -4.97 51.41
C ASP B 886 24.72 -3.76 51.74
N THR B 887 24.29 -2.58 51.32
CA THR B 887 25.12 -1.38 51.44
C THR B 887 24.79 -0.52 52.64
N ARG B 888 23.91 -0.98 53.54
CA ARG B 888 23.83 -0.35 54.85
C ARG B 888 25.08 -0.57 55.71
N ARG B 889 26.05 -1.35 55.22
CA ARG B 889 27.21 -1.64 56.04
C ARG B 889 28.18 -0.47 56.12
N GLN B 890 28.10 0.48 55.20
CA GLN B 890 28.99 1.63 55.22
C GLN B 890 28.30 2.96 54.97
N LEU B 891 27.07 2.98 54.48
CA LEU B 891 26.37 4.22 54.13
C LEU B 891 25.07 4.30 54.93
N THR B 892 24.76 5.49 55.42
CA THR B 892 23.57 5.73 56.22
C THR B 892 22.70 6.77 55.53
N GLU B 893 21.39 6.51 55.53
CA GLU B 893 20.45 7.34 54.80
C GLU B 893 20.02 8.52 55.67
N VAL B 894 20.47 9.72 55.31
CA VAL B 894 20.01 10.92 55.98
C VAL B 894 18.55 11.19 55.65
N ALA B 895 18.21 11.13 54.37
CA ALA B 895 16.85 11.42 53.95
C ALA B 895 16.58 10.76 52.61
N THR B 896 15.29 10.62 52.30
CA THR B 896 14.84 9.97 51.07
C THR B 896 13.80 10.86 50.39
N GLU B 897 13.91 10.99 49.08
CA GLU B 897 13.06 11.89 48.29
C GLU B 897 13.16 13.32 48.82
N ILE B 898 14.36 13.72 49.22
CA ILE B 898 14.59 15.07 49.72
C ILE B 898 14.54 16.05 48.55
N PRO B 899 13.80 17.15 48.67
CA PRO B 899 13.83 18.16 47.61
C PRO B 899 15.16 18.91 47.61
N VAL B 900 15.49 19.46 46.45
CA VAL B 900 16.65 20.31 46.28
C VAL B 900 16.19 21.64 45.72
N GLU B 901 16.61 22.73 46.35
CA GLU B 901 16.18 24.05 45.93
C GLU B 901 17.12 25.08 46.54
N GLY B 902 17.66 25.95 45.71
CA GLY B 902 18.57 27.00 46.16
C GLY B 902 19.53 27.40 45.06
N ILE B 903 19.95 28.66 45.12
CA ILE B 903 20.88 29.20 44.14
C ILE B 903 22.23 28.48 44.28
N VAL B 904 22.93 28.33 43.15
CA VAL B 904 24.24 27.69 43.18
C VAL B 904 25.31 28.59 42.57
N VAL B 905 25.12 29.04 41.33
CA VAL B 905 26.01 30.02 40.72
C VAL B 905 25.15 31.18 40.22
N GLU B 906 25.62 32.40 40.48
CA GLU B 906 24.81 33.57 40.18
C GLU B 906 25.63 34.84 40.14
N PRO B 907 25.39 35.72 39.14
CA PRO B 907 25.81 37.10 39.16
C PRO B 907 24.64 38.03 39.46
N PRO B 912 23.89 34.87 34.44
CA PRO B 912 22.58 34.80 35.11
C PRO B 912 22.50 33.65 36.10
N GLY B 913 21.81 33.86 37.21
CA GLY B 913 21.67 32.81 38.20
C GLY B 913 20.85 31.65 37.70
N VAL B 914 21.01 30.50 38.36
CA VAL B 914 20.40 29.26 37.92
C VAL B 914 19.46 28.67 38.97
N ARG B 915 19.85 28.66 40.23
CA ARG B 915 19.03 28.16 41.35
C ARG B 915 18.35 26.84 41.00
N VAL B 916 19.17 25.81 40.84
CA VAL B 916 18.66 24.47 40.56
C VAL B 916 17.54 24.12 41.52
N ARG B 917 16.45 23.59 40.97
CA ARG B 917 15.36 23.05 41.76
C ARG B 917 14.97 21.69 41.19
N GLY B 918 14.59 20.78 42.08
CA GLY B 918 14.28 19.43 41.66
C GLY B 918 14.06 18.55 42.86
N ARG B 919 13.97 17.25 42.60
CA ARG B 919 13.74 16.26 43.63
C ARG B 919 14.82 15.19 43.56
N LEU B 920 15.33 14.81 44.71
CA LEU B 920 16.42 13.85 44.80
C LEU B 920 15.87 12.50 45.19
N ASP B 921 16.35 11.44 44.53
CA ASP B 921 15.81 10.11 44.78
C ASP B 921 16.12 9.64 46.19
N ARG B 922 17.38 9.76 46.61
CA ARG B 922 17.78 9.30 47.95
C ARG B 922 19.16 9.84 48.26
N LEU B 923 19.32 10.38 49.46
CA LEU B 923 20.61 10.87 49.92
C LEU B 923 21.17 9.90 50.96
N GLU B 924 22.49 9.90 51.10
CA GLU B 924 23.16 9.04 52.05
C GLU B 924 24.39 9.74 52.61
N ARG B 925 24.67 9.51 53.88
CA ARG B 925 25.84 10.05 54.54
C ARG B 925 26.93 9.00 54.58
N ASP B 926 28.10 9.34 54.05
CA ASP B 926 29.18 8.38 53.96
C ASP B 926 29.72 8.04 55.35
N GLU B 927 30.55 6.99 55.40
CA GLU B 927 31.02 6.49 56.68
C GLU B 927 31.97 7.46 57.37
N ALA B 928 32.81 8.17 56.62
CA ALA B 928 33.81 9.07 57.20
C ALA B 928 33.60 10.48 56.64
N GLY B 929 32.72 11.23 57.29
CA GLY B 929 32.55 12.65 57.02
C GLY B 929 32.41 13.05 55.56
N ARG B 930 31.31 12.64 54.92
CA ARG B 930 31.04 13.03 53.55
C ARG B 930 29.54 12.93 53.31
N LEU B 931 29.13 13.00 52.05
CA LEU B 931 27.72 12.94 51.69
C LEU B 931 27.61 12.36 50.28
N VAL B 932 27.20 11.12 50.18
CA VAL B 932 27.06 10.44 48.90
C VAL B 932 25.60 10.51 48.46
N VAL B 933 25.37 11.01 47.25
CA VAL B 933 24.04 11.17 46.69
C VAL B 933 23.83 10.09 45.64
N VAL B 934 22.67 9.44 45.70
CA VAL B 934 22.36 8.34 44.79
C VAL B 934 21.13 8.73 43.99
N ASP B 935 20.74 7.83 43.08
CA ASP B 935 19.49 7.97 42.35
C ASP B 935 19.15 6.63 41.73
N LEU B 936 17.97 6.12 42.03
CA LEU B 936 17.57 4.81 41.52
C LEU B 936 17.03 4.95 40.11
N LYS B 937 17.52 4.10 39.21
CA LYS B 937 16.99 3.98 37.87
C LYS B 937 16.45 2.58 37.67
N THR B 938 15.33 2.46 36.98
CA THR B 938 14.67 1.17 36.77
C THR B 938 14.89 0.65 35.36
N GLY B 939 16.09 0.84 34.80
CA GLY B 939 16.38 0.42 33.45
C GLY B 939 17.19 -0.86 33.41
N LYS B 940 17.32 -1.39 32.19
CA LYS B 940 18.08 -2.61 31.94
C LYS B 940 19.48 -2.35 31.41
N SER B 941 19.73 -1.19 30.83
CA SER B 941 20.98 -0.93 30.13
C SER B 941 21.79 0.13 30.86
N PRO B 942 22.80 -0.25 31.63
CA PRO B 942 23.62 0.74 32.33
C PRO B 942 24.49 1.50 31.34
N VAL B 943 24.93 2.68 31.78
CA VAL B 943 25.81 3.51 30.98
C VAL B 943 27.25 3.12 31.28
N THR B 944 28.15 3.53 30.38
CA THR B 944 29.56 3.18 30.54
C THR B 944 30.13 3.81 31.80
N LYS B 945 31.31 3.37 32.18
CA LYS B 945 31.91 3.83 33.43
C LYS B 945 32.72 5.11 33.27
N ASP B 946 32.92 5.58 32.03
CA ASP B 946 33.52 6.88 31.81
C ASP B 946 32.49 7.97 31.54
N ASP B 947 31.35 7.60 30.95
CA ASP B 947 30.26 8.56 30.81
C ASP B 947 29.52 8.76 32.12
N ALA B 948 29.54 7.77 33.01
CA ALA B 948 28.96 7.95 34.33
C ALA B 948 29.89 8.67 35.27
N GLN B 949 31.11 8.98 34.84
CA GLN B 949 31.96 9.90 35.58
C GLN B 949 31.65 11.35 35.23
N ASN B 950 31.07 11.59 34.05
CA ASN B 950 30.69 12.92 33.61
C ASN B 950 29.18 13.07 33.52
N HIS B 951 28.44 12.37 34.38
CA HIS B 951 27.00 12.42 34.34
C HIS B 951 26.52 13.80 34.79
N ALA B 952 25.75 14.46 33.93
CA ALA B 952 25.33 15.82 34.21
C ALA B 952 24.45 15.90 35.45
N GLN B 953 23.53 14.95 35.60
CA GLN B 953 22.60 14.99 36.73
C GLN B 953 23.33 14.89 38.07
N LEU B 954 24.17 13.87 38.22
CA LEU B 954 24.86 13.68 39.50
C LEU B 954 25.83 14.82 39.77
N ALA B 955 26.47 15.35 38.73
CA ALA B 955 27.30 16.53 38.93
C ALA B 955 26.47 17.68 39.46
N MET B 956 25.26 17.86 38.94
CA MET B 956 24.40 18.93 39.44
C MET B 956 24.02 18.70 40.89
N TYR B 957 23.72 17.45 41.26
CA TYR B 957 23.39 17.18 42.66
C TYR B 957 24.57 17.48 43.58
N GLN B 958 25.78 17.09 43.17
CA GLN B 958 26.94 17.37 44.00
C GLN B 958 27.22 18.87 44.06
N LEU B 959 26.94 19.60 42.98
CA LEU B 959 27.04 21.05 43.01
C LEU B 959 26.06 21.64 44.02
N ALA B 960 24.82 21.17 44.02
CA ALA B 960 23.83 21.68 44.94
C ALA B 960 24.20 21.36 46.39
N VAL B 961 24.75 20.17 46.63
CA VAL B 961 25.20 19.81 47.97
C VAL B 961 26.35 20.69 48.40
N ALA B 962 27.33 20.91 47.51
CA ALA B 962 28.50 21.69 47.88
C ALA B 962 28.13 23.12 48.26
N ALA B 963 27.09 23.66 47.64
CA ALA B 963 26.62 25.00 47.94
C ALA B 963 25.65 25.04 49.11
N GLY B 964 25.66 24.03 49.97
CA GLY B 964 24.76 23.99 51.10
C GLY B 964 23.37 23.53 50.70
N LEU B 965 22.36 24.17 51.26
CA LEU B 965 20.95 24.06 50.88
C LEU B 965 20.39 22.65 51.04
N LEU B 966 21.22 21.68 51.44
CA LEU B 966 20.67 20.39 51.86
C LEU B 966 21.01 20.09 53.32
N ASP B 967 22.29 20.12 53.66
CA ASP B 967 22.78 19.79 55.00
C ASP B 967 22.20 18.48 55.55
N ASP B 970 28.90 18.84 55.25
CA ASP B 970 28.44 19.30 53.95
C ASP B 970 29.60 19.38 52.96
N GLU B 971 29.89 18.27 52.32
CA GLU B 971 30.99 18.16 51.37
C GLU B 971 30.56 17.29 50.20
N PRO B 972 31.19 17.46 49.04
CA PRO B 972 30.87 16.58 47.90
C PRO B 972 31.28 15.15 48.19
N GLY B 973 30.41 14.22 47.80
CA GLY B 973 30.72 12.81 47.89
C GLY B 973 30.54 12.13 46.56
N GLY B 974 30.36 10.81 46.56
CA GLY B 974 30.18 10.11 45.32
C GLY B 974 28.76 10.18 44.78
N GLY B 975 28.58 9.56 43.63
CA GLY B 975 27.25 9.35 43.08
C GLY B 975 27.10 7.91 42.65
N LYS B 976 26.23 7.17 43.32
CA LYS B 976 26.21 5.72 43.10
C LYS B 976 25.53 5.36 41.78
N LEU B 977 24.37 5.94 41.51
CA LEU B 977 23.62 5.66 40.28
C LEU B 977 23.31 4.17 40.17
N VAL B 978 22.51 3.67 41.12
CA VAL B 978 22.19 2.27 41.20
C VAL B 978 21.10 1.92 40.19
N TYR B 979 21.33 0.88 39.41
CA TYR B 979 20.32 0.34 38.50
C TYR B 979 19.64 -0.84 39.18
N LEU B 980 18.33 -0.72 39.40
CA LEU B 980 17.59 -1.81 40.01
C LEU B 980 17.47 -2.99 39.05
N GLY B 981 17.11 -2.72 37.80
CA GLY B 981 17.05 -3.79 36.82
C GLY B 981 18.41 -4.45 36.63
N LYS B 982 18.39 -5.78 36.56
CA LYS B 982 19.60 -6.60 36.44
C LYS B 982 20.59 -6.33 37.57
N ALA B 988 22.91 -5.99 41.68
CA ALA B 988 22.49 -4.68 41.20
C ALA B 988 23.68 -3.86 40.75
N THR B 989 23.85 -3.72 39.44
CA THR B 989 24.98 -2.98 38.90
C THR B 989 24.88 -1.51 39.26
N GLU B 990 26.04 -0.87 39.46
CA GLU B 990 26.09 0.54 39.78
C GLU B 990 27.34 1.15 39.16
N ARG B 991 27.26 2.45 38.87
CA ARG B 991 28.35 3.19 38.26
C ARG B 991 28.63 4.42 39.10
N GLU B 992 29.71 4.37 39.88
CA GLU B 992 30.01 5.43 40.84
C GLU B 992 30.66 6.62 40.16
N GLN B 993 30.61 7.77 40.84
CA GLN B 993 31.25 8.99 40.36
C GLN B 993 32.18 9.51 41.45
N ASP B 994 33.35 9.98 41.03
CA ASP B 994 34.37 10.41 41.98
C ASP B 994 33.92 11.72 42.64
N PRO B 995 34.04 11.85 43.96
CA PRO B 995 33.61 13.09 44.62
C PRO B 995 34.34 14.30 44.08
N LEU B 996 33.64 15.43 44.05
CA LEU B 996 34.13 16.60 43.36
C LEU B 996 35.35 17.20 44.05
N THR B 997 36.03 18.08 43.32
CA THR B 997 37.14 18.88 43.79
C THR B 997 36.94 20.30 43.28
N PRO B 998 37.46 21.31 43.99
CA PRO B 998 37.37 22.67 43.46
C PRO B 998 38.04 22.85 42.11
N ASP B 999 39.03 22.02 41.79
CA ASP B 999 39.63 22.07 40.46
C ASP B 999 38.61 21.71 39.39
N LYS B 1000 37.76 20.73 39.67
CA LYS B 1000 36.70 20.35 38.73
C LYS B 1000 35.41 21.13 38.95
N ARG B 1001 35.08 21.46 40.20
CA ARG B 1001 33.82 22.14 40.49
C ARG B 1001 33.71 23.45 39.72
N ALA B 1002 34.82 24.17 39.57
CA ALA B 1002 34.77 25.42 38.82
C ALA B 1002 34.40 25.17 37.37
N GLU B 1003 34.93 24.09 36.77
CA GLU B 1003 34.58 23.77 35.39
C GLU B 1003 33.11 23.41 35.26
N TRP B 1004 32.56 22.68 36.24
CA TRP B 1004 31.14 22.35 36.19
C TRP B 1004 30.28 23.60 36.36
N LEU B 1005 30.69 24.52 37.22
CA LEU B 1005 29.95 25.78 37.35
C LEU B 1005 29.99 26.56 36.05
N GLU B 1006 31.14 26.56 35.38
CA GLU B 1006 31.25 27.22 34.08
C GLU B 1006 30.32 26.56 33.06
N THR B 1007 30.24 25.24 33.07
CA THR B 1007 29.34 24.53 32.16
C THR B 1007 27.89 24.90 32.44
N VAL B 1008 27.51 24.94 33.71
CA VAL B 1008 26.13 25.30 34.07
C VAL B 1008 25.83 26.72 33.60
N GLY B 1009 26.76 27.64 33.82
CA GLY B 1009 26.54 29.01 33.36
C GLY B 1009 26.40 29.10 31.86
N GLU B 1010 27.22 28.35 31.12
CA GLU B 1010 27.11 28.36 29.67
C GLU B 1010 25.77 27.81 29.21
N ALA B 1011 25.31 26.72 29.83
CA ALA B 1011 24.00 26.18 29.47
C ALA B 1011 22.89 27.18 29.76
N ALA B 1012 22.96 27.84 30.92
CA ALA B 1012 21.93 28.83 31.26
C ALA B 1012 21.93 29.97 30.25
N ALA B 1013 23.11 30.41 29.82
CA ALA B 1013 23.17 31.43 28.78
C ALA B 1013 22.56 30.92 27.47
N ALA B 1014 22.82 29.65 27.14
CA ALA B 1014 22.28 29.07 25.92
C ALA B 1014 20.75 28.99 25.94
N THR B 1015 20.14 28.91 27.12
CA THR B 1015 18.68 28.88 27.17
C THR B 1015 18.07 30.14 26.59
N ALA B 1016 18.79 31.26 26.60
CA ALA B 1016 18.15 32.56 26.40
C ALA B 1016 17.91 32.88 24.94
N GLY B 1017 18.98 33.01 24.17
CA GLY B 1017 18.93 33.67 22.89
C GLY B 1017 18.09 32.92 21.90
N PRO B 1018 17.55 33.63 20.91
CA PRO B 1018 16.88 32.94 19.81
C PRO B 1018 17.89 32.16 19.00
N ARG B 1019 17.43 31.36 18.04
CA ARG B 1019 18.32 30.55 17.21
C ARG B 1019 19.15 29.59 18.07
N PHE B 1020 18.42 28.65 18.68
CA PHE B 1020 19.04 27.58 19.44
C PHE B 1020 19.80 26.62 18.53
N VAL B 1021 21.02 26.26 18.94
CA VAL B 1021 21.79 25.26 18.23
C VAL B 1021 21.03 23.93 18.26
N ALA B 1022 21.23 23.11 17.23
CA ALA B 1022 20.63 21.79 17.15
C ALA B 1022 21.72 20.78 16.87
N ARG B 1023 22.39 20.32 17.92
CA ARG B 1023 23.49 19.39 17.77
C ARG B 1023 22.96 17.98 17.62
N VAL B 1024 23.77 17.11 17.04
CA VAL B 1024 23.41 15.70 16.90
C VAL B 1024 24.23 14.91 17.90
N ASN B 1025 23.63 13.84 18.43
CA ASN B 1025 24.27 13.05 19.48
C ASN B 1025 23.74 11.63 19.39
N ASN B 1026 24.14 10.80 20.36
CA ASN B 1026 23.71 9.40 20.35
C ASN B 1026 22.21 9.27 20.53
N GLY B 1027 21.62 10.11 21.37
CA GLY B 1027 20.20 10.07 21.66
C GLY B 1027 19.32 10.64 20.59
N CYS B 1028 19.88 11.02 19.46
CA CYS B 1028 19.15 11.68 18.38
C CYS B 1028 18.33 10.68 17.58
N ALA B 1029 18.17 9.45 18.07
CA ALA B 1029 17.48 8.41 17.33
C ALA B 1029 16.10 8.10 17.90
N ASN B 1030 15.71 8.75 18.99
CA ASN B 1030 14.38 8.55 19.55
C ASN B 1030 13.72 9.83 20.02
N CYS B 1031 14.37 10.97 19.87
CA CYS B 1031 13.80 12.20 20.37
C CYS B 1031 12.50 12.50 19.63
N PRO B 1032 11.42 12.81 20.33
CA PRO B 1032 10.12 12.97 19.66
C PRO B 1032 10.10 14.08 18.64
N VAL B 1033 10.88 15.14 18.86
CA VAL B 1033 11.04 16.21 17.89
C VAL B 1033 12.23 15.82 17.02
N ARG B 1034 11.93 15.10 15.94
CA ARG B 1034 12.94 14.68 14.98
C ARG B 1034 12.44 15.02 13.59
N SER B 1035 11.14 15.09 13.44
CA SER B 1035 10.53 15.48 12.18
C SER B 1035 10.55 16.99 11.99
N SER B 1036 11.21 17.73 12.87
CA SER B 1036 11.31 19.17 12.71
C SER B 1036 12.69 19.74 12.99
N CYS B 1037 13.66 18.94 13.39
CA CYS B 1037 14.96 19.53 13.58
C CYS B 1037 15.65 19.70 12.23
N PRO B 1038 16.50 20.72 12.08
CA PRO B 1038 17.15 20.95 10.79
C PRO B 1038 18.41 20.13 10.57
N ALA B 1039 19.03 19.61 11.62
CA ALA B 1039 20.19 18.76 11.42
C ALA B 1039 19.81 17.36 10.95
N GLN B 1040 18.63 16.89 11.33
CA GLN B 1040 18.13 15.58 10.94
C GLN B 1040 19.08 14.46 11.33
MG MG D . 14.90 8.01 39.83
FE1 SF4 E . 16.60 15.59 18.21
FE2 SF4 E . 17.18 16.96 15.91
FE3 SF4 E . 19.11 15.45 17.14
FE4 SF4 E . 18.24 17.77 18.30
S1 SF4 E . 19.33 17.57 16.32
S2 SF4 E . 18.57 15.77 19.32
S3 SF4 E . 16.04 17.74 17.73
S4 SF4 E . 17.19 14.70 16.19
PG ANP F . -28.14 1.35 -32.00
O1G ANP F . -28.35 -0.11 -31.77
O2G ANP F . -28.19 1.65 -33.55
O3G ANP F . -26.74 1.80 -31.43
PB ANP F . -30.15 3.08 -32.44
O1B ANP F . -31.01 2.13 -33.22
O2B ANP F . -29.09 3.70 -33.39
N3B ANP F . -29.36 2.24 -31.24
PA ANP F . -31.62 5.25 -32.90
O1A ANP F . -32.95 4.80 -33.37
O2A ANP F . -30.58 5.37 -34.02
O3A ANP F . -31.03 4.23 -31.86
O5' ANP F . -31.78 6.62 -32.14
C5' ANP F . -30.72 7.58 -32.16
C4' ANP F . -31.27 8.94 -32.52
O4' ANP F . -31.15 9.14 -33.94
C3' ANP F . -32.76 9.13 -32.25
O3' ANP F . -32.98 9.54 -30.91
C2' ANP F . -33.15 10.22 -33.25
O2' ANP F . -33.15 11.51 -32.65
C1' ANP F . -32.07 10.14 -34.34
N9 ANP F . -32.58 9.79 -35.66
C8 ANP F . -32.80 8.55 -36.17
N7 ANP F . -33.27 8.54 -37.40
C5 ANP F . -33.37 9.88 -37.72
C6 ANP F . -33.80 10.56 -38.87
N6 ANP F . -34.23 9.93 -39.97
N1 ANP F . -33.78 11.91 -38.87
C2 ANP F . -33.34 12.54 -37.77
N3 ANP F . -32.91 12.01 -36.61
C4 ANP F . -32.95 10.67 -36.65
#